data_9VJG
#
_entry.id   9VJG
#
_cell.length_a   1.00
_cell.length_b   1.00
_cell.length_c   1.00
_cell.angle_alpha   90.00
_cell.angle_beta   90.00
_cell.angle_gamma   90.00
#
_symmetry.space_group_name_H-M   'P 1'
#
loop_
_entity.id
_entity.type
_entity.pdbx_description
1 polymer 'Guanine nucleotide-binding protein G(z) subunit alpha'
2 polymer 'Guanine nucleotide-binding protein G(I)/G(S)/G(T) subunit beta-1'
3 polymer 'Guanine nucleotide-binding protein G(I)/G(S)/G(O) subunit gamma-2'
4 polymer ScFv16
5 polymer 'Soluble cytochrome b562,5-hydroxytryptamine receptor 1A'
6 non-polymer CHOLESTEROL
7 non-polymer '(2R)-1-(heptadecanoyloxy)-3-{[(R)-hydroxy{[(1R,2R,3R,4R,5S,6R)-2,3,5,6-tetrahydroxy-4-(phosphonooxy)cyclohexyl]oxy}phosphoryl]oxy}propan-2-yl (5Z,8Z,11Z,14Z)-icosa-5,8,11,14-tetraenoate'
8 non-polymer (7~{R})-7-(dipropylamino)-5,6,7,8-tetrahydronaphthalen-1-ol
#
loop_
_entity_poly.entity_id
_entity_poly.type
_entity_poly.pdbx_seq_one_letter_code
_entity_poly.pdbx_strand_id
1 'polypeptide(L)'
;MGSTVSAEDKAAAERSKMIDKNLREDGEKQRREIKLLLLGTSNSGKNTIVKQMKIIHSGGFNLEACKEYKPLIIYNAIDS
LTRIIRALAALRIDFHNPDRAYDAVQLFALTGPAESKGEITPELLGVMRRLWADPGAQACFSRSSEYHLEDNAAYYLNDL
ERIAAADYIPTVEDILRSRDMTTGIVENKFTFKELTFKMVDVGAQRSERKKWIHCFEGVTAIIFCVELSGYDLKLYEDNQ
TSRMAASLKLFDSICNNKWFIDTSLILFLNKKDLLAEKIRRIPLTICFPEYKGQNTYEEAAVYIQRQFEDLNRNKETKEI
YSHFTCSTDTSNIQFVFDAVTDVIIQNNLKYIGLC
;
B
2 'polypeptide(L)'
;MHHHHHHLEVLFQGPGSSGSELDQLRQEAEQLKNQIRDARKACADATLSQITNNIDPVGRIQMRTRRTLRGHLAKIYAMH
WGTDSRLLVSASQDGKLIIWDSYTTNKVHAIPLRSSWVMTCAYAPSGNYVACGGLDNICSIYNLKTREGNVRVSRELAGH
TGYLSCCRFLDDNQIVTSSGDTTCALWDIETGQQTTTFTGHTGDVMSLSLAPDTRLFVSGACDASAKLWDVREGMCRQTF
TGHESDINAICFFPNGNAFATGSDDATCRLFDLRADQELMTYSHDNIICGITSVSFSKSGRLLLAGYDDFNCNVWDALKA
DRAGVLAGHDNRVSCLGVTDDGMAVATGSWDSFLKIWN
;
C
3 'polypeptide(L)' MASNNTASIAQARKLVEQLKMEANIDRIKVSKAAADLMAYCEAHAKEDPLLTPVPASENPFREKKFFCAIL D
4 'polypeptide(L)'
;DVQLVESGGGLVQPGGSRKLSCSASGFAFSSFGMHWVRQAPEKGLEWVAYISSGSGTIYYADTVKGRFTISRDDPKNTLF
LQMTSLRSEDTAMYYCVRSIYYYGSSPFDFWGQGTTLTVSSGGGGSGGGGSGGGGSDIVMTQATSSVPVTPGESVSISCR
SSKSLLHSNGNTYLYWFLQRPGQSPQLLIYRMSNLASGVPDRFSGSGSGTAFTLTISRLEAEDVGVYYCMQHLEYPLTFG
AGTKLELKAAA
;
E
5 'polypeptide(L)'
;DYKDDDDAKLQTMHHHHHHHHHHENLYFQGGTTMADLEDNWETLNDNLKVIEKADNAAQVKDALTKMRAAALDAQKATPP
KLEDKSPDSPEMKDFRHGFDILVGQIDDALKLANEGKVKEAQAAAEQLKTTRNAYIQKYLGSTLEVLFQGPTTGISDVTV
SYQVITSLLLGTLIFCAVLGNACVVAAIALERSLQNVANYLIGSLAVTDLMVSVLVLPMAALYQVLNKWTLGQVTCDLFI
ALDVLCCTSSIWHLCAIALDRYWAITDPIDYVNKRTPRRAAALISLTWLIGFLISIPPMLGWRTPEDRSDPDACTISKDH
GYTIYSTFGAFYIPLLLMLVLYGRIFRAARFRIRKTVKKVEKTGADTRHGASPAPQPKKSVNGESGSRNWRLGVESKAGG
ALCANGAVRQGDDGAALEVIEVHRVGNSKEHLPLPSEAGPTPCAPASFERKNERNAEAKRKMALARERKTVKTLGIIMGT
FILCWLPFFIVALVLPFCESSCHMPTLLGAIINWLGYSNSLLNPVIYAYFNKDFQNAFKKIIKCKFCRQ
;
R
#
loop_
_chem_comp.id
_chem_comp.type
_chem_comp.name
_chem_comp.formula
A1ESE non-polymer (7~{R})-7-(dipropylamino)-5,6,7,8-tetrahydronaphthalen-1-ol 'C16 H25 N O'
CLR non-polymer CHOLESTEROL 'C27 H46 O'
T7M non-polymer '(2R)-1-(heptadecanoyloxy)-3-{[(R)-hydroxy{[(1R,2R,3R,4R,5S,6R)-2,3,5,6-tetrahydroxy-4-(phosphonooxy)cyclohexyl]oxy}phosphoryl]oxy}propan-2-yl (5Z,8Z,11Z,14Z)-icosa-5,8,11,14-tetraenoate' 'C46 H82 O16 P2'
#
# COMPACT_ATOMS: atom_id res chain seq x y z
N VAL A 5 24.74 -4.37 16.60
CA VAL A 5 24.54 -3.80 15.27
C VAL A 5 25.87 -3.58 14.58
N SER A 6 26.22 -4.52 13.69
CA SER A 6 27.51 -4.48 13.01
C SER A 6 27.51 -3.40 11.95
N ALA A 7 28.63 -3.28 11.25
CA ALA A 7 28.72 -2.32 10.17
C ALA A 7 27.68 -2.61 9.11
N GLU A 8 27.51 -3.88 8.77
CA GLU A 8 26.56 -4.26 7.74
C GLU A 8 25.13 -4.13 8.22
N ASP A 9 24.88 -4.35 9.51
CA ASP A 9 23.56 -4.04 10.05
C ASP A 9 23.28 -2.55 10.02
N LYS A 10 24.30 -1.72 10.23
CA LYS A 10 24.13 -0.29 10.11
C LYS A 10 23.83 0.14 8.68
N ALA A 11 24.51 -0.47 7.72
CA ALA A 11 24.22 -0.11 6.34
C ALA A 11 22.88 -0.66 5.87
N ALA A 12 22.46 -1.81 6.42
CA ALA A 12 21.12 -2.31 6.16
C ALA A 12 20.05 -1.41 6.76
N ALA A 13 20.30 -0.87 7.95
CA ALA A 13 19.37 0.07 8.55
C ALA A 13 19.30 1.36 7.75
N GLU A 14 20.44 1.81 7.23
CA GLU A 14 20.43 3.01 6.41
C GLU A 14 19.69 2.77 5.10
N ARG A 15 19.82 1.57 4.55
CA ARG A 15 19.05 1.21 3.37
C ARG A 15 17.56 1.20 3.68
N SER A 16 17.18 0.65 4.83
CA SER A 16 15.78 0.68 5.22
C SER A 16 15.28 2.09 5.41
N LYS A 17 16.12 2.99 5.93
CA LYS A 17 15.72 4.39 6.08
C LYS A 17 15.51 5.06 4.73
N MET A 18 16.39 4.81 3.77
CA MET A 18 16.15 5.34 2.43
C MET A 18 14.88 4.77 1.83
N ILE A 19 14.61 3.49 2.10
CA ILE A 19 13.39 2.90 1.58
C ILE A 19 12.16 3.57 2.20
N ASP A 20 12.19 3.80 3.51
CA ASP A 20 11.10 4.52 4.16
C ASP A 20 10.93 5.93 3.59
N LYS A 21 12.03 6.59 3.30
CA LYS A 21 11.97 7.94 2.74
C LYS A 21 11.28 7.93 1.38
N ASN A 22 11.67 6.99 0.52
CA ASN A 22 11.00 6.87 -0.77
C ASN A 22 9.54 6.45 -0.61
N LEU A 23 9.24 5.60 0.37
CA LEU A 23 7.87 5.17 0.58
C LEU A 23 7.00 6.34 1.01
N ARG A 24 7.53 7.22 1.86
CA ARG A 24 6.76 8.40 2.25
C ARG A 24 6.59 9.34 1.07
N GLU A 25 7.62 9.52 0.26
CA GLU A 25 7.46 10.36 -0.93
C GLU A 25 6.39 9.80 -1.85
N ASP A 26 6.38 8.49 -2.05
CA ASP A 26 5.38 7.88 -2.91
C ASP A 26 3.99 7.98 -2.31
N GLY A 27 3.86 7.81 -1.00
CA GLY A 27 2.57 7.94 -0.38
C GLY A 27 2.04 9.35 -0.40
N GLU A 28 2.93 10.34 -0.33
CA GLU A 28 2.51 11.73 -0.45
C GLU A 28 2.11 12.06 -1.88
N LYS A 29 2.79 11.46 -2.85
CA LYS A 29 2.36 11.61 -4.24
C LYS A 29 1.00 10.98 -4.47
N GLN A 30 0.75 9.78 -3.93
CA GLN A 30 -0.50 9.07 -4.16
C GLN A 30 -1.64 9.61 -3.33
N ARG A 31 -1.34 10.27 -2.21
CA ARG A 31 -2.39 10.85 -1.39
C ARG A 31 -3.05 12.04 -2.07
N ARG A 32 -2.33 12.74 -2.93
CA ARG A 32 -2.90 13.81 -3.73
C ARG A 32 -3.67 13.29 -4.94
N GLU A 33 -3.59 12.01 -5.23
CA GLU A 33 -4.36 11.39 -6.29
C GLU A 33 -5.79 11.24 -5.81
N ILE A 34 -6.73 11.62 -6.65
CA ILE A 34 -8.14 11.38 -6.37
C ILE A 34 -8.55 10.12 -7.11
N LYS A 35 -8.87 9.08 -6.37
CA LYS A 35 -9.24 7.81 -6.98
C LYS A 35 -10.75 7.76 -7.16
N LEU A 36 -11.16 7.55 -8.40
CA LEU A 36 -12.55 7.35 -8.79
C LEU A 36 -12.60 6.02 -9.50
N LEU A 37 -13.64 5.23 -9.27
CA LEU A 37 -13.78 4.02 -10.06
C LEU A 37 -14.96 4.15 -11.02
N LEU A 38 -14.67 4.03 -12.31
CA LEU A 38 -15.70 3.87 -13.32
C LEU A 38 -16.42 2.56 -13.09
N LEU A 39 -17.74 2.60 -13.09
CA LEU A 39 -18.44 1.40 -12.66
C LEU A 39 -19.75 1.18 -13.42
N GLY A 40 -19.83 1.64 -14.67
CA GLY A 40 -21.00 1.39 -15.47
C GLY A 40 -21.07 -0.02 -15.98
N THR A 41 -22.15 -0.30 -16.72
CA THR A 41 -22.44 -1.66 -17.15
C THR A 41 -21.80 -1.95 -18.50
N SER A 42 -22.22 -3.06 -19.11
CA SER A 42 -21.47 -3.66 -20.22
C SER A 42 -21.35 -2.70 -21.39
N ASN A 43 -22.47 -2.17 -21.88
CA ASN A 43 -22.47 -1.13 -22.90
C ASN A 43 -23.14 0.08 -22.27
N SER A 44 -22.34 0.86 -21.56
CA SER A 44 -22.77 2.03 -20.83
C SER A 44 -22.06 3.29 -21.26
N GLY A 45 -20.75 3.21 -21.46
CA GLY A 45 -20.01 4.36 -21.91
C GLY A 45 -18.75 4.63 -21.12
N LYS A 46 -18.43 3.77 -20.15
CA LYS A 46 -17.24 3.99 -19.34
C LYS A 46 -16.01 4.23 -20.20
N ASN A 47 -15.78 3.34 -21.16
CA ASN A 47 -14.61 3.45 -22.01
C ASN A 47 -14.65 4.74 -22.81
N THR A 48 -15.82 5.08 -23.37
CA THR A 48 -15.86 6.27 -24.19
C THR A 48 -15.81 7.53 -23.34
N ILE A 49 -16.26 7.46 -22.07
CA ILE A 49 -16.12 8.62 -21.20
C ILE A 49 -14.67 8.86 -20.85
N VAL A 50 -13.93 7.81 -20.51
CA VAL A 50 -12.50 7.99 -20.25
C VAL A 50 -11.81 8.54 -21.50
N LYS A 51 -12.10 7.96 -22.66
CA LYS A 51 -11.46 8.41 -23.90
C LYS A 51 -11.81 9.86 -24.20
N GLN A 52 -13.07 10.23 -24.04
CA GLN A 52 -13.50 11.59 -24.31
C GLN A 52 -12.86 12.58 -23.34
N MET A 53 -12.69 12.19 -22.09
CA MET A 53 -12.00 13.05 -21.13
C MET A 53 -10.55 13.28 -21.55
N LYS A 54 -9.88 12.23 -22.05
CA LYS A 54 -8.51 12.44 -22.53
C LYS A 54 -8.45 13.39 -23.73
N ILE A 55 -9.37 13.21 -24.68
CA ILE A 55 -9.21 13.86 -25.98
C ILE A 55 -9.51 15.35 -25.89
N ILE A 56 -10.73 15.68 -25.44
CA ILE A 56 -11.25 17.03 -25.61
C ILE A 56 -10.55 18.04 -24.73
N HIS A 57 -9.57 17.60 -23.94
CA HIS A 57 -8.77 18.49 -23.10
C HIS A 57 -8.22 19.67 -23.88
N SER A 58 -8.65 20.88 -23.53
CA SER A 58 -8.10 22.10 -24.10
C SER A 58 -8.17 22.09 -25.63
N GLY A 59 -9.38 22.25 -26.16
CA GLY A 59 -9.59 22.13 -27.60
C GLY A 59 -10.09 20.75 -27.94
N GLY A 60 -10.96 20.66 -28.95
CA GLY A 60 -11.55 19.38 -29.29
C GLY A 60 -10.57 18.45 -29.98
N PHE A 61 -9.41 18.99 -30.38
CA PHE A 61 -8.42 18.26 -31.18
C PHE A 61 -7.05 18.31 -30.50
N ASN A 62 -7.03 18.01 -29.20
CA ASN A 62 -5.75 17.78 -28.53
C ASN A 62 -5.14 16.53 -29.14
N LEU A 63 -4.35 16.71 -30.20
CA LEU A 63 -3.92 15.60 -31.03
C LEU A 63 -2.90 14.70 -30.35
N GLU A 64 -2.15 15.22 -29.37
CA GLU A 64 -1.16 14.39 -28.69
C GLU A 64 -1.84 13.22 -27.99
N ALA A 65 -3.01 13.46 -27.39
CA ALA A 65 -3.81 12.37 -26.88
C ALA A 65 -4.25 11.43 -28.00
N CYS A 66 -4.54 11.98 -29.18
CA CYS A 66 -5.01 11.16 -30.29
C CYS A 66 -3.92 10.21 -30.78
N LYS A 67 -2.65 10.57 -30.53
CA LYS A 67 -1.56 9.72 -30.99
C LYS A 67 -1.52 8.39 -30.25
N GLU A 68 -1.77 8.40 -28.94
CA GLU A 68 -1.73 7.14 -28.21
C GLU A 68 -2.87 6.21 -28.61
N TYR A 69 -3.92 6.74 -29.21
CA TYR A 69 -5.06 5.91 -29.54
C TYR A 69 -4.99 5.29 -30.93
N LYS A 70 -3.95 5.60 -31.70
CA LYS A 70 -3.79 4.96 -33.00
C LYS A 70 -3.64 3.45 -32.91
N PRO A 71 -2.82 2.87 -32.02
CA PRO A 71 -2.75 1.41 -31.96
C PRO A 71 -4.08 0.74 -31.65
N LEU A 72 -4.90 1.35 -30.78
CA LEU A 72 -6.19 0.76 -30.46
C LEU A 72 -7.11 0.73 -31.66
N ILE A 73 -7.20 1.85 -32.39
CA ILE A 73 -8.04 1.88 -33.59
C ILE A 73 -7.51 0.89 -34.61
N ILE A 74 -6.18 0.81 -34.75
CA ILE A 74 -5.58 -0.17 -35.64
C ILE A 74 -5.99 -1.58 -35.22
N TYR A 75 -5.91 -1.87 -33.92
CA TYR A 75 -6.28 -3.19 -33.44
C TYR A 75 -7.75 -3.48 -33.71
N ASN A 76 -8.62 -2.50 -33.50
CA ASN A 76 -10.03 -2.69 -33.83
C ASN A 76 -10.23 -2.91 -35.32
N ALA A 77 -9.55 -2.13 -36.15
CA ALA A 77 -9.63 -2.34 -37.60
C ALA A 77 -9.04 -3.69 -37.99
N ILE A 78 -7.93 -4.07 -37.37
CA ILE A 78 -7.29 -5.33 -37.68
C ILE A 78 -8.16 -6.50 -37.23
N ASP A 79 -8.69 -6.43 -36.02
CA ASP A 79 -9.57 -7.48 -35.53
C ASP A 79 -10.85 -7.54 -36.35
N SER A 80 -11.26 -6.41 -36.92
CA SER A 80 -12.50 -6.37 -37.71
C SER A 80 -12.41 -7.34 -38.88
N LEU A 81 -11.28 -7.37 -39.57
CA LEU A 81 -11.08 -8.36 -40.63
C LEU A 81 -11.06 -9.78 -40.07
N THR A 82 -10.37 -9.98 -38.94
CA THR A 82 -10.30 -11.30 -38.33
C THR A 82 -11.68 -11.77 -37.89
N ARG A 83 -12.49 -10.85 -37.34
CA ARG A 83 -13.83 -11.22 -36.90
C ARG A 83 -14.73 -11.55 -38.08
N ILE A 84 -14.66 -10.76 -39.15
CA ILE A 84 -15.55 -10.96 -40.29
C ILE A 84 -15.18 -12.22 -41.05
N ILE A 85 -13.88 -12.44 -41.26
CA ILE A 85 -13.44 -13.64 -41.98
C ILE A 85 -13.76 -14.90 -41.18
N ARG A 86 -13.46 -14.90 -39.88
CA ARG A 86 -13.72 -16.08 -39.07
C ARG A 86 -15.22 -16.34 -38.95
N ALA A 87 -16.04 -15.32 -39.19
CA ALA A 87 -17.48 -15.52 -39.19
C ALA A 87 -17.95 -16.41 -40.34
N LEU A 88 -17.14 -16.53 -41.39
CA LEU A 88 -17.50 -17.39 -42.51
C LEU A 88 -17.54 -18.86 -42.09
N ALA A 89 -16.59 -19.27 -41.25
CA ALA A 89 -16.52 -20.68 -40.84
C ALA A 89 -17.77 -21.08 -40.06
N ALA A 90 -18.23 -20.22 -39.15
CA ALA A 90 -19.44 -20.51 -38.40
C ALA A 90 -20.68 -20.41 -39.28
N LEU A 91 -20.68 -19.46 -40.22
CA LEU A 91 -21.82 -19.23 -41.09
C LEU A 91 -21.79 -20.10 -42.33
N ARG A 92 -20.72 -20.87 -42.55
CA ARG A 92 -20.60 -21.79 -43.69
C ARG A 92 -20.83 -21.06 -45.01
N ILE A 93 -20.24 -19.87 -45.11
CA ILE A 93 -20.37 -19.02 -46.29
C ILE A 93 -19.02 -19.00 -47.01
N ASP A 94 -19.03 -19.37 -48.28
CA ASP A 94 -17.81 -19.44 -49.07
C ASP A 94 -17.50 -18.09 -49.71
N PHE A 95 -16.22 -17.78 -49.83
CA PHE A 95 -15.79 -16.55 -50.48
C PHE A 95 -16.13 -16.60 -51.96
N HIS A 96 -16.51 -15.44 -52.51
CA HIS A 96 -16.83 -15.36 -53.94
C HIS A 96 -15.61 -15.70 -54.78
N ASN A 97 -14.45 -15.15 -54.43
CA ASN A 97 -13.21 -15.48 -55.11
C ASN A 97 -12.36 -16.34 -54.18
N PRO A 98 -12.04 -17.59 -54.54
CA PRO A 98 -11.28 -18.44 -53.61
C PRO A 98 -9.90 -17.92 -53.30
N ASP A 99 -9.38 -16.97 -54.09
CA ASP A 99 -8.06 -16.41 -53.82
C ASP A 99 -8.01 -15.71 -52.46
N ARG A 100 -9.16 -15.36 -51.89
CA ARG A 100 -9.19 -14.76 -50.56
C ARG A 100 -8.67 -15.70 -49.48
N ALA A 101 -8.73 -17.02 -49.72
CA ALA A 101 -8.25 -17.98 -48.73
C ALA A 101 -6.76 -17.81 -48.48
N TYR A 102 -5.98 -17.57 -49.54
CA TYR A 102 -4.57 -17.26 -49.35
C TYR A 102 -4.39 -15.96 -48.60
N ASP A 103 -5.18 -14.95 -48.93
CA ASP A 103 -5.13 -13.69 -48.19
C ASP A 103 -5.68 -13.85 -46.78
N ALA A 104 -6.59 -14.82 -46.60
CA ALA A 104 -7.15 -15.05 -45.28
C ALA A 104 -6.08 -15.48 -44.27
N VAL A 105 -5.15 -16.33 -44.71
CA VAL A 105 -4.02 -16.68 -43.86
C VAL A 105 -3.07 -15.49 -43.75
N GLN A 106 -3.00 -14.66 -44.80
CA GLN A 106 -2.05 -13.55 -44.80
C GLN A 106 -2.35 -12.56 -43.67
N LEU A 107 -3.63 -12.29 -43.42
CA LEU A 107 -4.00 -11.41 -42.31
C LEU A 107 -3.58 -11.99 -40.97
N PHE A 108 -3.83 -13.29 -40.77
CA PHE A 108 -3.41 -13.93 -39.53
C PHE A 108 -1.90 -14.01 -39.42
N ALA A 109 -1.21 -14.15 -40.56
CA ALA A 109 0.25 -14.16 -40.52
C ALA A 109 0.82 -12.81 -40.10
N LEU A 110 0.16 -11.72 -40.51
CA LEU A 110 0.56 -10.38 -40.10
C LEU A 110 -0.21 -9.88 -38.89
N THR A 111 -1.14 -10.67 -38.35
CA THR A 111 -1.95 -10.21 -37.22
C THR A 111 -1.09 -9.98 -35.98
N GLY A 112 -0.14 -10.89 -35.73
CA GLY A 112 0.77 -10.72 -34.61
C GLY A 112 1.68 -9.53 -34.80
N PRO A 113 2.26 -9.39 -35.99
CA PRO A 113 3.17 -8.26 -36.23
C PRO A 113 2.49 -6.90 -36.12
N ALA A 114 1.22 -6.80 -36.53
CA ALA A 114 0.53 -5.52 -36.51
C ALA A 114 0.16 -5.11 -35.09
N GLU A 115 -0.37 -6.05 -34.31
CA GLU A 115 -0.83 -5.71 -32.97
C GLU A 115 0.33 -5.38 -32.04
N SER A 116 1.45 -6.09 -32.18
CA SER A 116 2.57 -5.88 -31.26
C SER A 116 3.27 -4.56 -31.51
N LYS A 117 3.46 -4.17 -32.77
CA LYS A 117 4.14 -2.91 -33.08
C LYS A 117 3.19 -1.74 -33.21
N GLY A 118 1.88 -1.98 -33.20
CA GLY A 118 0.93 -0.88 -33.30
C GLY A 118 1.00 -0.09 -34.60
N GLU A 119 1.03 -0.79 -35.73
CA GLU A 119 1.03 -0.17 -37.04
C GLU A 119 0.38 -1.12 -38.05
N ILE A 120 -0.15 -0.56 -39.13
CA ILE A 120 -0.75 -1.34 -40.20
C ILE A 120 0.17 -1.26 -41.42
N THR A 121 0.79 -2.38 -41.77
CA THR A 121 1.72 -2.42 -42.90
C THR A 121 0.96 -2.31 -44.21
N PRO A 122 1.63 -1.86 -45.27
CA PRO A 122 0.97 -1.77 -46.58
C PRO A 122 0.45 -3.10 -47.10
N GLU A 123 1.17 -4.19 -46.85
CA GLU A 123 0.72 -5.50 -47.30
C GLU A 123 -0.59 -5.88 -46.63
N LEU A 124 -0.70 -5.60 -45.33
CA LEU A 124 -1.96 -5.84 -44.62
C LEU A 124 -3.07 -4.98 -45.18
N LEU A 125 -2.75 -3.73 -45.56
CA LEU A 125 -3.76 -2.84 -46.12
C LEU A 125 -4.36 -3.42 -47.39
N GLY A 126 -3.52 -3.99 -48.25
CA GLY A 126 -4.04 -4.71 -49.40
C GLY A 126 -4.82 -5.94 -49.00
N VAL A 127 -4.29 -6.70 -48.04
CA VAL A 127 -4.98 -7.89 -47.56
C VAL A 127 -6.32 -7.51 -46.95
N MET A 128 -6.32 -6.44 -46.15
CA MET A 128 -7.58 -5.98 -45.56
C MET A 128 -8.54 -5.47 -46.63
N ARG A 129 -8.03 -4.73 -47.61
CA ARG A 129 -8.89 -4.19 -48.66
C ARG A 129 -9.53 -5.31 -49.46
N ARG A 130 -8.74 -6.34 -49.81
CA ARG A 130 -9.28 -7.44 -50.60
C ARG A 130 -10.29 -8.25 -49.80
N LEU A 131 -9.94 -8.60 -48.55
CA LEU A 131 -10.81 -9.45 -47.74
C LEU A 131 -12.13 -8.76 -47.44
N TRP A 132 -12.08 -7.47 -47.09
CA TRP A 132 -13.31 -6.76 -46.77
C TRP A 132 -14.21 -6.61 -48.00
N ALA A 133 -13.62 -6.37 -49.16
CA ALA A 133 -14.40 -6.17 -50.37
C ALA A 133 -14.95 -7.46 -50.95
N ASP A 134 -14.52 -8.61 -50.46
CA ASP A 134 -15.04 -9.87 -50.98
C ASP A 134 -16.52 -10.02 -50.63
N PRO A 135 -17.38 -10.36 -51.59
CA PRO A 135 -18.81 -10.46 -51.28
C PRO A 135 -19.15 -11.52 -50.24
N GLY A 136 -18.40 -12.62 -50.20
CA GLY A 136 -18.68 -13.65 -49.21
C GLY A 136 -18.54 -13.15 -47.79
N ALA A 137 -17.49 -12.38 -47.52
CA ALA A 137 -17.35 -11.74 -46.21
C ALA A 137 -18.40 -10.63 -46.04
N GLN A 138 -18.79 -9.98 -47.14
CA GLN A 138 -19.80 -8.93 -47.07
C GLN A 138 -21.11 -9.47 -46.52
N ALA A 139 -21.51 -10.66 -46.97
CA ALA A 139 -22.65 -11.33 -46.34
C ALA A 139 -22.32 -11.71 -44.90
N CYS A 140 -21.08 -12.12 -44.64
CA CYS A 140 -20.68 -12.48 -43.28
C CYS A 140 -20.80 -11.29 -42.34
N PHE A 141 -20.43 -10.10 -42.81
CA PHE A 141 -20.61 -8.90 -42.02
C PHE A 141 -22.08 -8.60 -41.80
N SER A 142 -22.91 -8.81 -42.84
CA SER A 142 -24.34 -8.57 -42.72
C SER A 142 -25.00 -9.51 -41.73
N ARG A 143 -24.40 -10.66 -41.45
CA ARG A 143 -24.90 -11.62 -40.50
C ARG A 143 -24.24 -11.49 -39.14
N SER A 144 -23.92 -10.26 -38.72
CA SER A 144 -23.16 -10.02 -37.51
C SER A 144 -23.94 -10.36 -36.24
N SER A 145 -25.24 -10.65 -36.35
CA SER A 145 -26.05 -10.93 -35.16
C SER A 145 -25.60 -12.19 -34.44
N GLU A 146 -25.04 -13.16 -35.15
CA GLU A 146 -24.60 -14.41 -34.54
C GLU A 146 -23.08 -14.46 -34.33
N TYR A 147 -22.36 -13.39 -34.64
CA TYR A 147 -20.91 -13.39 -34.52
C TYR A 147 -20.49 -12.26 -33.60
N HIS A 148 -19.32 -12.42 -32.98
CA HIS A 148 -18.80 -11.46 -32.01
C HIS A 148 -18.04 -10.37 -32.78
N LEU A 149 -18.78 -9.37 -33.25
CA LEU A 149 -18.21 -8.28 -34.03
C LEU A 149 -18.60 -6.95 -33.40
N GLU A 150 -17.58 -6.11 -33.16
CA GLU A 150 -17.83 -4.80 -32.57
C GLU A 150 -18.46 -3.87 -33.60
N ASP A 151 -19.34 -2.99 -33.11
CA ASP A 151 -20.07 -2.08 -34.00
C ASP A 151 -19.16 -1.06 -34.68
N ASN A 152 -17.92 -0.91 -34.22
CA ASN A 152 -17.01 0.04 -34.85
C ASN A 152 -16.39 -0.50 -36.13
N ALA A 153 -16.60 -1.78 -36.43
CA ALA A 153 -15.96 -2.39 -37.60
C ALA A 153 -16.44 -1.73 -38.89
N ALA A 154 -17.71 -1.34 -38.93
CA ALA A 154 -18.29 -0.80 -40.15
C ALA A 154 -17.59 0.46 -40.62
N TYR A 155 -17.34 1.40 -39.71
CA TYR A 155 -16.75 2.67 -40.12
C TYR A 155 -15.29 2.52 -40.51
N TYR A 156 -14.53 1.76 -39.72
CA TYR A 156 -13.11 1.56 -40.02
C TYR A 156 -12.92 0.83 -41.35
N LEU A 157 -13.76 -0.19 -41.61
CA LEU A 157 -13.64 -0.93 -42.85
C LEU A 157 -13.88 -0.05 -44.07
N ASN A 158 -14.75 0.96 -43.94
CA ASN A 158 -15.02 1.88 -45.03
C ASN A 158 -13.91 2.91 -45.21
N ASP A 159 -12.95 2.98 -44.29
CA ASP A 159 -11.83 3.91 -44.39
C ASP A 159 -10.52 3.28 -43.95
N LEU A 160 -10.24 2.07 -44.43
CA LEU A 160 -8.97 1.43 -44.11
C LEU A 160 -7.79 2.22 -44.66
N GLU A 161 -8.02 2.98 -45.73
CA GLU A 161 -6.96 3.81 -46.30
C GLU A 161 -6.51 4.88 -45.32
N ARG A 162 -7.45 5.51 -44.63
CA ARG A 162 -7.09 6.51 -43.63
C ARG A 162 -6.38 5.86 -42.44
N ILE A 163 -6.80 4.66 -42.06
CA ILE A 163 -6.23 4.00 -40.89
C ILE A 163 -4.79 3.60 -41.13
N ALA A 164 -4.45 3.16 -42.35
CA ALA A 164 -3.13 2.62 -42.62
C ALA A 164 -2.10 3.69 -43.00
N ALA A 165 -2.49 4.95 -43.06
CA ALA A 165 -1.57 5.99 -43.47
C ALA A 165 -0.38 6.10 -42.52
N ALA A 166 0.77 6.49 -43.06
CA ALA A 166 1.96 6.63 -42.22
C ALA A 166 1.78 7.71 -41.16
N ASP A 167 1.24 8.85 -41.56
CA ASP A 167 0.94 9.94 -40.63
C ASP A 167 -0.51 9.95 -40.22
N TYR A 168 -1.13 8.78 -40.04
CA TYR A 168 -2.53 8.71 -39.65
C TYR A 168 -2.72 9.38 -38.30
N ILE A 169 -3.68 10.29 -38.23
CA ILE A 169 -4.04 10.98 -37.01
C ILE A 169 -5.45 10.58 -36.64
N PRO A 170 -5.66 9.81 -35.56
CA PRO A 170 -7.01 9.37 -35.22
C PRO A 170 -7.93 10.56 -34.94
N THR A 171 -9.17 10.45 -35.39
CA THR A 171 -10.16 11.49 -35.17
C THR A 171 -10.99 11.16 -33.95
N VAL A 172 -11.65 12.20 -33.40
CA VAL A 172 -12.43 12.02 -32.19
C VAL A 172 -13.52 10.99 -32.43
N GLU A 173 -14.21 11.09 -33.57
CA GLU A 173 -15.25 10.13 -33.91
C GLU A 173 -14.65 8.73 -34.06
N ASP A 174 -13.43 8.64 -34.60
CA ASP A 174 -12.77 7.35 -34.72
C ASP A 174 -12.44 6.76 -33.35
N ILE A 175 -11.88 7.58 -32.46
CA ILE A 175 -11.47 7.08 -31.15
C ILE A 175 -12.68 6.70 -30.32
N LEU A 176 -13.69 7.58 -30.28
CA LEU A 176 -14.81 7.37 -29.37
C LEU A 176 -15.56 6.08 -29.64
N ARG A 177 -15.46 5.52 -30.85
CA ARG A 177 -16.13 4.26 -31.14
C ARG A 177 -15.22 3.06 -30.95
N SER A 178 -13.93 3.28 -30.72
CA SER A 178 -13.03 2.16 -30.48
C SER A 178 -13.35 1.48 -29.17
N ARG A 179 -13.02 0.18 -29.09
CA ARG A 179 -13.31 -0.60 -27.85
C ARG A 179 -11.99 -0.92 -27.16
N ASP A 180 -11.77 -0.37 -25.96
CA ASP A 180 -10.51 -0.60 -25.22
C ASP A 180 -10.29 -2.11 -25.04
N MET A 181 -9.07 -2.58 -25.32
CA MET A 181 -8.75 -4.03 -25.17
C MET A 181 -9.10 -4.46 -23.73
N THR A 182 -9.92 -5.52 -23.60
CA THR A 182 -10.36 -5.99 -22.26
C THR A 182 -9.15 -6.22 -21.35
N THR A 183 -9.06 -5.47 -20.25
CA THR A 183 -7.94 -5.63 -19.28
C THR A 183 -8.50 -5.64 -17.86
N GLY A 184 -8.11 -6.63 -17.05
CA GLY A 184 -8.62 -6.76 -15.67
C GLY A 184 -8.84 -5.43 -14.98
N ILE A 185 -7.80 -4.61 -14.88
CA ILE A 185 -7.94 -3.30 -14.24
C ILE A 185 -7.39 -2.25 -15.20
N VAL A 186 -8.06 -1.10 -15.24
CA VAL A 186 -7.66 0.00 -16.10
C VAL A 186 -7.58 1.26 -15.24
N GLU A 187 -6.44 1.93 -15.31
CA GLU A 187 -6.12 3.10 -14.52
C GLU A 187 -5.87 4.25 -15.46
N ASN A 188 -6.56 5.38 -15.24
CA ASN A 188 -6.31 6.58 -16.03
C ASN A 188 -6.07 7.76 -15.11
N LYS A 189 -4.91 8.40 -15.27
CA LYS A 189 -4.54 9.59 -14.53
C LYS A 189 -5.04 10.81 -15.30
N PHE A 190 -5.86 11.62 -14.64
CA PHE A 190 -6.35 12.87 -15.19
C PHE A 190 -5.94 14.02 -14.29
N THR A 191 -5.33 15.03 -14.88
CA THR A 191 -5.05 16.28 -14.17
C THR A 191 -5.93 17.35 -14.81
N PHE A 192 -6.95 17.78 -14.08
CA PHE A 192 -7.85 18.83 -14.54
C PHE A 192 -7.89 19.93 -13.50
N LYS A 193 -7.41 21.11 -13.87
CA LYS A 193 -7.43 22.29 -13.01
C LYS A 193 -6.78 21.99 -11.66
N GLU A 194 -5.53 21.54 -11.73
CA GLU A 194 -4.67 21.27 -10.59
C GLU A 194 -5.13 20.09 -9.76
N LEU A 195 -6.18 19.39 -10.18
CA LEU A 195 -6.69 18.23 -9.47
C LEU A 195 -6.34 16.99 -10.28
N THR A 196 -5.73 16.00 -9.62
CA THR A 196 -5.29 14.79 -10.29
C THR A 196 -6.26 13.66 -9.96
N PHE A 197 -6.96 13.18 -10.98
CA PHE A 197 -7.87 12.06 -10.85
C PHE A 197 -7.18 10.79 -11.32
N LYS A 198 -7.57 9.68 -10.71
CA LYS A 198 -7.21 8.34 -11.13
C LYS A 198 -8.54 7.63 -11.30
N MET A 199 -9.02 7.53 -12.54
CA MET A 199 -10.26 6.82 -12.82
C MET A 199 -9.96 5.35 -12.99
N VAL A 200 -10.32 4.56 -11.98
CA VAL A 200 -9.93 3.17 -11.89
C VAL A 200 -11.05 2.35 -12.47
N ASP A 201 -10.94 2.00 -13.74
CA ASP A 201 -11.94 1.17 -14.41
C ASP A 201 -11.57 -0.29 -14.23
N VAL A 202 -12.38 -1.01 -13.47
CA VAL A 202 -12.29 -2.47 -13.42
C VAL A 202 -12.92 -3.00 -14.70
N GLY A 203 -12.10 -3.51 -15.61
CA GLY A 203 -12.61 -3.86 -16.92
C GLY A 203 -13.35 -5.17 -16.92
N ALA A 204 -12.99 -6.08 -17.80
CA ALA A 204 -13.57 -7.41 -17.76
C ALA A 204 -13.06 -8.10 -16.51
N GLN A 205 -13.87 -8.09 -15.46
CA GLN A 205 -13.56 -8.72 -14.19
C GLN A 205 -14.49 -9.93 -14.06
N ARG A 206 -14.05 -11.05 -14.59
CA ARG A 206 -14.87 -12.25 -14.58
C ARG A 206 -14.88 -12.87 -13.19
N SER A 207 -15.42 -12.15 -12.22
CA SER A 207 -15.49 -12.60 -10.84
C SER A 207 -16.61 -11.84 -10.14
N GLU A 208 -16.84 -12.17 -8.89
CA GLU A 208 -17.91 -11.53 -8.13
C GLU A 208 -17.42 -10.24 -7.49
N ARG A 209 -18.27 -9.21 -7.54
CA ARG A 209 -17.93 -7.91 -6.98
C ARG A 209 -17.69 -7.97 -5.49
N LYS A 210 -18.51 -8.73 -4.76
CA LYS A 210 -18.45 -8.73 -3.31
C LYS A 210 -17.08 -9.07 -2.79
N LYS A 211 -16.20 -9.60 -3.62
CA LYS A 211 -14.88 -9.98 -3.18
C LYS A 211 -13.82 -8.93 -3.47
N TRP A 212 -13.95 -8.20 -4.57
CA TRP A 212 -12.96 -7.20 -4.92
C TRP A 212 -13.42 -5.78 -4.69
N ILE A 213 -14.66 -5.57 -4.26
CA ILE A 213 -15.19 -4.22 -4.22
C ILE A 213 -14.59 -3.42 -3.08
N HIS A 214 -14.25 -4.06 -1.96
CA HIS A 214 -13.67 -3.34 -0.83
C HIS A 214 -12.27 -2.84 -1.13
N CYS A 215 -11.67 -3.25 -2.23
CA CYS A 215 -10.41 -2.68 -2.66
C CYS A 215 -10.56 -1.20 -2.99
N PHE A 216 -11.78 -0.76 -3.27
CA PHE A 216 -12.07 0.63 -3.56
C PHE A 216 -12.89 1.28 -2.46
N GLU A 217 -12.67 0.83 -1.23
CA GLU A 217 -13.36 1.43 -0.08
C GLU A 217 -13.12 2.93 -0.02
N GLY A 218 -11.87 3.35 -0.17
CA GLY A 218 -11.54 4.72 0.12
C GLY A 218 -11.43 5.61 -1.10
N VAL A 219 -12.20 5.32 -2.12
CA VAL A 219 -12.22 6.19 -3.29
C VAL A 219 -12.96 7.46 -2.95
N THR A 220 -12.62 8.54 -3.64
CA THR A 220 -13.31 9.81 -3.42
C THR A 220 -14.76 9.72 -3.86
N ALA A 221 -14.97 9.22 -5.07
CA ALA A 221 -16.32 9.10 -5.62
C ALA A 221 -16.33 7.94 -6.59
N ILE A 222 -17.53 7.49 -6.92
CA ILE A 222 -17.76 6.49 -7.95
C ILE A 222 -18.37 7.20 -9.14
N ILE A 223 -17.83 6.93 -10.33
CA ILE A 223 -18.45 7.40 -11.57
C ILE A 223 -19.21 6.23 -12.15
N PHE A 224 -20.53 6.35 -12.21
CA PHE A 224 -21.38 5.30 -12.73
C PHE A 224 -21.94 5.74 -14.08
N CYS A 225 -21.51 5.08 -15.14
CA CYS A 225 -21.93 5.41 -16.49
C CYS A 225 -23.18 4.62 -16.86
N VAL A 226 -24.19 5.32 -17.36
CA VAL A 226 -25.45 4.70 -17.74
C VAL A 226 -25.74 5.08 -19.19
N GLU A 227 -26.12 4.10 -20.00
CA GLU A 227 -26.57 4.37 -21.36
C GLU A 227 -28.04 4.70 -21.34
N LEU A 228 -28.37 5.95 -21.72
CA LEU A 228 -29.76 6.38 -21.77
C LEU A 228 -30.52 5.67 -22.88
N SER A 229 -29.89 5.49 -24.03
CA SER A 229 -30.52 4.84 -25.16
C SER A 229 -30.72 3.36 -24.95
N GLY A 230 -30.14 2.78 -23.91
CA GLY A 230 -30.19 1.35 -23.71
C GLY A 230 -31.44 0.83 -23.06
N TYR A 231 -32.47 1.66 -22.91
CA TYR A 231 -33.71 1.17 -22.31
C TYR A 231 -34.38 0.12 -23.18
N ASP A 232 -34.19 0.18 -24.49
CA ASP A 232 -34.74 -0.80 -25.42
C ASP A 232 -33.67 -1.19 -26.43
N LEU A 233 -32.50 -1.61 -25.93
CA LEU A 233 -31.40 -1.96 -26.82
C LEU A 233 -30.82 -3.36 -26.60
N THR A 241 -30.64 -7.17 -23.72
CA THR A 241 -31.30 -8.04 -22.74
C THR A 241 -31.46 -7.31 -21.41
N SER A 242 -32.43 -6.39 -21.41
CA SER A 242 -32.72 -5.54 -20.25
C SER A 242 -31.48 -4.78 -19.81
N ARG A 243 -30.99 -3.90 -20.71
CA ARG A 243 -29.75 -3.19 -20.44
C ARG A 243 -29.93 -2.17 -19.32
N MET A 244 -31.01 -1.39 -19.37
CA MET A 244 -31.25 -0.43 -18.30
C MET A 244 -31.68 -1.11 -17.02
N ALA A 245 -32.34 -2.27 -17.11
CA ALA A 245 -32.63 -3.02 -15.91
C ALA A 245 -31.34 -3.49 -15.25
N ALA A 246 -30.37 -3.90 -16.07
CA ALA A 246 -29.05 -4.26 -15.55
C ALA A 246 -28.36 -3.06 -14.91
N SER A 247 -28.46 -1.89 -15.53
CA SER A 247 -27.88 -0.69 -14.93
C SER A 247 -28.56 -0.35 -13.61
N LEU A 248 -29.87 -0.52 -13.52
CA LEU A 248 -30.56 -0.25 -12.27
C LEU A 248 -30.13 -1.22 -11.17
N LYS A 249 -30.00 -2.50 -11.51
CA LYS A 249 -29.54 -3.46 -10.51
C LYS A 249 -28.12 -3.13 -10.06
N LEU A 250 -27.24 -2.85 -11.01
CA LEU A 250 -25.85 -2.52 -10.66
C LEU A 250 -25.79 -1.26 -9.82
N PHE A 251 -26.55 -0.23 -10.20
CA PHE A 251 -26.53 1.02 -9.46
C PHE A 251 -27.08 0.84 -8.06
N ASP A 252 -28.15 0.07 -7.90
CA ASP A 252 -28.67 -0.16 -6.56
C ASP A 252 -27.62 -0.84 -5.70
N SER A 253 -26.98 -1.87 -6.23
CA SER A 253 -25.97 -2.58 -5.47
C SER A 253 -24.79 -1.68 -5.11
N ILE A 254 -24.32 -0.87 -6.06
CA ILE A 254 -23.14 -0.04 -5.82
C ILE A 254 -23.47 1.12 -4.88
N CYS A 255 -24.58 1.81 -5.16
CA CYS A 255 -24.98 2.93 -4.32
C CYS A 255 -25.19 2.50 -2.89
N ASN A 256 -25.89 1.39 -2.68
CA ASN A 256 -26.23 0.93 -1.35
C ASN A 256 -25.22 -0.06 -0.80
N ASN A 257 -24.02 -0.06 -1.35
CA ASN A 257 -22.97 -0.93 -0.86
C ASN A 257 -22.54 -0.50 0.54
N LYS A 258 -22.20 -1.49 1.37
CA LYS A 258 -21.71 -1.17 2.71
C LYS A 258 -20.39 -0.42 2.65
N TRP A 259 -19.58 -0.66 1.63
CA TRP A 259 -18.30 0.01 1.50
C TRP A 259 -18.44 1.43 1.02
N PHE A 260 -19.42 1.70 0.16
CA PHE A 260 -19.69 3.04 -0.33
C PHE A 260 -20.90 3.65 0.36
N ILE A 261 -20.83 3.78 1.67
CA ILE A 261 -21.90 4.48 2.39
C ILE A 261 -21.71 5.98 2.26
N ASP A 262 -20.50 6.47 2.48
CA ASP A 262 -20.18 7.88 2.41
C ASP A 262 -19.51 8.26 1.10
N THR A 263 -19.44 7.35 0.13
CA THR A 263 -18.85 7.64 -1.17
C THR A 263 -19.93 8.15 -2.10
N SER A 264 -19.80 9.40 -2.52
CA SER A 264 -20.74 9.99 -3.43
C SER A 264 -20.61 9.35 -4.81
N LEU A 265 -21.72 9.29 -5.53
CA LEU A 265 -21.76 8.69 -6.85
C LEU A 265 -21.93 9.78 -7.89
N ILE A 266 -21.03 9.80 -8.88
CA ILE A 266 -21.18 10.65 -10.04
C ILE A 266 -21.92 9.82 -11.09
N LEU A 267 -23.15 10.18 -11.37
CA LEU A 267 -23.97 9.42 -12.31
C LEU A 267 -23.85 10.07 -13.68
N PHE A 268 -23.17 9.41 -14.59
CA PHE A 268 -23.12 9.83 -15.99
C PHE A 268 -24.20 9.11 -16.76
N LEU A 269 -25.11 9.88 -17.35
CA LEU A 269 -26.15 9.36 -18.21
C LEU A 269 -25.72 9.59 -19.65
N ASN A 270 -25.30 8.52 -20.32
CA ASN A 270 -24.59 8.65 -21.58
C ASN A 270 -25.53 8.50 -22.77
N LYS A 271 -25.06 9.02 -23.91
CA LYS A 271 -25.72 8.85 -25.20
C LYS A 271 -27.11 9.48 -25.20
N LYS A 272 -27.14 10.75 -24.77
CA LYS A 272 -28.43 11.41 -24.59
C LYS A 272 -29.09 11.76 -25.92
N ASP A 273 -28.30 12.16 -26.92
CA ASP A 273 -28.88 12.43 -28.23
C ASP A 273 -29.44 11.16 -28.86
N LEU A 274 -28.72 10.05 -28.72
CA LEU A 274 -29.24 8.77 -29.18
C LEU A 274 -30.54 8.44 -28.50
N LEU A 275 -30.68 8.79 -27.22
CA LEU A 275 -31.98 8.66 -26.56
C LEU A 275 -33.01 9.56 -27.21
N ALA A 276 -32.60 10.77 -27.61
CA ALA A 276 -33.52 11.69 -28.25
C ALA A 276 -34.11 11.10 -29.52
N GLU A 277 -33.30 10.44 -30.35
CA GLU A 277 -33.91 9.73 -31.47
C GLU A 277 -34.72 8.53 -31.01
N LYS A 278 -34.20 7.70 -30.11
CA LYS A 278 -34.87 6.43 -29.84
C LYS A 278 -36.27 6.59 -29.26
N ILE A 279 -36.50 7.61 -28.43
CA ILE A 279 -37.83 7.79 -27.85
C ILE A 279 -38.85 8.21 -28.92
N ARG A 280 -38.42 9.03 -29.88
CA ARG A 280 -39.29 9.34 -31.01
C ARG A 280 -39.81 8.08 -31.68
N ARG A 281 -38.95 7.07 -31.80
CA ARG A 281 -39.32 5.83 -32.45
C ARG A 281 -39.92 4.84 -31.46
N ILE A 282 -39.17 4.50 -30.43
CA ILE A 282 -39.58 3.47 -29.47
C ILE A 282 -40.16 4.16 -28.25
N PRO A 283 -41.33 3.76 -27.76
CA PRO A 283 -41.83 4.30 -26.50
C PRO A 283 -41.03 3.79 -25.32
N LEU A 284 -40.77 4.69 -24.36
CA LEU A 284 -39.98 4.31 -23.20
C LEU A 284 -40.76 3.44 -22.23
N THR A 285 -42.06 3.27 -22.45
CA THR A 285 -42.83 2.38 -21.61
C THR A 285 -42.39 0.93 -21.72
N ILE A 286 -41.59 0.60 -22.74
CA ILE A 286 -41.15 -0.78 -22.93
C ILE A 286 -40.27 -1.23 -21.77
N CYS A 287 -39.27 -0.42 -21.41
CA CYS A 287 -38.44 -0.74 -20.26
C CYS A 287 -39.20 -0.56 -18.95
N PHE A 288 -39.92 0.56 -18.82
CA PHE A 288 -40.66 0.91 -17.62
C PHE A 288 -42.15 0.89 -17.92
N PRO A 289 -42.84 -0.21 -17.62
CA PRO A 289 -44.28 -0.28 -17.90
C PRO A 289 -45.10 0.71 -17.08
N GLU A 290 -44.58 1.19 -15.97
CA GLU A 290 -45.29 2.11 -15.08
C GLU A 290 -44.81 3.55 -15.26
N TYR A 291 -44.28 3.88 -16.44
CA TYR A 291 -43.75 5.21 -16.67
C TYR A 291 -44.84 6.26 -16.55
N LYS A 292 -45.93 6.11 -17.29
CA LYS A 292 -47.06 7.03 -17.25
C LYS A 292 -46.60 8.48 -17.42
N GLY A 293 -45.84 8.73 -18.48
CA GLY A 293 -45.31 10.06 -18.71
C GLY A 293 -45.11 10.30 -20.19
N GLN A 294 -44.77 11.55 -20.50
CA GLN A 294 -44.53 11.93 -21.89
C GLN A 294 -43.30 11.21 -22.43
N ASN A 295 -43.35 10.90 -23.73
CA ASN A 295 -42.29 10.16 -24.42
C ASN A 295 -41.42 11.08 -25.27
N THR A 296 -41.13 12.26 -24.75
CA THR A 296 -40.20 13.18 -25.38
C THR A 296 -38.95 13.30 -24.53
N TYR A 297 -37.89 13.83 -25.13
CA TYR A 297 -36.67 14.07 -24.38
C TYR A 297 -36.87 15.23 -23.42
N GLU A 298 -35.97 15.36 -22.46
CA GLU A 298 -36.06 16.29 -21.34
C GLU A 298 -37.26 15.95 -20.46
N GLU A 299 -38.00 14.90 -20.80
CA GLU A 299 -38.93 14.25 -19.90
C GLU A 299 -38.51 12.82 -19.60
N ALA A 300 -38.19 12.05 -20.66
CA ALA A 300 -37.67 10.70 -20.48
C ALA A 300 -36.33 10.72 -19.75
N ALA A 301 -35.45 11.66 -20.11
CA ALA A 301 -34.15 11.73 -19.46
C ALA A 301 -34.29 12.03 -17.97
N VAL A 302 -35.14 12.99 -17.62
CA VAL A 302 -35.33 13.32 -16.21
C VAL A 302 -35.96 12.15 -15.49
N TYR A 303 -36.84 11.41 -16.17
CA TYR A 303 -37.40 10.22 -15.56
C TYR A 303 -36.29 9.22 -15.24
N ILE A 304 -35.37 9.01 -16.16
CA ILE A 304 -34.33 8.00 -15.98
C ILE A 304 -33.42 8.39 -14.82
N GLN A 305 -33.01 9.67 -14.78
CA GLN A 305 -32.34 10.14 -13.57
C GLN A 305 -33.14 9.84 -12.34
N ARG A 306 -34.45 10.05 -12.38
CA ARG A 306 -35.22 9.86 -11.16
C ARG A 306 -35.14 8.43 -10.68
N GLN A 307 -35.22 7.45 -11.58
CA GLN A 307 -35.08 6.07 -11.14
C GLN A 307 -33.71 5.81 -10.54
N PHE A 308 -32.66 6.28 -11.20
CA PHE A 308 -31.33 5.99 -10.69
C PHE A 308 -31.11 6.64 -9.31
N GLU A 309 -31.55 7.89 -9.16
CA GLU A 309 -31.33 8.58 -7.89
C GLU A 309 -32.35 8.19 -6.84
N ASP A 310 -33.43 7.50 -7.22
CA ASP A 310 -34.36 6.96 -6.24
C ASP A 310 -33.92 5.60 -5.74
N LEU A 311 -33.05 4.91 -6.49
CA LEU A 311 -32.43 3.71 -5.95
C LEU A 311 -31.51 4.05 -4.79
N ASN A 312 -31.12 5.30 -4.65
CA ASN A 312 -30.26 5.78 -3.59
C ASN A 312 -30.95 5.75 -2.24
N ARG A 313 -30.61 4.78 -1.39
CA ARG A 313 -31.03 4.77 -0.01
C ARG A 313 -30.03 5.60 0.77
N ASN A 314 -30.06 5.50 2.09
CA ASN A 314 -29.07 6.09 3.00
C ASN A 314 -28.57 7.45 2.49
N LYS A 315 -29.50 8.37 2.30
CA LYS A 315 -29.13 9.74 1.98
C LYS A 315 -28.51 10.42 3.19
N GLU A 316 -28.12 11.69 3.01
CA GLU A 316 -27.47 12.53 4.01
C GLU A 316 -26.06 12.09 4.31
N THR A 317 -25.63 10.93 3.84
CA THR A 317 -24.23 10.55 3.91
C THR A 317 -23.55 10.60 2.56
N LYS A 318 -24.27 10.33 1.48
CA LYS A 318 -23.72 10.30 0.14
C LYS A 318 -24.70 10.99 -0.78
N GLU A 319 -24.18 11.53 -1.86
CA GLU A 319 -24.97 12.27 -2.81
C GLU A 319 -24.68 11.76 -4.20
N ILE A 320 -25.67 11.84 -5.07
CA ILE A 320 -25.53 11.45 -6.47
C ILE A 320 -25.43 12.73 -7.28
N TYR A 321 -24.44 12.80 -8.16
CA TYR A 321 -24.22 13.96 -9.01
C TYR A 321 -24.54 13.52 -10.43
N SER A 322 -25.78 13.71 -10.84
CA SER A 322 -26.21 13.25 -12.15
C SER A 322 -25.79 14.23 -13.23
N HIS A 323 -25.33 13.70 -14.34
CA HIS A 323 -24.87 14.52 -15.46
C HIS A 323 -25.26 13.84 -16.76
N PHE A 324 -25.79 14.60 -17.71
CA PHE A 324 -26.02 14.12 -19.06
C PHE A 324 -24.77 14.41 -19.88
N THR A 325 -24.00 13.37 -20.16
CA THR A 325 -22.67 13.55 -20.67
C THR A 325 -22.70 14.10 -22.09
N CYS A 326 -21.82 15.07 -22.36
CA CYS A 326 -21.71 15.67 -23.67
C CYS A 326 -20.30 15.38 -24.18
N SER A 327 -20.19 14.46 -25.13
CA SER A 327 -18.89 14.13 -25.70
C SER A 327 -18.27 15.28 -26.46
N THR A 328 -19.05 16.31 -26.81
CA THR A 328 -18.50 17.44 -27.55
C THR A 328 -17.62 18.31 -26.66
N ASP A 329 -18.08 18.60 -25.45
CA ASP A 329 -17.44 19.58 -24.58
C ASP A 329 -16.72 18.89 -23.43
N THR A 330 -15.95 19.68 -22.69
CA THR A 330 -15.29 19.23 -21.48
C THR A 330 -16.19 19.31 -20.27
N SER A 331 -17.50 19.28 -20.49
CA SER A 331 -18.45 19.26 -19.38
C SER A 331 -18.39 17.97 -18.60
N ASN A 332 -17.85 16.89 -19.17
CA ASN A 332 -17.70 15.66 -18.43
C ASN A 332 -16.58 15.79 -17.40
N ILE A 333 -15.39 16.18 -17.85
CA ILE A 333 -14.28 16.35 -16.92
C ILE A 333 -14.55 17.51 -15.98
N GLN A 334 -15.19 18.56 -16.47
CA GLN A 334 -15.55 19.68 -15.61
C GLN A 334 -16.57 19.25 -14.58
N PHE A 335 -17.52 18.43 -14.97
CA PHE A 335 -18.50 17.94 -14.01
C PHE A 335 -17.85 17.04 -12.98
N VAL A 336 -16.90 16.23 -13.39
CA VAL A 336 -16.20 15.37 -12.44
C VAL A 336 -15.37 16.22 -11.49
N PHE A 337 -14.73 17.27 -12.01
CA PHE A 337 -14.00 18.19 -11.16
C PHE A 337 -14.92 18.88 -10.17
N ASP A 338 -16.07 19.38 -10.64
CA ASP A 338 -17.02 20.04 -9.76
C ASP A 338 -17.57 19.07 -8.72
N ALA A 339 -17.89 17.86 -9.12
CA ALA A 339 -18.43 16.89 -8.19
C ALA A 339 -17.39 16.46 -7.16
N VAL A 340 -16.13 16.30 -7.59
CA VAL A 340 -15.08 15.90 -6.68
C VAL A 340 -14.74 17.04 -5.73
N THR A 341 -14.72 18.27 -6.23
CA THR A 341 -14.58 19.46 -5.40
C THR A 341 -15.71 19.56 -4.39
N ASP A 342 -16.94 19.32 -4.80
CA ASP A 342 -18.05 19.32 -3.86
C ASP A 342 -17.92 18.18 -2.86
N VAL A 343 -17.43 17.02 -3.29
CA VAL A 343 -17.25 15.90 -2.38
C VAL A 343 -16.21 16.24 -1.32
N ILE A 344 -15.08 16.79 -1.75
CA ILE A 344 -14.03 17.19 -0.82
C ILE A 344 -14.56 18.23 0.15
N ILE A 345 -15.25 19.24 -0.37
CA ILE A 345 -15.74 20.33 0.46
C ILE A 345 -16.81 19.84 1.43
N GLN A 346 -17.66 18.92 0.99
CA GLN A 346 -18.67 18.37 1.89
C GLN A 346 -18.04 17.54 2.98
N ASN A 347 -17.02 16.75 2.64
CA ASN A 347 -16.30 15.99 3.66
C ASN A 347 -15.66 16.93 4.66
N ASN A 348 -15.07 18.02 4.19
CA ASN A 348 -14.48 18.98 5.09
C ASN A 348 -15.53 19.62 5.98
N LEU A 349 -16.67 20.00 5.42
CA LEU A 349 -17.77 20.51 6.22
C LEU A 349 -18.23 19.51 7.25
N LYS A 350 -18.13 18.21 6.94
CA LYS A 350 -18.65 17.20 7.85
C LYS A 350 -17.77 17.03 9.08
N TYR A 351 -16.46 16.90 8.93
CA TYR A 351 -15.69 16.69 10.15
C TYR A 351 -15.50 17.99 10.92
N ILE A 352 -15.51 19.13 10.24
CA ILE A 352 -15.59 20.41 10.92
C ILE A 352 -16.91 20.52 11.68
N GLY A 353 -17.89 19.71 11.30
CA GLY A 353 -19.12 19.61 12.05
C GLY A 353 -20.22 20.52 11.61
N LEU A 354 -19.99 21.35 10.60
CA LEU A 354 -21.03 22.25 10.12
C LEU A 354 -22.21 21.52 9.50
N CYS A 355 -21.93 20.45 8.77
CA CYS A 355 -22.97 19.78 8.01
C CYS A 355 -22.91 18.27 8.19
N LEU B 25 -28.66 -36.78 -16.37
CA LEU B 25 -27.36 -36.73 -15.71
C LEU B 25 -27.45 -36.09 -14.33
N ARG B 26 -28.35 -35.11 -14.18
CA ARG B 26 -28.49 -34.42 -12.90
C ARG B 26 -28.89 -35.39 -11.79
N GLN B 27 -29.78 -36.32 -12.10
CA GLN B 27 -30.17 -37.33 -11.12
C GLN B 27 -28.98 -38.20 -10.75
N GLU B 28 -28.17 -38.58 -11.72
CA GLU B 28 -26.96 -39.36 -11.43
C GLU B 28 -25.99 -38.57 -10.56
N ALA B 29 -25.84 -37.27 -10.84
CA ALA B 29 -24.94 -36.45 -10.04
C ALA B 29 -25.42 -36.34 -8.61
N GLU B 30 -26.72 -36.19 -8.40
CA GLU B 30 -27.23 -36.14 -7.03
C GLU B 30 -27.12 -37.50 -6.35
N GLN B 31 -27.30 -38.58 -7.10
CA GLN B 31 -27.09 -39.91 -6.55
C GLN B 31 -25.65 -40.11 -6.13
N LEU B 32 -24.70 -39.64 -6.96
CA LEU B 32 -23.29 -39.75 -6.62
C LEU B 32 -22.95 -38.88 -5.41
N LYS B 33 -23.56 -37.70 -5.32
CA LYS B 33 -23.35 -36.86 -4.14
C LYS B 33 -23.86 -37.55 -2.89
N ASN B 34 -25.04 -38.18 -2.99
CA ASN B 34 -25.57 -38.92 -1.85
C ASN B 34 -24.68 -40.10 -1.49
N GLN B 35 -24.13 -40.77 -2.50
CA GLN B 35 -23.22 -41.88 -2.28
C GLN B 35 -21.95 -41.42 -1.57
N ILE B 36 -21.39 -40.28 -1.99
CA ILE B 36 -20.20 -39.76 -1.33
C ILE B 36 -20.52 -39.33 0.09
N ARG B 37 -21.68 -38.72 0.31
CA ARG B 37 -22.05 -38.35 1.67
C ARG B 37 -22.19 -39.57 2.56
N ASP B 38 -22.82 -40.64 2.06
CA ASP B 38 -22.97 -41.83 2.87
C ASP B 38 -21.63 -42.52 3.11
N ALA B 39 -20.74 -42.49 2.11
CA ALA B 39 -19.41 -43.05 2.28
C ALA B 39 -18.60 -42.26 3.30
N ARG B 40 -18.76 -40.93 3.31
CA ARG B 40 -18.12 -40.11 4.32
C ARG B 40 -18.68 -40.39 5.70
N LYS B 41 -20.00 -40.57 5.81
CA LYS B 41 -20.60 -40.88 7.10
C LYS B 41 -20.18 -42.26 7.59
N ALA B 42 -19.97 -43.21 6.67
CA ALA B 42 -19.53 -44.54 7.06
C ALA B 42 -18.16 -44.53 7.71
N CYS B 43 -17.36 -43.50 7.43
CA CYS B 43 -16.02 -43.39 7.98
C CYS B 43 -15.92 -42.46 9.18
N ALA B 44 -17.05 -41.92 9.64
CA ALA B 44 -17.05 -41.00 10.79
C ALA B 44 -17.41 -41.78 12.05
N ASP B 45 -16.38 -42.40 12.64
CA ASP B 45 -16.61 -43.15 13.87
C ASP B 45 -16.78 -42.23 15.07
N ALA B 46 -15.75 -41.44 15.37
CA ALA B 46 -15.78 -40.56 16.53
C ALA B 46 -15.24 -39.20 16.13
N THR B 47 -15.93 -38.14 16.58
CA THR B 47 -15.51 -36.79 16.27
C THR B 47 -14.08 -36.54 16.76
N LEU B 48 -13.43 -35.54 16.20
CA LEU B 48 -12.10 -35.19 16.67
C LEU B 48 -12.11 -34.68 18.10
N SER B 49 -13.19 -34.02 18.53
CA SER B 49 -13.27 -33.60 19.92
C SER B 49 -13.26 -34.79 20.87
N GLN B 50 -14.03 -35.83 20.55
CA GLN B 50 -14.11 -36.98 21.44
C GLN B 50 -12.78 -37.67 21.58
N ILE B 51 -12.05 -37.81 20.48
CA ILE B 51 -10.73 -38.43 20.53
C ILE B 51 -9.72 -37.58 21.27
N THR B 52 -9.79 -36.26 21.13
CA THR B 52 -8.85 -35.36 21.75
C THR B 52 -9.36 -34.83 23.09
N ASN B 53 -10.51 -35.33 23.55
CA ASN B 53 -11.16 -34.81 24.74
C ASN B 53 -10.29 -34.92 25.99
N ASN B 54 -9.26 -35.75 25.97
CA ASN B 54 -8.45 -36.00 27.15
C ASN B 54 -7.11 -35.26 27.16
N ILE B 55 -6.68 -34.70 26.03
CA ILE B 55 -5.38 -34.04 25.99
C ILE B 55 -5.41 -32.78 26.82
N ASP B 56 -4.30 -32.53 27.50
CA ASP B 56 -4.12 -31.32 28.28
C ASP B 56 -4.24 -30.11 27.36
N PRO B 57 -5.17 -29.18 27.59
CA PRO B 57 -5.26 -28.01 26.73
C PRO B 57 -4.04 -27.11 26.91
N VAL B 58 -3.65 -26.45 25.83
CA VAL B 58 -2.67 -25.39 25.94
C VAL B 58 -3.27 -24.25 26.76
N GLY B 59 -2.48 -23.67 27.64
CA GLY B 59 -3.06 -22.81 28.64
C GLY B 59 -3.71 -21.56 28.07
N ARG B 60 -2.89 -20.58 27.70
CA ARG B 60 -3.39 -19.38 27.06
C ARG B 60 -2.22 -18.70 26.40
N ILE B 61 -2.26 -18.57 25.08
CA ILE B 61 -1.08 -18.15 24.32
C ILE B 61 -0.93 -16.65 24.50
N GLN B 62 0.10 -16.24 25.24
CA GLN B 62 0.47 -14.83 25.37
C GLN B 62 1.53 -14.47 24.32
N MET B 63 1.10 -14.45 23.07
CA MET B 63 1.95 -13.87 22.06
C MET B 63 1.92 -12.36 22.23
N ARG B 64 3.05 -11.73 22.02
CA ARG B 64 3.14 -10.28 22.13
C ARG B 64 3.80 -9.74 20.88
N THR B 65 3.45 -8.52 20.55
CA THR B 65 4.01 -7.91 19.35
C THR B 65 5.49 -7.67 19.55
N ARG B 66 6.32 -8.51 18.94
CA ARG B 66 7.76 -8.32 19.05
C ARG B 66 8.28 -7.31 18.07
N ARG B 67 7.68 -7.24 16.90
CA ARG B 67 8.03 -6.25 15.90
C ARG B 67 6.74 -5.68 15.34
N THR B 68 6.76 -4.40 15.02
CA THR B 68 5.72 -3.78 14.22
C THR B 68 6.40 -3.27 12.96
N LEU B 69 5.96 -3.79 11.83
CA LEU B 69 6.57 -3.45 10.55
C LEU B 69 5.75 -2.31 9.95
N ARG B 70 6.27 -1.10 10.05
CA ARG B 70 5.60 0.09 9.55
C ARG B 70 6.25 0.56 8.26
N GLY B 71 5.44 1.07 7.36
CA GLY B 71 5.94 1.54 6.09
C GLY B 71 4.93 1.41 4.98
N HIS B 72 3.92 0.57 5.16
CA HIS B 72 2.85 0.50 4.18
C HIS B 72 1.86 1.62 4.46
N LEU B 73 1.39 2.26 3.39
CA LEU B 73 0.54 3.42 3.51
C LEU B 73 -0.89 3.15 3.11
N ALA B 74 -1.24 1.89 2.86
CA ALA B 74 -2.61 1.51 2.58
C ALA B 74 -2.87 0.17 3.25
N LYS B 75 -4.02 -0.41 2.96
CA LYS B 75 -4.37 -1.70 3.54
C LYS B 75 -3.37 -2.74 3.06
N ILE B 76 -2.97 -3.62 3.97
CA ILE B 76 -2.13 -4.76 3.61
C ILE B 76 -3.04 -5.90 3.26
N TYR B 77 -2.91 -6.43 2.06
CA TYR B 77 -3.77 -7.53 1.66
C TYR B 77 -3.12 -8.88 1.79
N ALA B 78 -1.80 -8.96 1.66
CA ALA B 78 -1.12 -10.23 1.75
C ALA B 78 0.24 -10.07 2.37
N MET B 79 0.67 -11.10 3.09
CA MET B 79 2.06 -11.27 3.44
C MET B 79 2.45 -12.73 3.26
N HIS B 80 3.73 -12.97 3.02
CA HIS B 80 4.25 -14.32 2.98
C HIS B 80 5.62 -14.37 3.64
N TRP B 81 5.78 -15.30 4.58
CA TRP B 81 7.07 -15.51 5.22
C TRP B 81 8.04 -16.20 4.28
N GLY B 82 9.29 -15.79 4.33
CA GLY B 82 10.33 -16.55 3.68
C GLY B 82 10.63 -17.84 4.41
N THR B 83 11.20 -18.78 3.67
CA THR B 83 11.57 -20.05 4.26
C THR B 83 12.75 -19.94 5.22
N ASP B 84 13.49 -18.84 5.18
CA ASP B 84 14.50 -18.61 6.19
C ASP B 84 13.92 -18.08 7.48
N SER B 85 12.60 -17.93 7.55
CA SER B 85 11.87 -17.56 8.75
C SER B 85 12.28 -16.20 9.28
N ARG B 86 12.91 -15.43 8.46
CA ARG B 86 13.32 -14.10 8.87
C ARG B 86 12.84 -13.03 7.90
N LEU B 87 12.85 -13.31 6.60
CA LEU B 87 12.30 -12.38 5.64
C LEU B 87 10.84 -12.66 5.40
N LEU B 88 10.07 -11.60 5.19
CA LEU B 88 8.70 -11.76 4.77
C LEU B 88 8.41 -10.65 3.77
N VAL B 89 7.56 -10.95 2.79
CA VAL B 89 7.10 -9.97 1.84
C VAL B 89 5.66 -9.61 2.20
N SER B 90 5.26 -8.38 1.92
CA SER B 90 3.89 -7.97 2.11
C SER B 90 3.45 -7.13 0.94
N ALA B 91 2.17 -7.21 0.61
CA ALA B 91 1.58 -6.47 -0.49
C ALA B 91 0.54 -5.54 0.07
N SER B 92 0.56 -4.30 -0.38
CA SER B 92 -0.43 -3.34 0.09
C SER B 92 -1.04 -2.60 -1.08
N GLN B 93 -2.24 -2.08 -0.86
CA GLN B 93 -2.91 -1.23 -1.84
C GLN B 93 -2.13 0.03 -2.14
N ASP B 94 -1.08 0.33 -1.40
CA ASP B 94 -0.29 1.49 -1.74
C ASP B 94 0.60 1.25 -2.90
N GLY B 95 0.44 0.11 -3.57
CA GLY B 95 1.21 -0.20 -4.74
C GLY B 95 2.60 -0.70 -4.49
N LYS B 96 2.96 -1.00 -3.25
CA LYS B 96 4.30 -1.42 -2.91
C LYS B 96 4.29 -2.86 -2.45
N LEU B 97 5.33 -3.58 -2.82
CA LEU B 97 5.63 -4.90 -2.29
C LEU B 97 6.92 -4.73 -1.49
N ILE B 98 6.83 -4.89 -0.18
CA ILE B 98 7.95 -4.64 0.71
C ILE B 98 8.44 -5.96 1.27
N ILE B 99 9.76 -6.16 1.25
CA ILE B 99 10.39 -7.30 1.89
C ILE B 99 10.99 -6.83 3.21
N TRP B 100 10.65 -7.52 4.28
CA TRP B 100 11.07 -7.14 5.62
C TRP B 100 12.07 -8.14 6.15
N ASP B 101 13.05 -7.63 6.88
CA ASP B 101 13.81 -8.42 7.84
C ASP B 101 13.03 -8.32 9.15
N SER B 102 12.37 -9.40 9.54
CA SER B 102 11.54 -9.32 10.73
C SER B 102 12.37 -9.29 12.00
N TYR B 103 13.62 -9.75 11.96
CA TYR B 103 14.46 -9.69 13.15
C TYR B 103 14.83 -8.26 13.49
N THR B 104 15.14 -7.45 12.49
CA THR B 104 15.59 -6.09 12.71
C THR B 104 14.58 -5.04 12.30
N THR B 105 13.45 -5.45 11.71
CA THR B 105 12.45 -4.62 11.05
C THR B 105 12.98 -3.90 9.84
N ASN B 106 14.19 -4.20 9.38
CA ASN B 106 14.74 -3.53 8.22
C ASN B 106 13.98 -3.92 6.98
N LYS B 107 13.69 -2.93 6.14
CA LYS B 107 13.07 -3.15 4.85
C LYS B 107 14.16 -3.52 3.87
N VAL B 108 14.12 -4.76 3.39
CA VAL B 108 15.14 -5.20 2.45
C VAL B 108 14.90 -4.63 1.07
N HIS B 109 13.66 -4.72 0.59
CA HIS B 109 13.29 -4.19 -0.72
C HIS B 109 11.94 -3.51 -0.58
N ALA B 110 11.67 -2.56 -1.46
CA ALA B 110 10.32 -2.05 -1.67
C ALA B 110 10.06 -2.07 -3.17
N ILE B 111 9.20 -2.98 -3.61
CA ILE B 111 8.98 -3.24 -5.03
C ILE B 111 7.72 -2.48 -5.44
N PRO B 112 7.81 -1.51 -6.36
CA PRO B 112 6.61 -0.82 -6.82
C PRO B 112 5.89 -1.62 -7.90
N LEU B 113 4.61 -1.88 -7.67
CA LEU B 113 3.81 -2.67 -8.58
C LEU B 113 3.18 -1.81 -9.67
N ARG B 114 2.99 -2.41 -10.85
CA ARG B 114 2.27 -1.72 -11.91
C ARG B 114 0.82 -1.47 -11.52
N SER B 115 0.22 -2.42 -10.81
CA SER B 115 -1.14 -2.31 -10.33
C SER B 115 -1.11 -2.27 -8.80
N SER B 116 -1.67 -1.22 -8.22
CA SER B 116 -1.75 -1.16 -6.77
C SER B 116 -2.82 -2.07 -6.22
N TRP B 117 -3.64 -2.67 -7.08
CA TRP B 117 -4.77 -3.48 -6.65
C TRP B 117 -4.35 -4.92 -6.44
N VAL B 118 -3.39 -5.07 -5.56
CA VAL B 118 -2.77 -6.36 -5.30
C VAL B 118 -3.50 -7.03 -4.17
N MET B 119 -3.85 -8.29 -4.35
CA MET B 119 -4.55 -9.04 -3.33
C MET B 119 -3.74 -10.17 -2.74
N THR B 120 -2.66 -10.58 -3.38
CA THR B 120 -1.90 -11.72 -2.90
C THR B 120 -0.42 -11.47 -3.16
N CYS B 121 0.40 -12.12 -2.36
CA CYS B 121 1.84 -12.13 -2.56
C CYS B 121 2.37 -13.46 -2.07
N ALA B 122 3.36 -13.97 -2.78
CA ALA B 122 4.04 -15.20 -2.42
C ALA B 122 5.53 -14.94 -2.41
N TYR B 123 6.25 -15.67 -1.58
CA TYR B 123 7.67 -15.48 -1.46
C TYR B 123 8.24 -16.81 -1.88
N ALA B 124 9.14 -16.84 -2.86
CA ALA B 124 9.65 -18.12 -3.35
C ALA B 124 10.38 -18.86 -2.24
N PRO B 125 10.28 -20.19 -2.18
CA PRO B 125 11.02 -20.92 -1.15
C PRO B 125 12.53 -20.75 -1.27
N SER B 126 13.05 -20.51 -2.46
CA SER B 126 14.44 -20.17 -2.60
C SER B 126 14.75 -18.78 -2.07
N GLY B 127 13.77 -17.90 -2.02
CA GLY B 127 14.00 -16.52 -1.71
C GLY B 127 14.44 -15.68 -2.87
N ASN B 128 14.57 -16.28 -4.05
CA ASN B 128 15.00 -15.53 -5.21
C ASN B 128 13.89 -14.76 -5.88
N TYR B 129 12.64 -15.05 -5.52
CA TYR B 129 11.51 -14.47 -6.20
C TYR B 129 10.40 -14.17 -5.20
N VAL B 130 9.64 -13.13 -5.52
CA VAL B 130 8.34 -12.92 -4.91
C VAL B 130 7.33 -12.87 -6.03
N ALA B 131 6.11 -13.24 -5.72
CA ALA B 131 4.99 -13.08 -6.63
C ALA B 131 3.98 -12.15 -5.98
N CYS B 132 3.20 -11.49 -6.83
CA CYS B 132 2.05 -10.75 -6.34
C CYS B 132 1.05 -10.65 -7.48
N GLY B 133 -0.21 -10.49 -7.11
CA GLY B 133 -1.23 -10.27 -8.10
C GLY B 133 -2.48 -9.78 -7.43
N GLY B 134 -3.47 -9.47 -8.26
CA GLY B 134 -4.73 -8.98 -7.75
C GLY B 134 -5.68 -8.66 -8.87
N LEU B 135 -6.25 -7.46 -8.84
CA LEU B 135 -7.28 -7.08 -9.80
C LEU B 135 -6.76 -6.94 -11.21
N ASP B 136 -5.44 -6.96 -11.42
CA ASP B 136 -4.92 -6.91 -12.78
C ASP B 136 -5.01 -8.24 -13.49
N ASN B 137 -5.45 -9.30 -12.80
CA ASN B 137 -5.59 -10.64 -13.39
C ASN B 137 -4.26 -11.23 -13.80
N ILE B 138 -3.17 -10.72 -13.26
CA ILE B 138 -1.82 -11.15 -13.62
C ILE B 138 -1.06 -11.48 -12.34
N CYS B 139 -0.35 -12.61 -12.35
CA CYS B 139 0.67 -12.90 -11.36
C CYS B 139 1.98 -12.38 -11.89
N SER B 140 2.57 -11.42 -11.18
CA SER B 140 3.88 -10.90 -11.52
C SER B 140 4.90 -11.57 -10.63
N ILE B 141 5.94 -12.11 -11.24
CA ILE B 141 7.06 -12.70 -10.54
C ILE B 141 8.17 -11.67 -10.53
N TYR B 142 8.79 -11.45 -9.37
CA TYR B 142 9.80 -10.43 -9.22
C TYR B 142 11.12 -11.11 -8.89
N ASN B 143 12.15 -10.80 -9.66
CA ASN B 143 13.48 -11.33 -9.44
C ASN B 143 14.13 -10.54 -8.31
N LEU B 144 14.20 -11.14 -7.13
CA LEU B 144 14.78 -10.48 -5.97
C LEU B 144 16.29 -10.40 -6.07
N LYS B 145 16.91 -11.39 -6.69
CA LYS B 145 18.36 -11.52 -6.74
C LYS B 145 18.82 -11.31 -8.18
N THR B 146 18.92 -10.05 -8.56
CA THR B 146 19.39 -9.64 -9.87
C THR B 146 20.82 -9.14 -9.78
N ARG B 147 21.53 -9.26 -10.89
CA ARG B 147 22.90 -8.78 -10.96
C ARG B 147 22.97 -7.27 -10.80
N GLU B 148 22.03 -6.55 -11.38
CA GLU B 148 21.76 -5.17 -11.00
C GLU B 148 21.10 -5.14 -9.63
N GLY B 149 21.22 -4.02 -8.95
CA GLY B 149 20.79 -4.10 -7.58
C GLY B 149 19.32 -4.00 -7.32
N ASN B 150 18.51 -3.98 -8.37
CA ASN B 150 17.08 -3.73 -8.28
C ASN B 150 16.31 -5.04 -8.36
N VAL B 151 15.09 -5.00 -7.84
CA VAL B 151 14.12 -6.06 -8.06
C VAL B 151 13.36 -5.71 -9.33
N ARG B 152 13.34 -6.62 -10.29
CA ARG B 152 12.61 -6.41 -11.53
C ARG B 152 11.56 -7.49 -11.70
N VAL B 153 10.56 -7.18 -12.54
CA VAL B 153 9.53 -8.15 -12.86
C VAL B 153 10.11 -9.16 -13.82
N SER B 154 10.21 -10.41 -13.38
CA SER B 154 10.76 -11.43 -14.24
C SER B 154 9.73 -12.04 -15.18
N ARG B 155 8.46 -12.06 -14.78
CA ARG B 155 7.44 -12.71 -15.56
C ARG B 155 6.09 -12.12 -15.19
N GLU B 156 5.24 -11.95 -16.20
CA GLU B 156 3.86 -11.49 -16.03
C GLU B 156 2.96 -12.64 -16.45
N LEU B 157 2.29 -13.27 -15.48
CA LEU B 157 1.53 -14.48 -15.76
C LEU B 157 0.09 -14.10 -16.07
N ALA B 158 -0.16 -13.84 -17.34
CA ALA B 158 -1.49 -13.50 -17.85
C ALA B 158 -2.20 -14.77 -18.31
N GLY B 159 -3.52 -14.74 -18.22
CA GLY B 159 -4.29 -15.90 -18.62
C GLY B 159 -5.49 -16.11 -17.73
N HIS B 160 -5.43 -15.57 -16.53
CA HIS B 160 -6.58 -15.54 -15.67
C HIS B 160 -7.51 -14.42 -16.14
N THR B 161 -8.81 -14.69 -16.16
CA THR B 161 -9.78 -13.68 -16.54
C THR B 161 -10.46 -13.04 -15.34
N GLY B 162 -10.09 -13.42 -14.13
CA GLY B 162 -10.46 -12.71 -12.93
C GLY B 162 -9.24 -12.36 -12.12
N TYR B 163 -9.47 -11.65 -11.03
CA TYR B 163 -8.36 -11.26 -10.16
C TYR B 163 -7.67 -12.49 -9.60
N LEU B 164 -6.41 -12.31 -9.20
CA LEU B 164 -5.72 -13.36 -8.45
C LEU B 164 -5.92 -13.17 -6.97
N SER B 165 -6.43 -14.20 -6.32
CA SER B 165 -6.62 -14.18 -4.90
C SER B 165 -5.48 -14.81 -4.13
N CYS B 166 -4.77 -15.77 -4.71
CA CYS B 166 -3.62 -16.37 -4.06
C CYS B 166 -2.65 -16.84 -5.13
N CYS B 167 -1.38 -16.92 -4.75
CA CYS B 167 -0.33 -17.48 -5.57
C CYS B 167 0.65 -18.14 -4.63
N ARG B 168 1.22 -19.27 -5.05
CA ARG B 168 2.18 -20.00 -4.22
C ARG B 168 3.22 -20.61 -5.13
N PHE B 169 4.48 -20.32 -4.86
CA PHE B 169 5.56 -20.93 -5.63
C PHE B 169 5.70 -22.39 -5.30
N LEU B 170 5.78 -23.22 -6.34
CA LEU B 170 6.22 -24.60 -6.17
C LEU B 170 7.74 -24.65 -6.10
N ASP B 171 8.39 -23.94 -7.01
CA ASP B 171 9.82 -23.75 -7.04
C ASP B 171 10.08 -22.47 -7.83
N ASP B 172 11.31 -22.24 -8.24
CA ASP B 172 11.62 -21.01 -8.94
C ASP B 172 10.93 -20.91 -10.28
N ASN B 173 10.54 -22.04 -10.88
CA ASN B 173 9.95 -22.06 -12.20
C ASN B 173 8.46 -22.38 -12.21
N GLN B 174 7.90 -22.82 -11.10
CA GLN B 174 6.51 -23.21 -11.07
C GLN B 174 5.78 -22.45 -9.97
N ILE B 175 4.55 -22.07 -10.25
CA ILE B 175 3.75 -21.30 -9.31
C ILE B 175 2.29 -21.61 -9.58
N VAL B 176 1.55 -21.84 -8.53
CA VAL B 176 0.12 -22.08 -8.64
C VAL B 176 -0.61 -20.84 -8.19
N THR B 177 -1.56 -20.38 -9.00
CA THR B 177 -2.34 -19.19 -8.73
C THR B 177 -3.81 -19.55 -8.74
N SER B 178 -4.55 -19.03 -7.78
CA SER B 178 -6.00 -19.09 -7.75
C SER B 178 -6.55 -17.77 -8.26
N SER B 179 -7.78 -17.80 -8.74
CA SER B 179 -8.33 -16.63 -9.39
C SER B 179 -9.81 -16.50 -9.11
N GLY B 180 -10.32 -15.29 -9.36
CA GLY B 180 -11.74 -15.05 -9.38
C GLY B 180 -12.43 -15.54 -10.63
N ASP B 181 -11.69 -15.98 -11.63
CA ASP B 181 -12.31 -16.64 -12.75
C ASP B 181 -12.69 -18.06 -12.43
N THR B 182 -12.62 -18.43 -11.15
CA THR B 182 -13.02 -19.72 -10.59
C THR B 182 -12.03 -20.82 -10.92
N THR B 183 -10.87 -20.51 -11.48
CA THR B 183 -9.90 -21.52 -11.84
C THR B 183 -8.59 -21.26 -11.13
N CYS B 184 -8.02 -22.32 -10.58
CA CYS B 184 -6.61 -22.30 -10.22
C CYS B 184 -5.80 -22.70 -11.44
N ALA B 185 -4.53 -22.34 -11.43
CA ALA B 185 -3.66 -22.63 -12.56
C ALA B 185 -2.28 -22.93 -12.06
N LEU B 186 -1.60 -23.86 -12.73
CA LEU B 186 -0.18 -24.06 -12.53
C LEU B 186 0.54 -23.43 -13.70
N TRP B 187 1.57 -22.66 -13.43
CA TRP B 187 2.28 -21.93 -14.45
C TRP B 187 3.70 -22.43 -14.56
N ASP B 188 4.25 -22.31 -15.75
CA ASP B 188 5.68 -22.45 -15.97
C ASP B 188 6.22 -21.04 -16.10
N ILE B 189 6.90 -20.55 -15.07
CA ILE B 189 7.30 -19.15 -15.06
C ILE B 189 8.25 -18.84 -16.21
N GLU B 190 9.11 -19.78 -16.58
CA GLU B 190 10.01 -19.55 -17.71
C GLU B 190 9.23 -19.24 -18.97
N THR B 191 8.27 -20.09 -19.32
CA THR B 191 7.47 -19.86 -20.51
C THR B 191 6.30 -18.92 -20.28
N GLY B 192 5.82 -18.83 -19.04
CA GLY B 192 4.71 -17.97 -18.73
C GLY B 192 3.37 -18.57 -19.05
N GLN B 193 3.32 -19.86 -19.33
CA GLN B 193 2.11 -20.50 -19.79
C GLN B 193 1.49 -21.31 -18.66
N GLN B 194 0.18 -21.40 -18.67
CA GLN B 194 -0.53 -22.25 -17.73
C GLN B 194 -0.20 -23.69 -18.06
N THR B 195 0.71 -24.29 -17.30
CA THR B 195 1.03 -25.68 -17.49
C THR B 195 -0.17 -26.57 -17.17
N THR B 196 -0.99 -26.16 -16.22
CA THR B 196 -2.20 -26.89 -15.89
C THR B 196 -3.23 -25.88 -15.41
N THR B 197 -4.47 -26.04 -15.86
CA THR B 197 -5.58 -25.26 -15.37
C THR B 197 -6.45 -26.16 -14.52
N PHE B 198 -6.77 -25.71 -13.32
CA PHE B 198 -7.51 -26.50 -12.34
C PHE B 198 -8.93 -25.96 -12.27
N THR B 199 -9.77 -26.45 -13.16
CA THR B 199 -11.15 -26.02 -13.24
C THR B 199 -12.02 -26.92 -12.39
N GLY B 200 -13.17 -26.39 -11.97
CA GLY B 200 -14.11 -27.18 -11.21
C GLY B 200 -14.79 -26.36 -10.14
N HIS B 201 -14.12 -25.34 -9.65
CA HIS B 201 -14.74 -24.40 -8.73
C HIS B 201 -15.78 -23.59 -9.48
N THR B 202 -16.96 -23.45 -8.87
CA THR B 202 -18.02 -22.65 -9.46
C THR B 202 -17.98 -21.19 -9.02
N GLY B 203 -17.47 -20.90 -7.83
CA GLY B 203 -17.32 -19.54 -7.36
C GLY B 203 -15.86 -19.11 -7.38
N ASP B 204 -15.65 -17.85 -7.01
CA ASP B 204 -14.32 -17.27 -6.99
C ASP B 204 -13.41 -18.07 -6.08
N VAL B 205 -12.23 -18.44 -6.55
CA VAL B 205 -11.28 -19.14 -5.70
C VAL B 205 -10.48 -18.10 -4.94
N MET B 206 -10.49 -18.20 -3.61
CA MET B 206 -9.98 -17.14 -2.78
C MET B 206 -8.62 -17.44 -2.17
N SER B 207 -8.17 -18.67 -2.24
CA SER B 207 -7.01 -19.08 -1.49
C SER B 207 -6.43 -20.36 -2.04
N LEU B 208 -5.16 -20.57 -1.77
CA LEU B 208 -4.46 -21.83 -2.00
C LEU B 208 -3.65 -22.18 -0.79
N SER B 209 -3.36 -23.46 -0.65
CA SER B 209 -2.31 -23.92 0.24
C SER B 209 -1.65 -25.09 -0.45
N LEU B 210 -0.38 -24.93 -0.81
CA LEU B 210 0.40 -26.05 -1.31
C LEU B 210 0.64 -27.05 -0.19
N ALA B 211 0.59 -28.33 -0.53
CA ALA B 211 0.95 -29.34 0.42
C ALA B 211 2.45 -29.24 0.72
N PRO B 212 2.87 -29.67 1.90
CA PRO B 212 4.29 -29.54 2.26
C PRO B 212 5.24 -30.21 1.28
N ASP B 213 4.84 -31.34 0.69
CA ASP B 213 5.64 -31.94 -0.37
C ASP B 213 5.35 -31.33 -1.73
N THR B 214 4.35 -30.44 -1.81
CA THR B 214 3.96 -29.72 -3.01
C THR B 214 3.59 -30.64 -4.17
N ARG B 215 3.13 -31.84 -3.86
CA ARG B 215 2.61 -32.73 -4.90
C ARG B 215 1.13 -32.53 -5.12
N LEU B 216 0.49 -31.74 -4.28
CA LEU B 216 -0.95 -31.53 -4.32
C LEU B 216 -1.24 -30.26 -3.53
N PHE B 217 -2.43 -29.70 -3.73
CA PHE B 217 -2.76 -28.46 -3.04
C PHE B 217 -4.26 -28.34 -2.91
N VAL B 218 -4.68 -27.50 -1.96
CA VAL B 218 -6.09 -27.23 -1.73
C VAL B 218 -6.38 -25.80 -2.11
N SER B 219 -7.60 -25.55 -2.52
CA SER B 219 -8.06 -24.21 -2.82
C SER B 219 -9.45 -24.05 -2.26
N GLY B 220 -9.71 -22.89 -1.67
CA GLY B 220 -11.01 -22.55 -1.16
C GLY B 220 -11.64 -21.50 -2.06
N ALA B 221 -12.92 -21.67 -2.33
CA ALA B 221 -13.61 -20.76 -3.22
C ALA B 221 -14.88 -20.23 -2.59
N CYS B 222 -15.45 -19.24 -3.26
CA CYS B 222 -16.68 -18.59 -2.84
C CYS B 222 -17.89 -19.49 -3.00
N ASP B 223 -17.75 -20.63 -3.63
CA ASP B 223 -18.85 -21.58 -3.59
C ASP B 223 -18.83 -22.41 -2.34
N ALA B 224 -18.10 -21.93 -1.33
CA ALA B 224 -18.00 -22.56 -0.02
C ALA B 224 -17.42 -23.97 -0.10
N SER B 225 -16.65 -24.25 -1.13
CA SER B 225 -16.05 -25.56 -1.33
C SER B 225 -14.53 -25.45 -1.29
N ALA B 226 -13.90 -26.46 -0.74
CA ALA B 226 -12.46 -26.60 -0.76
C ALA B 226 -12.13 -27.82 -1.60
N LYS B 227 -11.31 -27.62 -2.62
CA LYS B 227 -10.99 -28.69 -3.56
C LYS B 227 -9.53 -29.07 -3.43
N LEU B 228 -9.28 -30.36 -3.25
CA LEU B 228 -7.93 -30.89 -3.25
C LEU B 228 -7.52 -31.19 -4.69
N TRP B 229 -6.43 -30.57 -5.12
CA TRP B 229 -5.98 -30.70 -6.50
C TRP B 229 -4.71 -31.52 -6.56
N ASP B 230 -4.50 -32.16 -7.69
CA ASP B 230 -3.25 -32.85 -7.99
C ASP B 230 -2.45 -31.97 -8.93
N VAL B 231 -1.26 -31.56 -8.52
CA VAL B 231 -0.48 -30.67 -9.36
C VAL B 231 -0.09 -31.37 -10.65
N ARG B 232 0.46 -32.58 -10.55
CA ARG B 232 0.91 -33.28 -11.75
C ARG B 232 -0.25 -33.72 -12.63
N GLU B 233 -1.26 -34.36 -12.03
CA GLU B 233 -2.41 -34.81 -12.82
C GLU B 233 -3.20 -33.62 -13.37
N GLY B 234 -3.50 -32.65 -12.53
CA GLY B 234 -4.35 -31.56 -12.92
C GLY B 234 -5.81 -31.74 -12.58
N MET B 235 -6.13 -32.74 -11.78
CA MET B 235 -7.52 -33.09 -11.52
C MET B 235 -7.86 -32.86 -10.06
N CYS B 236 -9.14 -32.68 -9.80
CA CYS B 236 -9.64 -32.46 -8.45
C CYS B 236 -9.74 -33.81 -7.76
N ARG B 237 -8.85 -34.06 -6.81
CA ARG B 237 -8.89 -35.34 -6.10
C ARG B 237 -10.10 -35.42 -5.18
N GLN B 238 -10.38 -34.35 -4.44
CA GLN B 238 -11.45 -34.34 -3.46
C GLN B 238 -12.06 -32.96 -3.41
N THR B 239 -13.32 -32.90 -2.98
CA THR B 239 -14.03 -31.65 -2.75
C THR B 239 -14.54 -31.63 -1.33
N PHE B 240 -14.28 -30.54 -0.61
CA PHE B 240 -14.65 -30.43 0.79
C PHE B 240 -15.63 -29.29 0.96
N THR B 241 -16.85 -29.61 1.40
CA THR B 241 -17.96 -28.66 1.48
C THR B 241 -18.61 -28.78 2.84
N GLY B 242 -18.23 -27.90 3.75
CA GLY B 242 -18.91 -27.80 5.03
C GLY B 242 -19.29 -26.39 5.38
N HIS B 243 -18.64 -25.42 4.72
CA HIS B 243 -18.84 -24.03 5.05
C HIS B 243 -20.17 -23.51 4.51
N GLU B 244 -20.71 -22.51 5.19
CA GLU B 244 -21.93 -21.88 4.75
C GLU B 244 -21.71 -20.66 3.87
N SER B 245 -20.47 -20.17 3.79
CA SER B 245 -20.20 -19.00 2.98
C SER B 245 -18.82 -19.09 2.36
N ASP B 246 -18.38 -17.98 1.76
CA ASP B 246 -17.17 -17.97 0.97
C ASP B 246 -15.98 -18.37 1.82
N ILE B 247 -15.10 -19.20 1.27
CA ILE B 247 -13.87 -19.58 1.96
C ILE B 247 -12.79 -18.59 1.55
N ASN B 248 -12.37 -17.75 2.48
CA ASN B 248 -11.33 -16.75 2.21
C ASN B 248 -9.93 -17.25 2.47
N ALA B 249 -9.79 -18.26 3.31
CA ALA B 249 -8.50 -18.71 3.79
C ALA B 249 -8.43 -20.23 3.76
N ILE B 250 -7.25 -20.75 3.47
CA ILE B 250 -7.01 -22.18 3.49
C ILE B 250 -5.55 -22.40 3.84
N CYS B 251 -5.29 -23.49 4.56
CA CYS B 251 -3.96 -23.80 5.06
C CYS B 251 -3.86 -25.30 5.27
N PHE B 252 -2.84 -25.93 4.69
CA PHE B 252 -2.52 -27.31 5.05
C PHE B 252 -1.99 -27.43 6.46
N PHE B 253 -2.41 -28.51 7.12
CA PHE B 253 -1.76 -28.97 8.33
C PHE B 253 -0.30 -29.29 8.03
N PRO B 254 0.58 -29.15 9.01
CA PRO B 254 2.02 -29.32 8.73
C PRO B 254 2.40 -30.67 8.14
N ASN B 255 1.68 -31.73 8.46
CA ASN B 255 1.97 -33.03 7.86
C ASN B 255 1.31 -33.23 6.51
N GLY B 256 0.51 -32.28 6.05
CA GLY B 256 -0.08 -32.35 4.74
C GLY B 256 -1.23 -33.32 4.61
N ASN B 257 -1.69 -33.91 5.69
CA ASN B 257 -2.80 -34.83 5.68
C ASN B 257 -4.11 -34.16 6.06
N ALA B 258 -4.07 -32.89 6.44
CA ALA B 258 -5.26 -32.14 6.78
C ALA B 258 -5.08 -30.72 6.30
N PHE B 259 -6.17 -29.97 6.29
CA PHE B 259 -6.10 -28.55 6.02
C PHE B 259 -7.24 -27.87 6.75
N ALA B 260 -7.06 -26.58 6.99
CA ALA B 260 -8.05 -25.76 7.67
C ALA B 260 -8.48 -24.65 6.74
N THR B 261 -9.77 -24.30 6.82
CA THR B 261 -10.34 -23.28 5.98
C THR B 261 -10.92 -22.19 6.86
N GLY B 262 -10.87 -20.96 6.38
CA GLY B 262 -11.50 -19.86 7.07
C GLY B 262 -12.48 -19.15 6.17
N SER B 263 -13.74 -19.09 6.57
CA SER B 263 -14.78 -18.61 5.69
C SER B 263 -15.42 -17.34 6.21
N ASP B 264 -16.33 -16.81 5.41
CA ASP B 264 -17.08 -15.61 5.76
C ASP B 264 -18.16 -15.88 6.79
N ASP B 265 -18.50 -17.14 7.04
CA ASP B 265 -19.52 -17.44 8.02
C ASP B 265 -18.97 -17.52 9.41
N ALA B 266 -17.85 -16.84 9.67
CA ALA B 266 -17.27 -16.63 10.98
C ALA B 266 -16.74 -17.90 11.60
N THR B 267 -16.45 -18.92 10.79
CA THR B 267 -16.02 -20.20 11.31
C THR B 267 -14.81 -20.69 10.53
N CYS B 268 -13.98 -21.45 11.21
CA CYS B 268 -12.92 -22.21 10.59
C CYS B 268 -13.27 -23.68 10.67
N ARG B 269 -12.77 -24.45 9.73
CA ARG B 269 -13.00 -25.89 9.73
C ARG B 269 -11.71 -26.59 9.40
N LEU B 270 -11.50 -27.75 10.03
CA LEU B 270 -10.37 -28.61 9.73
C LEU B 270 -10.89 -29.78 8.91
N PHE B 271 -10.38 -29.95 7.70
CA PHE B 271 -10.73 -31.07 6.86
C PHE B 271 -9.57 -32.03 6.77
N ASP B 272 -9.86 -33.32 6.74
CA ASP B 272 -8.83 -34.34 6.61
C ASP B 272 -8.84 -34.90 5.19
N LEU B 273 -7.67 -34.94 4.57
CA LEU B 273 -7.57 -35.43 3.20
C LEU B 273 -7.95 -36.89 3.11
N ARG B 274 -7.45 -37.71 4.04
CA ARG B 274 -7.66 -39.16 3.93
C ARG B 274 -9.04 -39.56 4.42
N ALA B 275 -9.49 -39.00 5.54
CA ALA B 275 -10.84 -39.29 6.00
C ALA B 275 -11.89 -38.62 5.11
N ASP B 276 -11.47 -37.63 4.33
CA ASP B 276 -12.37 -36.90 3.43
C ASP B 276 -13.53 -36.27 4.20
N GLN B 277 -13.22 -35.67 5.35
CA GLN B 277 -14.22 -35.25 6.30
C GLN B 277 -14.01 -33.81 6.70
N GLU B 278 -14.94 -33.31 7.51
CA GLU B 278 -14.74 -32.10 8.27
C GLU B 278 -14.60 -32.48 9.73
N LEU B 279 -13.35 -32.66 10.18
CA LEU B 279 -13.10 -33.14 11.54
C LEU B 279 -13.60 -32.15 12.58
N MET B 280 -13.27 -30.88 12.43
CA MET B 280 -13.44 -29.95 13.54
C MET B 280 -13.88 -28.59 13.00
N THR B 281 -14.68 -27.89 13.79
CA THR B 281 -15.15 -26.54 13.47
C THR B 281 -14.64 -25.58 14.53
N TYR B 282 -13.97 -24.51 14.09
CA TYR B 282 -13.41 -23.53 15.00
C TYR B 282 -14.27 -22.26 14.93
N SER B 283 -15.31 -22.24 15.76
CA SER B 283 -16.25 -21.14 15.78
C SER B 283 -16.52 -20.72 17.21
N HIS B 284 -16.85 -19.44 17.37
CA HIS B 284 -17.32 -18.90 18.63
C HIS B 284 -18.61 -18.13 18.39
N ASP B 285 -19.49 -18.14 19.39
CA ASP B 285 -20.79 -17.51 19.25
C ASP B 285 -20.65 -16.00 19.08
N ASN B 286 -19.75 -15.37 19.82
CA ASN B 286 -19.59 -13.93 19.69
C ASN B 286 -18.69 -13.55 18.53
N ILE B 287 -18.20 -14.52 17.78
CA ILE B 287 -17.50 -14.26 16.53
C ILE B 287 -18.53 -14.30 15.42
N ILE B 288 -18.78 -13.15 14.80
CA ILE B 288 -19.69 -13.07 13.67
C ILE B 288 -19.03 -12.57 12.40
N CYS B 289 -17.81 -12.04 12.50
CA CYS B 289 -17.06 -11.58 11.35
C CYS B 289 -16.41 -12.77 10.64
N GLY B 290 -16.15 -12.59 9.35
CA GLY B 290 -15.51 -13.65 8.59
C GLY B 290 -14.03 -13.73 8.85
N ILE B 291 -13.44 -14.83 8.42
CA ILE B 291 -12.02 -15.10 8.58
C ILE B 291 -11.30 -14.71 7.30
N THR B 292 -10.28 -13.88 7.43
CA THR B 292 -9.49 -13.46 6.30
C THR B 292 -8.32 -14.37 6.01
N SER B 293 -7.77 -15.02 7.03
CA SER B 293 -6.55 -15.80 6.89
C SER B 293 -6.48 -16.82 8.01
N VAL B 294 -6.00 -18.01 7.69
CA VAL B 294 -5.76 -19.04 8.70
C VAL B 294 -4.33 -19.52 8.51
N SER B 295 -3.74 -19.98 9.61
CA SER B 295 -2.44 -20.63 9.54
C SER B 295 -2.29 -21.53 10.75
N PHE B 296 -1.38 -22.49 10.62
CA PHE B 296 -1.10 -23.46 11.67
C PHE B 296 0.25 -23.18 12.32
N SER B 297 0.43 -23.72 13.52
CA SER B 297 1.73 -23.72 14.18
C SER B 297 2.63 -24.77 13.56
N LYS B 298 3.90 -24.74 13.95
CA LYS B 298 4.85 -25.71 13.42
C LYS B 298 4.44 -27.13 13.76
N SER B 299 4.02 -27.37 15.00
CA SER B 299 3.45 -28.65 15.35
C SER B 299 2.01 -28.80 14.86
N GLY B 300 1.41 -27.71 14.40
CA GLY B 300 0.04 -27.74 13.94
C GLY B 300 -0.99 -27.76 15.02
N ARG B 301 -0.60 -27.60 16.29
CA ARG B 301 -1.60 -27.63 17.35
C ARG B 301 -2.40 -26.34 17.39
N LEU B 302 -1.85 -25.25 16.92
CA LEU B 302 -2.53 -23.97 16.94
C LEU B 302 -2.99 -23.64 15.53
N LEU B 303 -4.25 -23.27 15.40
CA LEU B 303 -4.76 -22.69 14.17
C LEU B 303 -4.95 -21.21 14.44
N LEU B 304 -4.08 -20.39 13.88
CA LEU B 304 -4.14 -18.96 14.05
C LEU B 304 -4.94 -18.39 12.89
N ALA B 305 -6.11 -17.84 13.19
CA ALA B 305 -7.00 -17.32 12.16
C ALA B 305 -7.19 -15.83 12.35
N GLY B 306 -7.01 -15.07 11.28
CA GLY B 306 -7.27 -13.66 11.30
C GLY B 306 -8.71 -13.36 10.95
N TYR B 307 -9.25 -12.33 11.56
CA TYR B 307 -10.68 -12.05 11.48
C TYR B 307 -10.92 -10.62 11.04
N ASP B 308 -12.16 -10.36 10.62
CA ASP B 308 -12.57 -9.01 10.27
C ASP B 308 -12.74 -8.13 11.50
N ASP B 309 -12.90 -8.72 12.68
CA ASP B 309 -13.12 -7.95 13.90
C ASP B 309 -11.84 -7.36 14.44
N PHE B 310 -10.84 -7.23 13.59
CA PHE B 310 -9.57 -6.55 13.79
C PHE B 310 -8.55 -7.41 14.52
N ASN B 311 -8.92 -8.57 15.05
CA ASN B 311 -7.99 -9.32 15.88
C ASN B 311 -7.96 -10.78 15.48
N CYS B 312 -6.74 -11.30 15.41
CA CYS B 312 -6.46 -12.70 15.15
C CYS B 312 -6.78 -13.54 16.38
N ASN B 313 -7.17 -14.78 16.14
CA ASN B 313 -7.49 -15.70 17.21
C ASN B 313 -6.57 -16.91 17.12
N VAL B 314 -6.08 -17.34 18.27
CA VAL B 314 -5.33 -18.58 18.37
C VAL B 314 -6.29 -19.66 18.84
N TRP B 315 -6.36 -20.74 18.08
CA TRP B 315 -7.24 -21.85 18.39
C TRP B 315 -6.40 -23.07 18.71
N ASP B 316 -6.85 -23.85 19.68
CA ASP B 316 -6.33 -25.20 19.81
C ASP B 316 -6.85 -26.01 18.65
N ALA B 317 -5.97 -26.38 17.72
CA ALA B 317 -6.42 -27.09 16.54
C ALA B 317 -7.01 -28.45 16.86
N LEU B 318 -6.73 -29.00 18.04
CA LEU B 318 -7.20 -30.32 18.39
C LEU B 318 -8.40 -30.31 19.33
N LYS B 319 -8.65 -29.22 20.04
CA LYS B 319 -9.75 -29.18 20.99
C LYS B 319 -10.77 -28.10 20.69
N ALA B 320 -10.53 -27.23 19.71
CA ALA B 320 -11.51 -26.27 19.22
C ALA B 320 -11.92 -25.28 20.30
N ASP B 321 -10.96 -24.73 21.03
CA ASP B 321 -11.21 -23.66 21.96
C ASP B 321 -10.15 -22.59 21.78
N ARG B 322 -10.51 -21.32 21.97
CA ARG B 322 -9.53 -20.27 21.74
C ARG B 322 -8.48 -20.33 22.84
N ALA B 323 -7.27 -20.68 22.47
CA ALA B 323 -6.15 -20.55 23.37
C ALA B 323 -5.82 -19.09 23.63
N GLY B 324 -5.83 -18.25 22.60
CA GLY B 324 -5.40 -16.88 22.78
C GLY B 324 -5.96 -15.98 21.71
N VAL B 325 -5.64 -14.70 21.83
CA VAL B 325 -6.07 -13.68 20.87
C VAL B 325 -4.88 -12.79 20.56
N LEU B 326 -4.65 -12.53 19.29
CA LEU B 326 -3.64 -11.56 18.86
C LEU B 326 -4.29 -10.21 18.56
N ALA B 327 -4.96 -9.66 19.55
CA ALA B 327 -5.45 -8.30 19.42
C ALA B 327 -4.28 -7.35 19.31
N GLY B 328 -4.45 -6.28 18.55
CA GLY B 328 -3.33 -5.43 18.25
C GLY B 328 -3.36 -4.76 16.90
N HIS B 329 -4.44 -4.94 16.15
CA HIS B 329 -4.61 -4.29 14.86
C HIS B 329 -5.82 -3.37 14.92
N ASP B 330 -5.71 -2.22 14.28
CA ASP B 330 -6.75 -1.21 14.27
C ASP B 330 -7.71 -1.37 13.10
N ASN B 331 -7.54 -2.39 12.28
CA ASN B 331 -8.45 -2.69 11.21
C ASN B 331 -8.45 -4.19 11.00
N ARG B 332 -9.15 -4.62 9.96
CA ARG B 332 -9.28 -6.04 9.63
C ARG B 332 -7.92 -6.70 9.46
N VAL B 333 -7.70 -7.81 10.17
CA VAL B 333 -6.50 -8.60 9.96
C VAL B 333 -6.66 -9.34 8.64
N SER B 334 -5.95 -8.89 7.62
CA SER B 334 -6.17 -9.40 6.28
C SER B 334 -5.33 -10.61 5.96
N CYS B 335 -4.16 -10.75 6.56
CA CYS B 335 -3.21 -11.78 6.21
C CYS B 335 -2.45 -12.19 7.45
N LEU B 336 -2.01 -13.45 7.48
CA LEU B 336 -1.12 -13.89 8.54
C LEU B 336 -0.34 -15.10 8.05
N GLY B 337 0.78 -15.34 8.71
CA GLY B 337 1.60 -16.50 8.41
C GLY B 337 2.55 -16.82 9.53
N VAL B 338 2.75 -18.11 9.78
CA VAL B 338 3.65 -18.57 10.82
C VAL B 338 4.96 -18.98 10.16
N THR B 339 6.07 -18.60 10.77
CA THR B 339 7.38 -18.86 10.19
C THR B 339 7.58 -20.35 10.01
N ASP B 340 8.51 -20.69 9.11
CA ASP B 340 8.80 -22.10 8.86
C ASP B 340 9.46 -22.75 10.08
N ASP B 341 10.17 -21.97 10.88
CA ASP B 341 10.68 -22.48 12.14
C ASP B 341 9.63 -22.44 13.24
N GLY B 342 8.47 -21.85 12.98
CA GLY B 342 7.41 -21.79 13.95
C GLY B 342 7.60 -20.76 15.03
N MET B 343 8.65 -19.95 14.95
CA MET B 343 8.95 -19.03 16.04
C MET B 343 7.92 -17.93 16.17
N ALA B 344 7.58 -17.29 15.06
CA ALA B 344 6.79 -16.07 15.11
C ALA B 344 5.66 -16.13 14.12
N VAL B 345 4.65 -15.31 14.39
CA VAL B 345 3.50 -15.11 13.53
C VAL B 345 3.50 -13.65 13.12
N ALA B 346 3.35 -13.39 11.83
CA ALA B 346 3.14 -12.04 11.37
C ALA B 346 1.70 -11.90 10.95
N THR B 347 1.05 -10.85 11.39
CA THR B 347 -0.29 -10.50 10.95
C THR B 347 -0.21 -9.17 10.24
N GLY B 348 -0.60 -9.15 8.99
CA GLY B 348 -0.87 -7.89 8.33
C GLY B 348 -2.32 -7.54 8.47
N SER B 349 -2.64 -6.27 8.29
CA SER B 349 -4.02 -5.86 8.43
C SER B 349 -4.30 -4.67 7.52
N TRP B 350 -5.58 -4.32 7.43
CA TRP B 350 -5.99 -3.16 6.66
C TRP B 350 -5.59 -1.86 7.32
N ASP B 351 -5.09 -1.90 8.54
CA ASP B 351 -4.55 -0.72 9.17
C ASP B 351 -3.12 -0.44 8.76
N SER B 352 -2.58 -1.17 7.79
CA SER B 352 -1.30 -0.92 7.13
C SER B 352 -0.10 -1.29 7.97
N PHE B 353 -0.26 -2.12 9.01
CA PHE B 353 0.85 -2.54 9.82
C PHE B 353 0.95 -4.05 9.87
N LEU B 354 2.19 -4.53 9.85
CA LEU B 354 2.50 -5.93 10.09
C LEU B 354 3.09 -6.05 11.48
N LYS B 355 2.59 -6.98 12.25
CA LYS B 355 3.02 -7.18 13.62
C LYS B 355 3.51 -8.60 13.78
N ILE B 356 4.76 -8.75 14.21
CA ILE B 356 5.33 -10.05 14.49
C ILE B 356 5.01 -10.41 15.93
N TRP B 357 4.45 -11.58 16.14
CA TRP B 357 4.06 -12.05 17.46
C TRP B 357 4.90 -13.25 17.82
N ASN B 358 4.85 -13.64 19.08
CA ASN B 358 5.78 -14.65 19.57
C ASN B 358 5.37 -15.16 20.94
N SER C 8 -26.11 -27.28 -20.13
CA SER C 8 -25.18 -27.99 -21.00
C SER C 8 -25.08 -29.46 -20.63
N ILE C 9 -25.27 -30.34 -21.62
CA ILE C 9 -25.11 -31.77 -21.38
C ILE C 9 -23.65 -32.10 -21.13
N ALA C 10 -22.74 -31.42 -21.83
CA ALA C 10 -21.31 -31.64 -21.61
C ALA C 10 -20.91 -31.27 -20.19
N GLN C 11 -21.42 -30.16 -19.67
CA GLN C 11 -21.11 -29.77 -18.30
C GLN C 11 -21.63 -30.79 -17.30
N ALA C 12 -22.86 -31.28 -17.50
CA ALA C 12 -23.42 -32.26 -16.59
C ALA C 12 -22.65 -33.57 -16.63
N ARG C 13 -22.25 -34.02 -17.82
CA ARG C 13 -21.51 -35.27 -17.91
C ARG C 13 -20.10 -35.12 -17.34
N LYS C 14 -19.47 -33.95 -17.52
CA LYS C 14 -18.19 -33.71 -16.86
C LYS C 14 -18.34 -33.72 -15.35
N LEU C 15 -19.40 -33.11 -14.84
CA LEU C 15 -19.62 -33.08 -13.39
C LEU C 15 -19.86 -34.47 -12.84
N VAL C 16 -20.63 -35.29 -13.56
CA VAL C 16 -20.87 -36.66 -13.10
C VAL C 16 -19.59 -37.47 -13.14
N GLU C 17 -18.76 -37.29 -14.18
CA GLU C 17 -17.49 -37.99 -14.22
C GLU C 17 -16.58 -37.59 -13.07
N GLN C 18 -16.54 -36.29 -12.76
CA GLN C 18 -15.78 -35.83 -11.61
C GLN C 18 -16.29 -36.43 -10.31
N LEU C 19 -17.61 -36.40 -10.09
CA LEU C 19 -18.16 -37.03 -8.88
C LEU C 19 -17.82 -38.50 -8.81
N LYS C 20 -17.94 -39.20 -9.94
CA LYS C 20 -17.64 -40.63 -9.95
C LYS C 20 -16.21 -40.89 -9.54
N MET C 21 -15.27 -40.07 -10.02
CA MET C 21 -13.89 -40.34 -9.64
C MET C 21 -13.55 -39.72 -8.28
N GLU C 22 -14.42 -38.84 -7.76
CA GLU C 22 -14.35 -38.47 -6.35
C GLU C 22 -14.64 -39.67 -5.47
N ALA C 23 -15.75 -40.36 -5.75
CA ALA C 23 -16.20 -41.43 -4.86
C ALA C 23 -15.26 -42.62 -4.87
N ASN C 24 -14.54 -42.84 -5.96
CA ASN C 24 -13.65 -44.00 -6.07
C ASN C 24 -12.29 -43.68 -5.46
N ILE C 25 -12.31 -43.34 -4.18
CA ILE C 25 -11.10 -43.15 -3.39
C ILE C 25 -11.29 -43.84 -2.04
N ASP C 26 -10.17 -44.18 -1.41
CA ASP C 26 -10.20 -44.93 -0.17
C ASP C 26 -10.20 -43.95 1.00
N ARG C 27 -11.17 -44.13 1.90
CA ARG C 27 -11.33 -43.27 3.07
C ARG C 27 -10.92 -44.02 4.32
N ILE C 28 -10.04 -43.41 5.12
CA ILE C 28 -9.71 -43.92 6.44
C ILE C 28 -10.80 -43.48 7.41
N LYS C 29 -10.77 -44.04 8.62
CA LYS C 29 -11.73 -43.63 9.63
C LYS C 29 -11.34 -42.28 10.22
N VAL C 30 -12.34 -41.52 10.68
CA VAL C 30 -12.02 -40.26 11.35
C VAL C 30 -11.30 -40.53 12.65
N SER C 31 -11.46 -41.73 13.21
CA SER C 31 -10.67 -42.10 14.38
C SER C 31 -9.19 -42.11 14.05
N LYS C 32 -8.82 -42.78 12.96
CA LYS C 32 -7.42 -42.83 12.58
C LYS C 32 -6.91 -41.46 12.16
N ALA C 33 -7.74 -40.67 11.50
CA ALA C 33 -7.35 -39.34 11.07
C ALA C 33 -7.11 -38.43 12.27
N ALA C 34 -8.05 -38.41 13.21
CA ALA C 34 -7.89 -37.60 14.40
C ALA C 34 -6.69 -38.05 15.21
N ALA C 35 -6.46 -39.37 15.27
CA ALA C 35 -5.30 -39.89 15.99
C ALA C 35 -4.00 -39.50 15.31
N ASP C 36 -3.99 -39.47 13.97
CA ASP C 36 -2.79 -39.08 13.25
C ASP C 36 -2.45 -37.62 13.49
N LEU C 37 -3.44 -36.73 13.41
CA LEU C 37 -3.17 -35.33 13.71
C LEU C 37 -2.76 -35.15 15.17
N MET C 38 -3.44 -35.82 16.08
CA MET C 38 -3.01 -35.84 17.48
C MET C 38 -1.53 -36.18 17.57
N ALA C 39 -1.15 -37.38 17.13
CA ALA C 39 0.21 -37.88 17.26
C ALA C 39 1.21 -36.98 16.56
N TYR C 40 0.84 -36.36 15.45
CA TYR C 40 1.74 -35.37 14.85
C TYR C 40 1.91 -34.18 15.78
N CYS C 41 0.86 -33.82 16.52
CA CYS C 41 0.97 -32.66 17.39
C CYS C 41 1.82 -32.94 18.62
N GLU C 42 1.63 -34.10 19.27
CA GLU C 42 2.54 -34.44 20.37
C GLU C 42 3.95 -34.71 19.88
N ALA C 43 4.09 -35.26 18.68
CA ALA C 43 5.42 -35.54 18.16
C ALA C 43 6.20 -34.29 17.84
N HIS C 44 5.58 -33.12 17.86
CA HIS C 44 6.28 -31.88 17.55
C HIS C 44 5.97 -30.77 18.55
N ALA C 45 5.34 -31.08 19.68
CA ALA C 45 4.99 -30.04 20.64
C ALA C 45 6.22 -29.42 21.25
N LYS C 46 7.25 -30.22 21.51
CA LYS C 46 8.52 -29.66 21.96
C LYS C 46 9.12 -28.74 20.91
N GLU C 47 8.94 -29.06 19.64
CA GLU C 47 9.44 -28.25 18.53
C GLU C 47 8.39 -27.27 18.03
N ASP C 48 7.72 -26.56 18.94
CA ASP C 48 6.72 -25.57 18.56
C ASP C 48 6.91 -24.35 19.43
N PRO C 49 7.61 -23.34 18.92
CA PRO C 49 7.90 -22.17 19.75
C PRO C 49 6.66 -21.40 20.19
N LEU C 50 5.52 -21.59 19.53
CA LEU C 50 4.32 -20.86 19.93
C LEU C 50 3.58 -21.58 21.04
N LEU C 51 3.60 -22.90 21.04
CA LEU C 51 2.95 -23.65 22.11
C LEU C 51 3.61 -23.37 23.44
N THR C 52 4.92 -23.56 23.51
CA THR C 52 5.69 -23.32 24.72
C THR C 52 6.64 -22.18 24.45
N PRO C 53 6.40 -20.99 25.03
CA PRO C 53 7.31 -19.87 24.80
C PRO C 53 8.74 -20.25 25.14
N VAL C 54 9.65 -19.93 24.21
CA VAL C 54 11.07 -20.23 24.37
C VAL C 54 11.69 -19.14 25.23
N PRO C 55 12.80 -19.42 25.93
CA PRO C 55 13.46 -18.37 26.69
C PRO C 55 13.98 -17.27 25.79
N ALA C 56 14.01 -16.05 26.34
CA ALA C 56 14.32 -14.87 25.53
C ALA C 56 15.69 -14.95 24.87
N SER C 57 16.60 -15.76 25.41
CA SER C 57 17.86 -16.00 24.73
C SER C 57 17.64 -16.78 23.44
N GLU C 58 16.72 -17.74 23.46
CA GLU C 58 16.41 -18.55 22.29
C GLU C 58 15.49 -17.86 21.30
N ASN C 59 14.90 -16.73 21.68
CA ASN C 59 13.92 -16.05 20.86
C ASN C 59 14.60 -15.02 19.98
N PRO C 60 14.57 -15.17 18.66
CA PRO C 60 15.22 -14.18 17.79
C PRO C 60 14.47 -12.87 17.70
N PHE C 61 13.24 -12.82 18.20
CA PHE C 61 12.44 -11.60 18.22
C PHE C 61 12.38 -11.14 19.66
N ARG C 62 13.46 -10.52 20.11
CA ARG C 62 13.57 -9.99 21.47
C ARG C 62 14.91 -9.28 21.58
N VAL D 2 26.93 -5.10 -16.23
CA VAL D 2 27.35 -4.46 -14.99
C VAL D 2 28.81 -4.17 -15.06
N GLN D 3 29.19 -2.89 -15.00
CA GLN D 3 30.61 -2.60 -14.97
C GLN D 3 30.87 -1.34 -14.18
N LEU D 4 32.08 -1.23 -13.65
CA LEU D 4 32.59 -0.03 -13.01
C LEU D 4 33.90 0.32 -13.69
N VAL D 5 34.05 1.57 -14.11
CA VAL D 5 35.19 2.00 -14.91
C VAL D 5 35.84 3.19 -14.23
N GLU D 6 37.00 2.97 -13.62
CA GLU D 6 37.68 4.06 -12.93
C GLU D 6 38.40 4.95 -13.92
N SER D 7 38.51 6.24 -13.58
CA SER D 7 39.27 7.19 -14.37
C SER D 7 40.08 8.06 -13.43
N GLY D 8 41.18 8.60 -13.95
CA GLY D 8 42.14 9.34 -13.15
C GLY D 8 43.52 8.72 -13.22
N GLY D 9 44.23 8.71 -12.11
CA GLY D 9 45.54 8.09 -12.09
C GLY D 9 46.58 8.90 -12.84
N GLY D 10 47.74 8.26 -13.02
CA GLY D 10 48.85 8.90 -13.70
C GLY D 10 49.83 9.54 -12.75
N LEU D 11 50.93 10.02 -13.32
CA LEU D 11 51.99 10.63 -12.53
C LEU D 11 51.50 11.92 -11.88
N VAL D 12 51.60 11.97 -10.55
CA VAL D 12 51.18 13.14 -9.78
C VAL D 12 52.34 13.58 -8.92
N GLN D 13 52.67 14.88 -8.98
CA GLN D 13 53.73 15.40 -8.14
C GLN D 13 53.34 15.27 -6.67
N PRO D 14 54.25 14.85 -5.79
CA PRO D 14 53.90 14.68 -4.38
C PRO D 14 53.41 15.99 -3.79
N GLY D 15 52.40 15.88 -2.93
CA GLY D 15 51.72 17.04 -2.40
C GLY D 15 50.69 17.63 -3.33
N GLY D 16 50.52 17.09 -4.52
CA GLY D 16 49.55 17.59 -5.47
C GLY D 16 48.14 17.16 -5.13
N SER D 17 47.31 17.08 -6.18
CA SER D 17 45.93 16.66 -6.00
C SER D 17 45.36 16.16 -7.32
N ARG D 18 44.56 15.10 -7.24
CA ARG D 18 43.81 14.57 -8.36
C ARG D 18 42.46 14.07 -7.85
N LYS D 19 41.51 13.91 -8.76
CA LYS D 19 40.20 13.37 -8.43
C LYS D 19 39.96 12.13 -9.25
N LEU D 20 39.65 11.03 -8.57
CA LEU D 20 39.31 9.79 -9.23
C LEU D 20 37.83 9.76 -9.53
N SER D 21 37.47 9.21 -10.67
CA SER D 21 36.08 9.00 -11.01
C SER D 21 35.87 7.58 -11.48
N CYS D 22 34.73 7.00 -11.11
CA CYS D 22 34.27 5.75 -11.71
C CYS D 22 32.87 5.93 -12.26
N SER D 23 32.70 5.58 -13.53
CA SER D 23 31.36 5.56 -14.12
C SER D 23 30.76 4.18 -13.93
N ALA D 24 29.61 4.12 -13.27
CA ALA D 24 28.88 2.88 -13.12
C ALA D 24 27.97 2.68 -14.32
N SER D 25 27.82 1.43 -14.74
CA SER D 25 26.95 1.08 -15.84
C SER D 25 26.21 -0.19 -15.50
N GLY D 26 25.03 -0.34 -16.07
CA GLY D 26 24.38 -1.63 -16.03
C GLY D 26 23.90 -2.08 -14.68
N PHE D 27 23.83 -1.19 -13.68
CA PHE D 27 23.21 -1.55 -12.42
C PHE D 27 22.71 -0.30 -11.73
N ALA D 28 21.86 -0.52 -10.73
CA ALA D 28 21.22 0.54 -9.96
C ALA D 28 22.24 1.17 -9.01
N PHE D 29 23.14 1.98 -9.59
CA PHE D 29 24.26 2.53 -8.84
C PHE D 29 23.82 3.36 -7.64
N SER D 30 22.62 3.93 -7.70
CA SER D 30 22.19 4.76 -6.59
C SER D 30 21.93 3.93 -5.33
N SER D 31 21.66 2.64 -5.50
CA SER D 31 21.30 1.78 -4.38
C SER D 31 22.47 0.96 -3.86
N PHE D 32 23.69 1.28 -4.26
CA PHE D 32 24.88 0.57 -3.82
C PHE D 32 25.78 1.49 -3.02
N GLY D 33 26.17 1.07 -1.83
CA GLY D 33 27.29 1.69 -1.18
C GLY D 33 28.56 1.42 -1.96
N MET D 34 29.34 2.46 -2.17
CA MET D 34 30.52 2.33 -3.00
C MET D 34 31.77 2.52 -2.17
N HIS D 35 32.75 1.67 -2.42
CA HIS D 35 34.01 1.72 -1.72
C HIS D 35 35.11 2.07 -2.70
N TRP D 36 36.18 2.64 -2.18
CA TRP D 36 37.44 2.73 -2.89
C TRP D 36 38.42 1.82 -2.18
N VAL D 37 38.99 0.87 -2.91
CA VAL D 37 39.95 -0.06 -2.36
C VAL D 37 41.19 0.03 -3.22
N ARG D 38 42.33 0.33 -2.61
CA ARG D 38 43.56 0.50 -3.35
C ARG D 38 44.53 -0.64 -3.08
N GLN D 39 45.52 -0.75 -3.95
CA GLN D 39 46.51 -1.82 -3.88
C GLN D 39 47.85 -1.21 -4.23
N ALA D 40 48.75 -1.11 -3.26
CA ALA D 40 50.07 -0.58 -3.54
C ALA D 40 50.74 -1.43 -4.60
N PRO D 41 51.53 -0.83 -5.50
CA PRO D 41 51.91 -1.49 -6.75
C PRO D 41 52.46 -2.92 -6.62
N GLU D 42 52.83 -3.34 -5.43
CA GLU D 42 53.23 -4.72 -5.22
C GLU D 42 52.66 -5.34 -3.96
N LYS D 43 51.84 -4.61 -3.20
CA LYS D 43 51.37 -5.07 -1.91
C LYS D 43 49.92 -5.55 -2.02
N GLY D 44 49.31 -5.81 -0.88
CA GLY D 44 47.95 -6.31 -0.82
C GLY D 44 46.93 -5.21 -0.96
N LEU D 45 45.69 -5.55 -0.67
CA LEU D 45 44.60 -4.59 -0.82
C LEU D 45 44.47 -3.73 0.42
N GLU D 46 44.15 -2.46 0.24
CA GLU D 46 43.98 -1.56 1.37
C GLU D 46 42.75 -0.70 1.11
N TRP D 47 41.75 -0.84 1.96
CA TRP D 47 40.49 -0.13 1.77
C TRP D 47 40.69 1.37 2.01
N VAL D 48 40.01 2.20 1.23
CA VAL D 48 40.25 3.63 1.24
C VAL D 48 39.07 4.39 1.86
N ALA D 49 37.89 4.22 1.30
CA ALA D 49 36.74 5.03 1.68
C ALA D 49 35.46 4.31 1.31
N TYR D 50 34.35 4.75 1.89
CA TYR D 50 33.05 4.15 1.65
C TYR D 50 32.00 5.23 1.67
N ILE D 51 31.39 5.52 0.53
CA ILE D 51 30.19 6.35 0.49
C ILE D 51 28.99 5.42 0.36
N SER D 52 28.08 5.52 1.31
CA SER D 52 26.94 4.62 1.28
C SER D 52 25.97 5.03 0.19
N SER D 53 24.96 4.18 -0.02
CA SER D 53 23.90 4.55 -0.93
C SER D 53 23.12 5.70 -0.30
N GLY D 54 22.92 6.77 -1.07
CA GLY D 54 22.34 7.98 -0.55
C GLY D 54 23.33 8.95 0.04
N SER D 55 24.62 8.62 0.03
CA SER D 55 25.70 9.48 0.50
C SER D 55 25.59 9.84 1.96
N GLY D 56 24.65 9.24 2.69
CA GLY D 56 24.45 9.65 4.05
C GLY D 56 25.52 9.19 5.01
N THR D 57 26.39 8.29 4.58
CA THR D 57 27.45 7.77 5.43
C THR D 57 28.73 7.69 4.64
N ILE D 58 29.79 8.27 5.17
CA ILE D 58 31.09 8.26 4.52
C ILE D 58 32.13 7.89 5.56
N TYR D 59 33.04 7.00 5.18
CA TYR D 59 34.14 6.59 6.03
C TYR D 59 35.41 6.74 5.23
N TYR D 60 36.53 6.91 5.93
CA TYR D 60 37.84 6.94 5.27
C TYR D 60 38.82 6.09 6.05
N ALA D 61 39.83 5.61 5.35
CA ALA D 61 40.95 4.99 6.01
C ALA D 61 41.71 6.06 6.79
N ASP D 62 42.10 5.72 8.02
CA ASP D 62 42.74 6.72 8.85
C ASP D 62 44.03 7.24 8.22
N THR D 63 44.62 6.48 7.30
CA THR D 63 45.80 6.94 6.60
C THR D 63 45.51 8.01 5.57
N VAL D 64 44.25 8.24 5.23
CA VAL D 64 43.91 9.15 4.15
C VAL D 64 42.78 10.08 4.56
N LYS D 65 42.26 9.88 5.77
CA LYS D 65 41.18 10.73 6.26
C LYS D 65 41.62 12.18 6.28
N GLY D 66 40.76 13.06 5.77
CA GLY D 66 41.06 14.47 5.67
C GLY D 66 41.73 14.85 4.38
N ARG D 67 42.53 13.96 3.82
CA ARG D 67 43.16 14.24 2.54
C ARG D 67 42.29 13.83 1.37
N PHE D 68 41.55 12.74 1.49
CA PHE D 68 40.64 12.30 0.44
C PHE D 68 39.21 12.63 0.85
N THR D 69 38.39 12.94 -0.14
CA THR D 69 36.95 12.98 0.05
C THR D 69 36.30 12.12 -1.03
N ILE D 70 35.32 11.32 -0.63
CA ILE D 70 34.62 10.43 -1.54
C ILE D 70 33.25 11.02 -1.81
N SER D 71 32.85 11.04 -3.07
CA SER D 71 31.58 11.60 -3.46
C SER D 71 31.01 10.78 -4.60
N ARG D 72 29.70 10.82 -4.73
CA ARG D 72 29.01 10.10 -5.80
C ARG D 72 28.11 11.05 -6.55
N ASP D 73 27.87 10.73 -7.81
CA ASP D 73 26.93 11.45 -8.66
C ASP D 73 25.86 10.45 -9.07
N ASP D 74 24.78 10.37 -8.29
CA ASP D 74 23.73 9.41 -8.61
C ASP D 74 23.12 9.65 -9.98
N PRO D 75 22.78 10.87 -10.40
CA PRO D 75 22.33 11.06 -11.78
C PRO D 75 23.36 10.66 -12.82
N LYS D 76 24.65 10.90 -12.57
CA LYS D 76 25.68 10.52 -13.53
C LYS D 76 26.14 9.09 -13.37
N ASN D 77 25.69 8.40 -12.32
CA ASN D 77 26.19 7.06 -11.98
C ASN D 77 27.71 7.07 -11.84
N THR D 78 28.24 8.13 -11.26
CA THR D 78 29.69 8.29 -11.15
C THR D 78 30.11 8.37 -9.70
N LEU D 79 31.15 7.60 -9.36
CA LEU D 79 31.75 7.60 -8.04
C LEU D 79 33.07 8.37 -8.12
N PHE D 80 33.28 9.28 -7.17
CA PHE D 80 34.42 10.17 -7.17
C PHE D 80 35.26 9.97 -5.92
N LEU D 81 36.55 10.25 -6.06
CA LEU D 81 37.47 10.36 -4.93
C LEU D 81 38.40 11.52 -5.24
N GLN D 82 38.21 12.63 -4.55
CA GLN D 82 39.12 13.76 -4.64
C GLN D 82 40.29 13.51 -3.70
N MET D 83 41.50 13.66 -4.22
CA MET D 83 42.71 13.30 -3.53
C MET D 83 43.49 14.58 -3.32
N THR D 84 43.85 14.87 -2.06
CA THR D 84 44.62 16.06 -1.76
C THR D 84 45.85 15.72 -0.93
N SER D 85 46.89 16.55 -1.09
CA SER D 85 48.19 16.34 -0.46
C SER D 85 48.72 14.94 -0.74
N LEU D 86 48.86 14.63 -2.02
CA LEU D 86 49.13 13.27 -2.46
C LEU D 86 50.55 12.89 -2.08
N ARG D 87 50.70 12.13 -1.00
CA ARG D 87 52.02 11.71 -0.58
C ARG D 87 52.61 10.69 -1.55
N SER D 88 53.76 10.15 -1.17
CA SER D 88 54.36 9.05 -1.91
C SER D 88 53.70 7.73 -1.59
N GLU D 89 53.13 7.58 -0.41
CA GLU D 89 52.46 6.35 -0.02
C GLU D 89 51.06 6.26 -0.60
N ASP D 90 50.61 7.28 -1.31
CA ASP D 90 49.32 7.26 -1.98
C ASP D 90 49.38 6.57 -3.33
N THR D 91 50.57 6.15 -3.78
CA THR D 91 50.65 5.40 -5.02
C THR D 91 50.05 4.02 -4.82
N ALA D 92 49.18 3.64 -5.73
CA ALA D 92 48.37 2.44 -5.60
C ALA D 92 47.52 2.34 -6.85
N MET D 93 46.79 1.25 -6.96
CA MET D 93 45.80 1.10 -8.00
C MET D 93 44.44 1.09 -7.32
N TYR D 94 43.65 2.12 -7.58
CA TYR D 94 42.43 2.36 -6.82
C TYR D 94 41.26 1.64 -7.47
N TYR D 95 40.62 0.77 -6.72
CA TYR D 95 39.47 0.01 -7.18
C TYR D 95 38.23 0.56 -6.53
N CYS D 96 37.24 0.89 -7.34
CA CYS D 96 35.91 1.15 -6.81
C CYS D 96 35.18 -0.18 -6.71
N VAL D 97 34.46 -0.37 -5.62
CA VAL D 97 33.83 -1.64 -5.33
C VAL D 97 32.35 -1.40 -5.14
N ARG D 98 31.56 -2.07 -5.93
CA ARG D 98 30.12 -2.12 -5.73
C ARG D 98 29.85 -2.82 -4.43
N SER D 99 28.88 -2.33 -3.66
CA SER D 99 28.63 -2.94 -2.36
C SER D 99 27.23 -2.58 -1.88
N ILE D 100 26.40 -3.57 -1.62
CA ILE D 100 25.03 -3.34 -1.22
C ILE D 100 24.76 -4.11 0.06
N TYR D 101 24.05 -3.48 0.98
CA TYR D 101 23.88 -4.01 2.32
C TYR D 101 22.41 -4.10 2.66
N TYR D 102 21.88 -5.31 2.62
CA TYR D 102 20.60 -5.64 3.19
C TYR D 102 20.74 -7.04 3.74
N TYR D 103 19.64 -7.64 4.16
CA TYR D 103 19.76 -8.99 4.67
C TYR D 103 20.08 -9.94 3.54
N GLY D 104 21.19 -10.64 3.66
CA GLY D 104 21.57 -11.61 2.65
C GLY D 104 22.21 -11.03 1.43
N SER D 105 22.55 -9.76 1.45
CA SER D 105 23.20 -9.16 0.30
C SER D 105 24.62 -9.66 0.18
N SER D 106 25.25 -9.33 -0.95
CA SER D 106 26.61 -9.74 -1.26
C SER D 106 27.45 -8.49 -1.40
N PRO D 107 27.97 -7.94 -0.31
CA PRO D 107 28.82 -6.78 -0.43
C PRO D 107 30.13 -7.11 -1.12
N PHE D 108 30.70 -6.09 -1.77
CA PHE D 108 32.02 -6.16 -2.41
C PHE D 108 32.00 -7.12 -3.58
N ASP D 109 30.83 -7.35 -4.15
CA ASP D 109 30.63 -8.36 -5.17
C ASP D 109 31.14 -7.96 -6.54
N PHE D 110 31.17 -6.67 -6.89
CA PHE D 110 31.74 -6.28 -8.16
C PHE D 110 32.77 -5.19 -7.96
N TRP D 111 33.87 -5.29 -8.70
CA TRP D 111 34.99 -4.38 -8.61
C TRP D 111 35.27 -3.78 -9.97
N GLY D 112 35.68 -2.54 -9.99
CA GLY D 112 36.07 -1.92 -11.22
C GLY D 112 37.41 -2.42 -11.70
N GLN D 113 37.80 -1.97 -12.89
CA GLN D 113 39.11 -2.32 -13.42
C GLN D 113 40.23 -1.66 -12.64
N GLY D 114 39.99 -0.51 -12.04
CA GLY D 114 41.02 0.20 -11.29
C GLY D 114 41.78 1.18 -12.16
N THR D 115 42.35 2.21 -11.54
CA THR D 115 43.30 3.10 -12.21
C THR D 115 44.55 3.22 -11.36
N THR D 116 45.68 2.85 -11.95
CA THR D 116 46.96 3.05 -11.28
C THR D 116 47.22 4.53 -11.08
N LEU D 117 47.58 4.88 -9.86
CA LEU D 117 47.99 6.24 -9.52
C LEU D 117 49.41 6.20 -9.01
N THR D 118 50.31 6.87 -9.72
CA THR D 118 51.72 6.88 -9.38
C THR D 118 52.13 8.30 -9.02
N VAL D 119 52.86 8.45 -7.93
CA VAL D 119 53.29 9.74 -7.43
C VAL D 119 54.81 9.76 -7.40
N SER D 120 55.40 10.85 -7.89
CA SER D 120 56.86 10.98 -7.88
C SER D 120 57.36 11.08 -6.45
N SER D 121 58.60 10.67 -6.25
CA SER D 121 59.21 10.66 -4.93
C SER D 121 60.02 11.93 -4.68
N SER D 136 43.71 -0.16 16.91
CA SER D 136 42.34 -0.58 17.15
C SER D 136 41.76 -1.28 15.93
N ASP D 137 42.37 -1.04 14.76
CA ASP D 137 41.93 -1.72 13.55
C ASP D 137 42.13 -3.23 13.71
N ILE D 138 41.16 -3.98 13.17
CA ILE D 138 41.28 -5.44 13.19
C ILE D 138 42.38 -5.86 12.25
N VAL D 139 43.33 -6.63 12.78
CA VAL D 139 44.47 -7.08 12.00
C VAL D 139 44.14 -8.46 11.45
N MET D 140 43.87 -8.53 10.16
CA MET D 140 43.58 -9.78 9.49
C MET D 140 44.88 -10.35 8.99
N THR D 141 45.27 -11.51 9.52
CA THR D 141 46.56 -12.10 9.23
C THR D 141 46.34 -13.34 8.38
N GLN D 142 46.94 -13.35 7.21
CA GLN D 142 47.13 -14.56 6.45
C GLN D 142 48.62 -14.60 6.11
N ALA D 143 49.40 -15.08 7.09
CA ALA D 143 50.84 -15.01 7.02
C ALA D 143 51.39 -15.93 5.94
N THR D 144 50.69 -17.02 5.67
CA THR D 144 51.07 -17.87 4.56
C THR D 144 50.91 -17.09 3.26
N SER D 145 51.91 -17.24 2.38
CA SER D 145 51.87 -16.62 1.07
C SER D 145 52.47 -17.58 0.08
N SER D 146 52.09 -17.40 -1.19
CA SER D 146 52.64 -18.20 -2.28
C SER D 146 52.53 -19.69 -2.01
N VAL D 147 51.33 -20.15 -1.68
CA VAL D 147 51.10 -21.58 -1.49
C VAL D 147 51.37 -22.29 -2.82
N PRO D 148 52.31 -23.24 -2.85
CA PRO D 148 52.51 -24.02 -4.07
C PRO D 148 51.50 -25.15 -4.13
N VAL D 149 50.91 -25.34 -5.31
CA VAL D 149 49.82 -26.29 -5.48
C VAL D 149 49.64 -26.55 -6.98
N THR D 150 49.06 -27.70 -7.30
CA THR D 150 48.91 -28.20 -8.66
C THR D 150 47.44 -28.38 -9.00
N PRO D 151 47.08 -28.31 -10.28
CA PRO D 151 45.66 -28.37 -10.66
C PRO D 151 45.03 -29.68 -10.21
N GLY D 152 43.74 -29.62 -9.92
CA GLY D 152 43.00 -30.77 -9.45
C GLY D 152 43.22 -31.10 -7.99
N GLU D 153 44.07 -30.35 -7.30
CA GLU D 153 44.42 -30.65 -5.92
C GLU D 153 43.73 -29.70 -4.97
N SER D 154 43.14 -30.24 -3.92
CA SER D 154 42.51 -29.42 -2.90
C SER D 154 43.56 -28.57 -2.19
N VAL D 155 43.24 -27.31 -1.97
CA VAL D 155 44.09 -26.41 -1.19
C VAL D 155 43.22 -25.62 -0.23
N SER D 156 43.78 -25.26 0.91
CA SER D 156 43.10 -24.48 1.92
C SER D 156 43.96 -23.30 2.32
N ILE D 157 43.40 -22.10 2.21
CA ILE D 157 44.08 -20.88 2.60
C ILE D 157 43.57 -20.45 3.97
N SER D 158 44.49 -20.20 4.88
CA SER D 158 44.11 -19.76 6.21
C SER D 158 44.00 -18.25 6.26
N CYS D 159 43.27 -17.77 7.26
CA CYS D 159 43.14 -16.36 7.57
C CYS D 159 42.93 -16.25 9.06
N ARG D 160 43.61 -15.31 9.69
CA ARG D 160 43.48 -15.14 11.12
C ARG D 160 43.09 -13.71 11.41
N SER D 161 42.34 -13.53 12.48
CA SER D 161 41.77 -12.23 12.81
C SER D 161 42.21 -11.82 14.20
N SER D 162 42.55 -10.53 14.34
CA SER D 162 42.98 -10.01 15.63
C SER D 162 41.81 -9.83 16.58
N LYS D 163 40.59 -9.94 16.07
CA LYS D 163 39.36 -9.92 16.87
C LYS D 163 38.42 -11.00 16.34
N SER D 164 37.40 -11.32 17.12
CA SER D 164 36.38 -12.23 16.62
C SER D 164 35.52 -11.55 15.55
N LEU D 165 35.63 -12.00 14.30
CA LEU D 165 34.73 -11.50 13.26
C LEU D 165 33.30 -11.98 13.47
N LEU D 166 33.11 -13.03 14.25
CA LEU D 166 31.77 -13.42 14.65
C LEU D 166 31.09 -12.31 15.42
N HIS D 167 30.10 -11.70 14.80
CA HIS D 167 29.24 -10.77 15.49
C HIS D 167 28.22 -11.52 16.33
N SER D 168 27.64 -10.82 17.31
CA SER D 168 26.61 -11.44 18.11
C SER D 168 25.32 -11.66 17.34
N ASN D 169 25.19 -11.10 16.15
CA ASN D 169 23.99 -11.34 15.36
C ASN D 169 24.05 -12.63 14.56
N GLY D 170 25.18 -13.34 14.60
CA GLY D 170 25.33 -14.60 13.90
C GLY D 170 26.16 -14.55 12.65
N ASN D 171 26.52 -13.37 12.17
CA ASN D 171 27.32 -13.25 10.97
C ASN D 171 28.79 -13.33 11.32
N THR D 172 29.57 -13.80 10.37
CA THR D 172 31.02 -13.67 10.45
C THR D 172 31.44 -12.88 9.23
N TYR D 173 31.82 -11.62 9.45
CA TYR D 173 32.09 -10.70 8.37
C TYR D 173 33.50 -10.88 7.85
N LEU D 174 33.71 -12.06 7.27
CA LEU D 174 34.94 -12.39 6.58
C LEU D 174 34.66 -12.53 5.11
N TYR D 175 35.46 -11.86 4.29
CA TYR D 175 35.33 -11.89 2.85
C TYR D 175 36.57 -12.51 2.24
N TRP D 176 36.39 -13.19 1.12
CA TRP D 176 37.49 -13.77 0.35
C TRP D 176 37.41 -13.22 -1.06
N PHE D 177 38.51 -12.67 -1.54
CA PHE D 177 38.61 -12.13 -2.88
C PHE D 177 39.68 -12.88 -3.62
N LEU D 178 39.67 -12.78 -4.95
CA LEU D 178 40.65 -13.45 -5.78
C LEU D 178 41.21 -12.46 -6.78
N GLN D 179 42.43 -12.00 -6.53
CA GLN D 179 43.18 -11.15 -7.44
C GLN D 179 43.89 -12.04 -8.45
N ARG D 180 43.19 -12.44 -9.51
CA ARG D 180 43.85 -13.16 -10.57
C ARG D 180 44.80 -12.22 -11.33
N PRO D 181 45.90 -12.74 -11.87
CA PRO D 181 46.97 -11.86 -12.38
C PRO D 181 46.50 -10.98 -13.53
N GLY D 182 46.62 -9.67 -13.33
CA GLY D 182 46.11 -8.71 -14.29
C GLY D 182 44.63 -8.48 -14.22
N GLN D 183 43.95 -9.00 -13.21
CA GLN D 183 42.51 -8.94 -13.12
C GLN D 183 42.11 -8.30 -11.79
N SER D 184 40.95 -7.66 -11.80
CA SER D 184 40.41 -7.05 -10.59
C SER D 184 39.97 -8.13 -9.61
N PRO D 185 39.93 -7.81 -8.32
CA PRO D 185 39.46 -8.80 -7.35
C PRO D 185 38.07 -9.30 -7.67
N GLN D 186 37.88 -10.59 -7.49
CA GLN D 186 36.60 -11.24 -7.67
C GLN D 186 36.15 -11.70 -6.31
N LEU D 187 35.01 -11.21 -5.84
CA LEU D 187 34.49 -11.75 -4.62
C LEU D 187 34.21 -13.24 -4.81
N LEU D 188 34.68 -14.04 -3.86
CA LEU D 188 34.39 -15.47 -3.83
C LEU D 188 33.45 -15.84 -2.71
N ILE D 189 33.80 -15.48 -1.48
CA ILE D 189 33.03 -15.81 -0.29
C ILE D 189 32.70 -14.49 0.38
N TYR D 190 31.42 -14.12 0.41
CA TYR D 190 31.16 -12.77 0.93
C TYR D 190 31.19 -12.75 2.45
N ARG D 191 30.21 -13.30 3.13
CA ARG D 191 30.36 -13.46 4.57
C ARG D 191 30.85 -14.87 4.76
N MET D 192 31.62 -15.11 5.82
CA MET D 192 32.29 -16.39 6.01
C MET D 192 31.36 -17.54 5.66
N SER D 193 31.74 -18.33 4.66
CA SER D 193 30.95 -19.46 4.15
C SER D 193 29.70 -19.00 3.42
N ASN D 194 29.86 -18.12 2.42
CA ASN D 194 28.78 -17.72 1.53
C ASN D 194 29.39 -17.54 0.15
N LEU D 195 29.04 -18.42 -0.77
CA LEU D 195 29.66 -18.39 -2.09
C LEU D 195 28.97 -17.34 -2.95
N ALA D 196 29.76 -16.41 -3.46
CA ALA D 196 29.21 -15.37 -4.30
C ALA D 196 28.74 -15.95 -5.63
N SER D 197 27.74 -15.31 -6.22
CA SER D 197 27.20 -15.82 -7.47
C SER D 197 28.23 -15.70 -8.57
N GLY D 198 28.29 -16.73 -9.42
CA GLY D 198 29.29 -16.80 -10.46
C GLY D 198 30.59 -17.44 -10.03
N VAL D 199 30.73 -17.76 -8.75
CA VAL D 199 31.91 -18.44 -8.24
C VAL D 199 31.62 -19.93 -8.29
N PRO D 200 32.49 -20.73 -8.90
CA PRO D 200 32.22 -22.17 -9.00
C PRO D 200 32.12 -22.82 -7.63
N ASP D 201 31.21 -23.78 -7.53
CA ASP D 201 30.87 -24.34 -6.22
C ASP D 201 31.90 -25.36 -5.75
N ARG D 202 33.17 -24.99 -5.84
CA ARG D 202 34.26 -25.75 -5.26
C ARG D 202 35.00 -24.95 -4.21
N PHE D 203 35.08 -23.63 -4.36
CA PHE D 203 35.47 -22.76 -3.28
C PHE D 203 34.51 -22.91 -2.11
N SER D 204 35.05 -22.90 -0.90
CA SER D 204 34.23 -22.95 0.29
C SER D 204 34.99 -22.23 1.40
N GLY D 205 34.28 -21.39 2.13
CA GLY D 205 34.84 -20.70 3.28
C GLY D 205 34.46 -21.43 4.56
N SER D 206 35.37 -21.40 5.53
CA SER D 206 35.10 -21.99 6.83
C SER D 206 35.88 -21.21 7.87
N GLY D 207 35.44 -21.32 9.10
CA GLY D 207 36.12 -20.68 10.19
C GLY D 207 35.20 -20.60 11.39
N SER D 208 35.72 -19.97 12.44
CA SER D 208 34.90 -19.62 13.59
C SER D 208 35.72 -18.70 14.48
N GLY D 209 35.10 -17.64 14.96
CA GLY D 209 35.83 -16.67 15.73
C GLY D 209 36.84 -15.93 14.89
N THR D 210 38.11 -16.29 15.04
CA THR D 210 39.22 -15.53 14.46
C THR D 210 39.98 -16.27 13.37
N ALA D 211 39.86 -17.59 13.29
CA ALA D 211 40.60 -18.39 12.34
C ALA D 211 39.68 -18.80 11.20
N PHE D 212 40.12 -18.57 9.97
CA PHE D 212 39.28 -18.83 8.82
C PHE D 212 40.07 -19.56 7.74
N THR D 213 39.36 -20.38 6.97
CA THR D 213 39.96 -21.23 5.96
C THR D 213 39.14 -21.18 4.68
N LEU D 214 39.80 -20.95 3.55
CA LEU D 214 39.14 -21.01 2.24
C LEU D 214 39.64 -22.25 1.52
N THR D 215 38.84 -23.31 1.52
CA THR D 215 39.22 -24.57 0.91
C THR D 215 38.71 -24.62 -0.52
N ILE D 216 39.63 -24.73 -1.47
CA ILE D 216 39.31 -24.94 -2.87
C ILE D 216 39.28 -26.44 -3.12
N SER D 217 38.12 -26.97 -3.52
CA SER D 217 37.94 -28.42 -3.54
C SER D 217 38.81 -29.08 -4.59
N ARG D 218 38.78 -28.57 -5.82
CA ARG D 218 39.56 -29.16 -6.91
C ARG D 218 39.97 -28.01 -7.82
N LEU D 219 41.12 -27.43 -7.56
CA LEU D 219 41.40 -26.15 -8.19
C LEU D 219 41.78 -26.36 -9.65
N GLU D 220 41.66 -25.29 -10.41
CA GLU D 220 41.91 -25.27 -11.84
C GLU D 220 42.91 -24.17 -12.17
N ALA D 221 43.16 -23.99 -13.46
CA ALA D 221 44.10 -22.96 -13.89
C ALA D 221 43.55 -21.56 -13.65
N GLU D 222 42.24 -21.42 -13.45
CA GLU D 222 41.66 -20.11 -13.17
C GLU D 222 41.89 -19.66 -11.73
N ASP D 223 42.17 -20.59 -10.82
CA ASP D 223 42.29 -20.25 -9.41
C ASP D 223 43.64 -19.64 -9.07
N VAL D 224 44.57 -19.60 -10.02
CA VAL D 224 45.87 -19.01 -9.77
C VAL D 224 45.71 -17.50 -9.59
N GLY D 225 46.37 -16.96 -8.59
CA GLY D 225 46.22 -15.56 -8.24
C GLY D 225 46.41 -15.40 -6.76
N VAL D 226 45.97 -14.25 -6.25
CA VAL D 226 46.15 -13.89 -4.86
C VAL D 226 44.79 -13.85 -4.17
N TYR D 227 44.69 -14.50 -3.02
CA TYR D 227 43.44 -14.58 -2.27
C TYR D 227 43.53 -13.68 -1.05
N TYR D 228 42.55 -12.80 -0.89
CA TYR D 228 42.59 -11.79 0.14
C TYR D 228 41.53 -12.05 1.20
N CYS D 229 41.93 -11.92 2.45
CA CYS D 229 41.00 -11.76 3.55
C CYS D 229 40.34 -10.40 3.44
N MET D 230 39.28 -10.21 4.22
CA MET D 230 38.78 -8.88 4.52
C MET D 230 37.75 -9.04 5.60
N GLN D 231 37.88 -8.23 6.64
CA GLN D 231 36.85 -8.17 7.65
C GLN D 231 35.92 -7.03 7.30
N HIS D 232 34.62 -7.26 7.46
CA HIS D 232 33.64 -6.20 7.37
C HIS D 232 32.89 -6.04 8.67
N LEU D 233 33.52 -6.43 9.78
CA LEU D 233 32.89 -6.27 11.07
C LEU D 233 32.90 -4.81 11.50
N GLU D 234 33.94 -4.08 11.12
CA GLU D 234 34.11 -2.68 11.50
C GLU D 234 34.53 -1.90 10.27
N TYR D 235 34.63 -0.60 10.43
CA TYR D 235 34.95 0.34 9.35
C TYR D 235 36.21 1.15 9.51
N PRO D 236 37.27 0.55 9.97
CA PRO D 236 38.43 0.40 9.10
C PRO D 236 38.32 -0.97 8.47
N LEU D 237 38.16 -1.07 7.15
CA LEU D 237 38.02 -2.37 6.49
C LEU D 237 39.41 -2.87 6.16
N THR D 238 39.85 -3.91 6.83
CA THR D 238 41.22 -4.37 6.74
C THR D 238 41.28 -5.71 6.04
N PHE D 239 42.31 -5.90 5.23
CA PHE D 239 42.54 -7.12 4.50
C PHE D 239 43.64 -7.94 5.17
N GLY D 240 44.00 -9.03 4.53
CA GLY D 240 45.20 -9.76 4.87
C GLY D 240 46.19 -9.66 3.74
N ALA D 241 47.47 -9.90 3.99
CA ALA D 241 48.44 -9.94 2.90
C ALA D 241 48.17 -11.17 2.04
N GLY D 242 47.70 -10.95 0.82
CA GLY D 242 47.08 -12.04 0.08
C GLY D 242 47.99 -13.23 -0.08
N THR D 243 47.41 -14.42 0.09
CA THR D 243 48.12 -15.69 -0.07
C THR D 243 48.03 -16.10 -1.52
N LYS D 244 49.13 -15.91 -2.25
CA LYS D 244 49.13 -16.24 -3.67
C LYS D 244 49.10 -17.76 -3.87
N LEU D 245 48.41 -18.18 -4.91
CA LEU D 245 48.53 -19.54 -5.44
C LEU D 245 49.36 -19.50 -6.70
N GLU D 246 50.31 -20.43 -6.80
CA GLU D 246 51.23 -20.48 -7.92
C GLU D 246 51.33 -21.90 -8.43
N LEU D 247 51.34 -22.06 -9.75
CA LEU D 247 51.51 -23.37 -10.35
C LEU D 247 52.98 -23.79 -10.27
N SER E 161 -13.39 30.15 54.99
CA SER E 161 -14.15 29.41 54.00
C SER E 161 -14.07 30.08 52.64
N TYR E 162 -13.92 31.41 52.64
CA TYR E 162 -13.74 32.12 51.39
C TYR E 162 -12.50 31.65 50.66
N GLN E 163 -11.42 31.36 51.40
CA GLN E 163 -10.27 30.73 50.80
C GLN E 163 -10.58 29.30 50.36
N VAL E 164 -11.37 28.59 51.16
CA VAL E 164 -11.63 27.18 50.86
C VAL E 164 -12.46 27.05 49.58
N ILE E 165 -13.57 27.79 49.49
CA ILE E 165 -14.47 27.63 48.35
C ILE E 165 -13.79 28.10 47.06
N THR E 166 -13.12 29.25 47.13
CA THR E 166 -12.38 29.74 45.96
C THR E 166 -11.27 28.77 45.57
N SER E 167 -10.54 28.26 46.56
CA SER E 167 -9.47 27.31 46.27
C SER E 167 -10.01 26.06 45.60
N LEU E 168 -11.13 25.54 46.10
CA LEU E 168 -11.69 24.33 45.51
C LEU E 168 -12.21 24.58 44.11
N LEU E 169 -12.89 25.70 43.87
CA LEU E 169 -13.41 25.95 42.53
C LEU E 169 -12.27 26.19 41.54
N LEU E 170 -11.29 27.01 41.90
CA LEU E 170 -10.16 27.22 41.02
C LEU E 170 -9.38 25.93 40.79
N GLY E 171 -9.21 25.13 41.85
CA GLY E 171 -8.47 23.88 41.70
C GLY E 171 -9.20 22.87 40.85
N THR E 172 -10.53 22.79 41.00
CA THR E 172 -11.32 21.91 40.14
C THR E 172 -11.24 22.37 38.70
N LEU E 173 -11.27 23.68 38.49
CA LEU E 173 -11.16 24.20 37.12
C LEU E 173 -9.79 23.93 36.55
N ILE E 174 -8.74 24.06 37.36
CA ILE E 174 -7.39 23.77 36.90
C ILE E 174 -7.25 22.28 36.60
N PHE E 175 -7.80 21.43 37.46
CA PHE E 175 -7.76 19.99 37.23
C PHE E 175 -8.49 19.62 35.96
N CYS E 176 -9.68 20.19 35.74
CA CYS E 176 -10.45 19.88 34.54
C CYS E 176 -9.76 20.42 33.30
N ALA E 177 -9.18 21.61 33.37
CA ALA E 177 -8.46 22.15 32.23
C ALA E 177 -7.24 21.30 31.91
N VAL E 178 -6.47 20.92 32.93
CA VAL E 178 -5.28 20.11 32.71
C VAL E 178 -5.68 18.76 32.14
N LEU E 179 -6.70 18.14 32.74
CA LEU E 179 -7.14 16.83 32.29
C LEU E 179 -7.65 16.86 30.86
N GLY E 180 -8.48 17.85 30.53
CA GLY E 180 -9.03 17.93 29.19
C GLY E 180 -7.96 18.16 28.16
N ASN E 181 -7.06 19.10 28.40
CA ASN E 181 -6.02 19.37 27.43
C ASN E 181 -5.06 18.20 27.29
N ALA E 182 -4.67 17.59 28.41
CA ALA E 182 -3.76 16.46 28.35
C ALA E 182 -4.42 15.25 27.69
N CYS E 183 -5.71 15.04 27.93
CA CYS E 183 -6.42 13.97 27.26
C CYS E 183 -6.50 14.20 25.76
N VAL E 184 -6.72 15.44 25.33
CA VAL E 184 -6.73 15.71 23.91
C VAL E 184 -5.36 15.42 23.31
N VAL E 185 -4.31 15.87 23.97
CA VAL E 185 -2.97 15.64 23.44
C VAL E 185 -2.67 14.15 23.40
N ALA E 186 -3.06 13.42 24.44
CA ALA E 186 -2.81 11.98 24.50
C ALA E 186 -3.58 11.24 23.43
N ALA E 187 -4.85 11.59 23.23
CA ALA E 187 -5.63 10.93 22.20
C ALA E 187 -5.06 11.18 20.82
N ILE E 188 -4.55 12.38 20.57
CA ILE E 188 -3.94 12.64 19.28
C ILE E 188 -2.62 11.89 19.15
N ALA E 189 -1.87 11.76 20.23
CA ALA E 189 -0.57 11.08 20.15
C ALA E 189 -0.73 9.57 20.06
N LEU E 190 -1.79 9.03 20.65
CA LEU E 190 -1.95 7.58 20.73
C LEU E 190 -2.56 7.04 19.44
N GLU E 191 -3.82 7.40 19.17
CA GLU E 191 -4.52 6.89 18.01
C GLU E 191 -3.90 7.38 16.72
N ARG E 192 -3.76 6.46 15.76
CA ARG E 192 -3.16 6.79 14.48
C ARG E 192 -4.06 7.69 13.65
N SER E 193 -5.37 7.48 13.73
CA SER E 193 -6.34 8.15 12.87
C SER E 193 -6.47 9.63 13.16
N LEU E 194 -5.86 10.11 14.24
CA LEU E 194 -5.96 11.50 14.63
C LEU E 194 -4.75 12.33 14.22
N GLN E 195 -3.80 11.76 13.48
CA GLN E 195 -2.71 12.58 12.94
C GLN E 195 -3.17 13.23 11.64
N ASN E 196 -4.07 14.19 11.78
CA ASN E 196 -4.46 15.07 10.69
C ASN E 196 -3.80 16.43 10.90
N VAL E 197 -3.72 17.21 9.83
CA VAL E 197 -3.31 18.60 10.00
C VAL E 197 -4.31 19.33 10.88
N ALA E 198 -5.60 19.08 10.64
CA ALA E 198 -6.65 19.67 11.48
C ALA E 198 -6.48 19.28 12.93
N ASN E 199 -6.24 17.99 13.18
CA ASN E 199 -6.11 17.55 14.56
C ASN E 199 -4.76 17.90 15.12
N TYR E 200 -3.75 18.08 14.29
CA TYR E 200 -2.50 18.62 14.80
C TYR E 200 -2.74 20.02 15.36
N LEU E 201 -3.51 20.84 14.63
CA LEU E 201 -3.83 22.17 15.13
C LEU E 201 -4.66 22.12 16.41
N ILE E 202 -5.65 21.23 16.45
CA ILE E 202 -6.49 21.16 17.64
C ILE E 202 -5.69 20.68 18.84
N GLY E 203 -4.85 19.67 18.65
CA GLY E 203 -4.04 19.17 19.74
C GLY E 203 -2.93 20.11 20.14
N SER E 204 -2.43 20.90 19.22
CA SER E 204 -1.51 21.97 19.60
C SER E 204 -2.22 23.02 20.43
N LEU E 205 -3.46 23.35 20.08
CA LEU E 205 -4.23 24.24 20.91
C LEU E 205 -4.41 23.65 22.30
N ALA E 206 -4.56 22.33 22.38
CA ALA E 206 -4.65 21.68 23.68
C ALA E 206 -3.32 21.70 24.42
N VAL E 207 -2.21 21.61 23.68
CA VAL E 207 -0.89 21.78 24.28
C VAL E 207 -0.74 23.18 24.86
N THR E 208 -1.16 24.19 24.10
CA THR E 208 -1.08 25.57 24.56
C THR E 208 -2.00 25.80 25.75
N ASP E 209 -3.19 25.22 25.72
CA ASP E 209 -4.09 25.36 26.86
C ASP E 209 -3.59 24.59 28.06
N LEU E 210 -2.86 23.50 27.84
CA LEU E 210 -2.24 22.78 28.93
C LEU E 210 -1.12 23.59 29.57
N MET E 211 -0.29 24.23 28.74
CA MET E 211 0.71 25.11 29.30
C MET E 211 0.08 26.29 30.02
N VAL E 212 -1.04 26.81 29.51
CA VAL E 212 -1.81 27.75 30.31
C VAL E 212 -2.14 27.10 31.66
N SER E 213 -2.79 25.94 31.62
CA SER E 213 -3.37 25.33 32.80
C SER E 213 -2.33 24.87 33.81
N VAL E 214 -1.07 24.78 33.41
CA VAL E 214 -0.01 24.28 34.26
C VAL E 214 0.97 25.37 34.67
N LEU E 215 1.17 26.39 33.82
CA LEU E 215 2.15 27.42 34.07
C LEU E 215 1.54 28.76 34.44
N VAL E 216 0.22 28.89 34.36
CA VAL E 216 -0.47 30.15 34.58
C VAL E 216 -1.59 29.98 35.60
N LEU E 217 -2.48 29.03 35.36
CA LEU E 217 -3.60 28.84 36.27
C LEU E 217 -3.21 28.48 37.69
N PRO E 218 -2.13 27.73 37.96
CA PRO E 218 -1.69 27.63 39.36
C PRO E 218 -1.27 28.95 39.98
N MET E 219 -0.35 29.71 39.35
CA MET E 219 0.06 30.97 39.95
C MET E 219 -1.06 32.00 39.95
N ALA E 220 -1.84 32.08 38.86
CA ALA E 220 -3.00 32.97 38.84
C ALA E 220 -4.00 32.56 39.91
N ALA E 221 -4.19 31.26 40.13
CA ALA E 221 -5.07 30.80 41.18
C ALA E 221 -4.55 31.17 42.55
N LEU E 222 -3.23 31.11 42.75
CA LEU E 222 -2.68 31.52 44.04
C LEU E 222 -2.87 33.02 44.26
N TYR E 223 -2.53 33.80 43.25
CA TYR E 223 -2.73 35.25 43.31
C TYR E 223 -4.18 35.61 43.55
N GLN E 224 -5.11 34.77 43.12
CA GLN E 224 -6.53 35.00 43.37
C GLN E 224 -6.95 34.53 44.75
N VAL E 225 -6.42 33.42 45.22
CA VAL E 225 -6.84 32.87 46.51
C VAL E 225 -6.31 33.73 47.65
N LEU E 226 -5.04 34.12 47.58
CA LEU E 226 -4.44 34.88 48.67
C LEU E 226 -4.71 36.37 48.57
N ASN E 227 -5.41 36.82 47.54
CA ASN E 227 -5.70 38.23 47.28
C ASN E 227 -4.44 39.07 47.11
N LYS E 228 -3.28 38.45 47.04
CA LYS E 228 -2.04 39.20 46.81
C LYS E 228 -0.97 38.25 46.30
N TRP E 229 0.05 38.84 45.69
CA TRP E 229 1.13 38.09 45.07
C TRP E 229 2.15 37.73 46.14
N THR E 230 1.99 36.57 46.74
CA THR E 230 2.91 36.13 47.77
C THR E 230 4.22 35.60 47.21
N LEU E 231 4.33 35.42 45.91
CA LEU E 231 5.59 35.04 45.31
C LEU E 231 6.46 36.29 45.17
N GLY E 232 7.56 36.16 44.45
CA GLY E 232 8.48 37.27 44.31
C GLY E 232 8.14 38.19 43.16
N GLN E 233 9.05 39.13 42.90
CA GLN E 233 8.88 40.04 41.78
C GLN E 233 9.35 39.42 40.48
N VAL E 234 10.46 38.68 40.51
CA VAL E 234 10.89 37.99 39.30
C VAL E 234 9.88 36.92 38.91
N THR E 235 9.28 36.26 39.91
CA THR E 235 8.21 35.34 39.59
C THR E 235 6.97 36.07 39.09
N CYS E 236 6.73 37.29 39.54
CA CYS E 236 5.66 38.08 38.95
C CYS E 236 5.90 38.35 37.48
N ASP E 237 7.12 38.76 37.13
CA ASP E 237 7.43 39.01 35.74
C ASP E 237 7.31 37.74 34.92
N LEU E 238 7.80 36.62 35.46
CA LEU E 238 7.67 35.34 34.76
C LEU E 238 6.22 34.94 34.59
N PHE E 239 5.40 35.13 35.63
CA PHE E 239 4.00 34.76 35.54
C PHE E 239 3.27 35.63 34.54
N ILE E 240 3.53 36.93 34.52
CA ILE E 240 2.89 37.80 33.55
C ILE E 240 3.30 37.40 32.14
N ALA E 241 4.59 37.15 31.93
CA ALA E 241 5.04 36.77 30.59
C ALA E 241 4.41 35.46 30.16
N LEU E 242 4.33 34.49 31.07
CA LEU E 242 3.75 33.20 30.72
C LEU E 242 2.25 33.33 30.47
N ASP E 243 1.55 34.11 31.30
CA ASP E 243 0.12 34.28 31.11
C ASP E 243 -0.17 34.92 29.75
N VAL E 244 0.52 36.01 29.44
CA VAL E 244 0.29 36.68 28.18
C VAL E 244 0.70 35.79 27.01
N LEU E 245 1.85 35.13 27.12
CA LEU E 245 2.31 34.25 26.06
C LEU E 245 1.30 33.16 25.77
N CYS E 246 0.91 32.43 26.80
CA CYS E 246 0.10 31.24 26.62
C CYS E 246 -1.31 31.61 26.20
N CYS E 247 -1.88 32.68 26.77
CA CYS E 247 -3.23 33.07 26.39
C CYS E 247 -3.28 33.65 24.98
N THR E 248 -2.30 34.48 24.61
CA THR E 248 -2.26 34.99 23.25
C THR E 248 -2.09 33.86 22.25
N SER E 249 -1.26 32.89 22.58
CA SER E 249 -1.06 31.76 21.69
C SER E 249 -2.31 30.89 21.60
N SER E 250 -3.05 30.75 22.70
CA SER E 250 -4.29 30.00 22.67
C SER E 250 -5.32 30.66 21.77
N ILE E 251 -5.46 31.98 21.89
CA ILE E 251 -6.37 32.72 21.01
C ILE E 251 -5.94 32.58 19.56
N TRP E 252 -4.65 32.69 19.29
CA TRP E 252 -4.22 32.58 17.91
C TRP E 252 -4.25 31.16 17.38
N HIS E 253 -4.27 30.14 18.23
CA HIS E 253 -4.66 28.82 17.75
C HIS E 253 -6.12 28.76 17.37
N LEU E 254 -6.98 29.43 18.13
CA LEU E 254 -8.36 29.53 17.65
C LEU E 254 -8.39 30.10 16.24
N CYS E 255 -7.60 31.14 15.99
CA CYS E 255 -7.53 31.70 14.64
C CYS E 255 -6.92 30.74 13.64
N ALA E 256 -5.87 30.01 14.01
CA ALA E 256 -5.23 29.08 13.10
C ALA E 256 -6.19 27.96 12.72
N ILE E 257 -6.98 27.49 13.67
CA ILE E 257 -7.99 26.47 13.37
C ILE E 257 -9.06 27.04 12.45
N ALA E 258 -9.50 28.27 12.72
CA ALA E 258 -10.50 28.90 11.86
C ALA E 258 -9.99 29.05 10.45
N LEU E 259 -8.73 29.43 10.30
CA LEU E 259 -8.15 29.62 8.98
C LEU E 259 -7.96 28.31 8.26
N ASP E 260 -7.56 27.28 8.99
CA ASP E 260 -7.49 25.93 8.45
C ASP E 260 -8.86 25.48 7.93
N ARG E 261 -9.91 25.72 8.70
CA ARG E 261 -11.24 25.29 8.29
C ARG E 261 -11.74 26.11 7.11
N TYR E 262 -11.43 27.40 7.08
CA TYR E 262 -11.83 28.23 5.98
C TYR E 262 -11.17 27.75 4.68
N TRP E 263 -9.89 27.43 4.74
CA TRP E 263 -9.23 26.88 3.57
C TRP E 263 -9.72 25.48 3.23
N ALA E 264 -10.14 24.71 4.24
CA ALA E 264 -10.66 23.37 3.96
C ALA E 264 -11.99 23.43 3.24
N ILE E 265 -12.79 24.44 3.51
CA ILE E 265 -14.10 24.54 2.88
C ILE E 265 -14.08 25.36 1.60
N THR E 266 -13.19 26.33 1.47
CA THR E 266 -13.18 27.19 0.29
C THR E 266 -12.06 26.86 -0.68
N ASP E 267 -11.08 26.06 -0.28
CA ASP E 267 -10.00 25.63 -1.16
C ASP E 267 -9.85 24.13 -1.03
N PRO E 268 -10.58 23.36 -1.83
CA PRO E 268 -10.42 21.91 -1.81
C PRO E 268 -9.19 21.44 -2.56
N ILE E 269 -8.76 22.23 -3.55
CA ILE E 269 -7.56 21.88 -4.30
C ILE E 269 -6.32 22.07 -3.44
N ASP E 270 -6.25 23.17 -2.70
CA ASP E 270 -5.20 23.32 -1.71
C ASP E 270 -5.32 22.26 -0.63
N TYR E 271 -6.54 21.92 -0.25
CA TYR E 271 -6.75 20.91 0.77
C TYR E 271 -6.13 19.59 0.36
N VAL E 272 -6.30 19.20 -0.90
CA VAL E 272 -5.80 17.92 -1.36
C VAL E 272 -4.33 18.00 -1.68
N ASN E 273 -3.90 19.05 -2.37
CA ASN E 273 -2.53 19.15 -2.88
C ASN E 273 -1.56 19.72 -1.85
N LYS E 274 -1.79 20.96 -1.41
CA LYS E 274 -0.77 21.68 -0.67
C LYS E 274 -0.83 21.48 0.83
N ARG E 275 -1.91 20.93 1.37
CA ARG E 275 -2.10 20.92 2.81
C ARG E 275 -1.34 19.75 3.43
N THR E 276 -0.23 20.04 4.07
CA THR E 276 0.62 19.06 4.73
C THR E 276 0.90 19.55 6.13
N PRO E 277 1.28 18.64 7.05
CA PRO E 277 1.53 19.06 8.43
C PRO E 277 2.58 20.14 8.58
N ARG E 278 3.39 20.40 7.56
CA ARG E 278 4.26 21.56 7.60
C ARG E 278 3.44 22.83 7.78
N ARG E 279 2.20 22.84 7.26
CA ARG E 279 1.34 24.01 7.42
C ARG E 279 0.80 24.11 8.84
N ALA E 280 0.44 22.99 9.47
CA ALA E 280 0.06 23.04 10.86
C ALA E 280 1.23 23.52 11.72
N ALA E 281 2.44 23.04 11.44
CA ALA E 281 3.62 23.49 12.16
C ALA E 281 3.84 24.99 11.97
N ALA E 282 3.67 25.48 10.73
CA ALA E 282 3.81 26.91 10.47
C ALA E 282 2.77 27.71 11.24
N LEU E 283 1.53 27.24 11.27
CA LEU E 283 0.49 27.97 11.98
C LEU E 283 0.77 28.03 13.47
N ILE E 284 1.20 26.91 14.06
CA ILE E 284 1.51 26.88 15.48
C ILE E 284 2.70 27.78 15.79
N SER E 285 3.72 27.74 14.94
CA SER E 285 4.86 28.62 15.11
C SER E 285 4.45 30.08 15.07
N LEU E 286 3.52 30.43 14.17
CA LEU E 286 3.02 31.80 14.10
C LEU E 286 2.24 32.17 15.35
N THR E 287 1.41 31.27 15.86
CA THR E 287 0.66 31.58 17.07
C THR E 287 1.60 31.87 18.23
N TRP E 288 2.65 31.06 18.37
CA TRP E 288 3.59 31.27 19.45
C TRP E 288 4.45 32.50 19.20
N LEU E 289 4.77 32.81 17.95
CA LEU E 289 5.48 34.04 17.65
C LEU E 289 4.67 35.26 18.06
N ILE E 290 3.36 35.24 17.77
CA ILE E 290 2.52 36.35 18.16
C ILE E 290 2.41 36.44 19.68
N GLY E 291 2.32 35.29 20.34
CA GLY E 291 2.33 35.31 21.80
C GLY E 291 3.59 35.91 22.37
N PHE E 292 4.75 35.56 21.79
CA PHE E 292 6.01 36.15 22.24
C PHE E 292 6.02 37.65 21.99
N LEU E 293 5.59 38.07 20.81
CA LEU E 293 5.62 39.49 20.47
C LEU E 293 4.66 40.29 21.33
N ILE E 294 3.68 39.64 21.94
CA ILE E 294 2.81 40.35 22.88
C ILE E 294 3.36 40.28 24.30
N SER E 295 4.14 39.25 24.63
CA SER E 295 4.55 39.06 26.01
C SER E 295 5.90 39.66 26.38
N ILE E 296 6.84 39.75 25.44
CA ILE E 296 8.17 40.29 25.76
C ILE E 296 8.26 41.81 25.85
N PRO E 297 7.43 42.62 25.17
CA PRO E 297 7.59 44.08 25.25
C PRO E 297 7.72 44.62 26.67
N PRO E 298 6.81 44.30 27.60
CA PRO E 298 7.00 44.88 28.94
C PRO E 298 8.12 44.26 29.76
N MET E 299 8.54 43.03 29.47
CA MET E 299 9.77 42.53 30.06
C MET E 299 10.95 43.38 29.63
N LEU E 300 10.96 43.82 28.37
CA LEU E 300 12.11 44.57 27.88
C LEU E 300 12.03 46.05 28.22
N GLY E 301 11.07 46.77 27.63
CA GLY E 301 11.08 48.22 27.72
C GLY E 301 9.76 48.94 27.83
N TRP E 302 8.69 48.24 28.16
CA TRP E 302 7.39 48.89 28.29
C TRP E 302 6.83 48.79 29.71
N ARG E 303 7.66 49.07 30.70
CA ARG E 303 7.17 49.17 32.06
C ARG E 303 7.72 50.43 32.74
N PRO E 311 5.07 45.86 44.44
CA PRO E 311 4.28 46.28 45.59
C PRO E 311 3.19 45.29 45.98
N ASP E 312 3.59 44.03 46.19
CA ASP E 312 2.70 42.96 46.64
C ASP E 312 1.55 42.71 45.67
N ALA E 313 1.77 42.96 44.38
CA ALA E 313 0.75 42.76 43.37
C ALA E 313 1.42 42.49 42.05
N CYS E 314 0.71 41.80 41.16
CA CYS E 314 1.26 41.38 39.88
C CYS E 314 0.24 41.82 38.81
N THR E 315 0.56 42.90 38.10
CA THR E 315 -0.33 43.44 37.08
C THR E 315 0.45 43.70 35.81
N ILE E 316 -0.23 43.56 34.67
CA ILE E 316 0.38 43.80 33.39
C ILE E 316 0.62 45.29 33.18
N SER E 317 1.64 45.60 32.38
CA SER E 317 1.96 46.96 31.98
C SER E 317 0.71 47.70 31.51
N LYS E 318 0.35 48.75 32.22
CA LYS E 318 -0.84 49.52 31.86
C LYS E 318 -0.48 50.73 31.02
N ASP E 319 0.40 50.56 30.04
CA ASP E 319 0.68 51.61 29.09
C ASP E 319 -0.52 51.73 28.16
N HIS E 320 -0.99 52.94 27.93
CA HIS E 320 -2.04 53.12 26.94
C HIS E 320 -1.57 52.61 25.59
N GLY E 321 -0.32 52.91 25.24
CA GLY E 321 0.26 52.33 24.04
C GLY E 321 0.32 50.82 24.11
N TYR E 322 0.82 50.27 25.23
CA TYR E 322 0.93 48.82 25.31
C TYR E 322 -0.43 48.17 25.49
N THR E 323 -1.36 48.84 26.16
CA THR E 323 -2.71 48.31 26.22
C THR E 323 -3.29 48.15 24.82
N ILE E 324 -3.21 49.20 24.00
CA ILE E 324 -3.71 49.09 22.63
C ILE E 324 -2.97 47.97 21.90
N TYR E 325 -1.64 47.97 21.99
CA TYR E 325 -0.85 47.00 21.24
C TYR E 325 -1.19 45.57 21.63
N SER E 326 -1.30 45.31 22.93
CA SER E 326 -1.48 43.94 23.37
C SER E 326 -2.92 43.48 23.18
N THR E 327 -3.88 44.26 23.67
CA THR E 327 -5.27 43.83 23.53
C THR E 327 -5.69 43.74 22.07
N PHE E 328 -5.27 44.69 21.24
CA PHE E 328 -5.59 44.60 19.82
C PHE E 328 -4.90 43.41 19.19
N GLY E 329 -3.60 43.28 19.40
CA GLY E 329 -2.84 42.22 18.77
C GLY E 329 -3.11 40.83 19.28
N ALA E 330 -3.74 40.70 20.44
CA ALA E 330 -4.00 39.38 21.02
C ALA E 330 -5.47 39.01 21.08
N PHE E 331 -6.37 39.96 21.01
CA PHE E 331 -7.75 39.53 20.98
C PHE E 331 -8.58 40.18 19.89
N TYR E 332 -8.39 41.48 19.65
CA TYR E 332 -9.29 42.17 18.73
C TYR E 332 -8.98 41.83 17.29
N ILE E 333 -7.71 41.79 16.92
CA ILE E 333 -7.36 41.26 15.62
C ILE E 333 -7.78 39.81 15.46
N PRO E 334 -7.52 38.92 16.42
CA PRO E 334 -8.13 37.59 16.33
C PRO E 334 -9.65 37.59 16.35
N LEU E 335 -10.29 38.51 17.06
CA LEU E 335 -11.75 38.55 17.02
C LEU E 335 -12.25 38.84 15.62
N LEU E 336 -11.67 39.84 14.96
CA LEU E 336 -12.01 40.10 13.58
C LEU E 336 -11.71 38.90 12.68
N LEU E 337 -10.53 38.29 12.85
CA LEU E 337 -10.19 37.18 11.97
C LEU E 337 -11.16 36.02 12.13
N MET E 338 -11.49 35.65 13.35
CA MET E 338 -12.41 34.53 13.52
C MET E 338 -13.81 34.90 13.07
N LEU E 339 -14.25 36.14 13.33
CA LEU E 339 -15.57 36.55 12.86
C LEU E 339 -15.64 36.50 11.34
N VAL E 340 -14.63 37.05 10.66
CA VAL E 340 -14.63 37.09 9.21
C VAL E 340 -14.48 35.69 8.63
N LEU E 341 -13.56 34.89 9.17
CA LEU E 341 -13.33 33.56 8.65
C LEU E 341 -14.55 32.67 8.84
N TYR E 342 -15.17 32.74 9.99
CA TYR E 342 -16.36 31.91 10.17
C TYR E 342 -17.58 32.51 9.53
N GLY E 343 -17.59 33.82 9.24
CA GLY E 343 -18.64 34.35 8.40
C GLY E 343 -18.54 33.84 6.97
N ARG E 344 -17.32 33.83 6.44
CA ARG E 344 -17.11 33.28 5.11
C ARG E 344 -17.33 31.77 5.09
N ILE E 345 -17.03 31.10 6.21
CA ILE E 345 -17.32 29.68 6.33
C ILE E 345 -18.81 29.44 6.38
N PHE E 346 -19.55 30.26 7.11
CA PHE E 346 -21.00 30.12 7.16
C PHE E 346 -21.60 30.36 5.79
N ARG E 347 -21.10 31.37 5.08
CA ARG E 347 -21.59 31.67 3.75
C ARG E 347 -21.30 30.52 2.79
N ALA E 348 -20.09 29.96 2.86
CA ALA E 348 -19.75 28.82 1.99
C ALA E 348 -20.54 27.57 2.37
N ALA E 349 -20.70 27.31 3.66
CA ALA E 349 -21.44 26.12 4.09
C ALA E 349 -22.90 26.21 3.67
N ARG E 350 -23.50 27.38 3.84
CA ARG E 350 -24.87 27.56 3.42
C ARG E 350 -24.99 27.49 1.90
N PHE E 351 -24.00 28.03 1.17
CA PHE E 351 -24.02 27.91 -0.28
C PHE E 351 -23.91 26.47 -0.74
N ARG E 352 -23.07 25.67 -0.08
CA ARG E 352 -22.98 24.25 -0.44
C ARG E 352 -24.27 23.52 -0.12
N ILE E 353 -24.89 23.84 1.01
CA ILE E 353 -26.18 23.25 1.34
C ILE E 353 -27.22 23.61 0.28
N ARG E 354 -27.19 24.87 -0.19
CA ARG E 354 -28.10 25.29 -1.24
C ARG E 354 -27.81 24.58 -2.57
N LYS E 355 -26.54 24.35 -2.87
CA LYS E 355 -26.21 23.56 -4.06
C LYS E 355 -26.81 22.18 -3.97
N THR E 356 -26.68 21.53 -2.81
CA THR E 356 -27.27 20.22 -2.63
C THR E 356 -28.79 20.33 -2.65
N ARG E 454 -42.42 14.70 -2.64
CA ARG E 454 -41.96 14.07 -1.41
C ARG E 454 -40.44 14.11 -1.30
N ASN E 455 -39.77 13.79 -2.42
CA ASN E 455 -38.31 13.88 -2.46
C ASN E 455 -37.86 15.33 -2.27
N ALA E 456 -38.57 16.27 -2.88
CA ALA E 456 -38.24 17.68 -2.69
C ALA E 456 -38.40 18.09 -1.24
N GLU E 457 -39.45 17.60 -0.59
CA GLU E 457 -39.65 17.88 0.83
C GLU E 457 -38.50 17.32 1.65
N ALA E 458 -38.06 16.09 1.35
CA ALA E 458 -36.95 15.50 2.08
C ALA E 458 -35.68 16.29 1.89
N LYS E 459 -35.39 16.72 0.65
CA LYS E 459 -34.19 17.50 0.41
C LYS E 459 -34.25 18.85 1.11
N ARG E 460 -35.42 19.51 1.09
CA ARG E 460 -35.54 20.81 1.75
C ARG E 460 -35.40 20.68 3.26
N LYS E 461 -36.00 19.63 3.84
CA LYS E 461 -35.85 19.40 5.27
C LYS E 461 -34.39 19.14 5.61
N MET E 462 -33.70 18.36 4.78
CA MET E 462 -32.29 18.09 5.00
C MET E 462 -31.45 19.36 4.92
N ALA E 463 -31.76 20.21 3.93
CA ALA E 463 -31.00 21.44 3.76
C ALA E 463 -31.18 22.36 4.96
N LEU E 464 -32.40 22.49 5.46
CA LEU E 464 -32.60 23.33 6.64
C LEU E 464 -31.99 22.71 7.87
N ALA E 465 -32.02 21.39 7.99
CA ALA E 465 -31.36 20.74 9.11
C ALA E 465 -29.85 20.99 9.09
N ARG E 466 -29.24 20.90 7.90
CA ARG E 466 -27.81 21.18 7.80
C ARG E 466 -27.50 22.64 8.07
N GLU E 467 -28.37 23.56 7.63
CA GLU E 467 -28.15 24.97 7.94
C GLU E 467 -28.24 25.22 9.44
N ARG E 468 -29.18 24.58 10.11
CA ARG E 468 -29.27 24.68 11.57
C ARG E 468 -28.01 24.13 12.22
N LYS E 469 -27.50 23.02 11.69
CA LYS E 469 -26.26 22.44 12.21
C LYS E 469 -25.09 23.39 12.03
N THR E 470 -24.98 24.02 10.87
CA THR E 470 -23.91 24.98 10.63
C THR E 470 -23.99 26.15 11.58
N VAL E 471 -25.18 26.71 11.76
CA VAL E 471 -25.30 27.88 12.64
C VAL E 471 -25.07 27.50 14.08
N LYS E 472 -25.48 26.29 14.48
CA LYS E 472 -25.18 25.85 15.83
C LYS E 472 -23.68 25.69 16.05
N THR E 473 -22.99 25.07 15.10
CA THR E 473 -21.55 24.89 15.24
C THR E 473 -20.82 26.22 15.31
N LEU E 474 -21.14 27.13 14.40
CA LEU E 474 -20.48 28.42 14.39
C LEU E 474 -20.85 29.25 15.61
N GLY E 475 -22.10 29.13 16.07
CA GLY E 475 -22.48 29.79 17.29
C GLY E 475 -21.69 29.29 18.47
N ILE E 476 -21.56 27.97 18.60
CA ILE E 476 -20.79 27.42 19.71
C ILE E 476 -19.36 27.94 19.68
N ILE E 477 -18.72 27.83 18.52
CA ILE E 477 -17.32 28.27 18.41
C ILE E 477 -17.20 29.74 18.75
N MET E 478 -17.84 30.60 17.97
CA MET E 478 -17.61 32.04 18.11
C MET E 478 -18.15 32.56 19.41
N GLY E 479 -19.29 32.03 19.87
CA GLY E 479 -19.85 32.47 21.11
C GLY E 479 -19.01 32.10 22.31
N THR E 480 -18.46 30.88 22.33
CA THR E 480 -17.57 30.55 23.44
C THR E 480 -16.34 31.45 23.43
N PHE E 481 -15.73 31.63 22.26
CA PHE E 481 -14.58 32.53 22.20
C PHE E 481 -14.93 33.91 22.73
N ILE E 482 -16.03 34.49 22.24
CA ILE E 482 -16.40 35.84 22.59
C ILE E 482 -16.78 35.94 24.06
N LEU E 483 -17.68 35.09 24.51
CA LEU E 483 -18.14 35.17 25.89
C LEU E 483 -17.01 34.91 26.88
N CYS E 484 -16.06 34.06 26.53
CA CYS E 484 -14.96 33.80 27.46
C CYS E 484 -13.96 34.94 27.48
N TRP E 485 -13.68 35.55 26.32
CA TRP E 485 -12.56 36.47 26.26
C TRP E 485 -12.93 37.93 26.15
N LEU E 486 -13.98 38.28 25.41
CA LEU E 486 -14.29 39.69 25.16
C LEU E 486 -14.57 40.48 26.44
N PRO E 487 -15.29 39.97 27.44
CA PRO E 487 -15.38 40.74 28.69
C PRO E 487 -14.02 41.16 29.20
N PHE E 488 -13.05 40.24 29.16
CA PHE E 488 -11.73 40.56 29.65
C PHE E 488 -11.07 41.64 28.81
N PHE E 489 -11.23 41.61 27.50
CA PHE E 489 -10.47 42.56 26.73
C PHE E 489 -11.17 43.90 26.60
N ILE E 490 -12.50 43.93 26.75
CA ILE E 490 -13.18 45.19 26.99
C ILE E 490 -12.64 45.85 28.24
N VAL E 491 -12.59 45.08 29.33
CA VAL E 491 -12.06 45.60 30.58
C VAL E 491 -10.61 46.03 30.42
N ALA E 492 -9.80 45.20 29.79
CA ALA E 492 -8.38 45.42 29.68
C ALA E 492 -8.01 46.52 28.71
N LEU E 493 -8.91 46.91 27.83
CA LEU E 493 -8.69 48.08 26.99
C LEU E 493 -9.25 49.35 27.61
N VAL E 494 -10.33 49.25 28.38
CA VAL E 494 -10.97 50.43 28.92
C VAL E 494 -10.28 50.91 30.18
N LEU E 495 -10.07 50.02 31.14
CA LEU E 495 -9.59 50.44 32.45
C LEU E 495 -8.27 51.21 32.43
N PRO E 496 -7.23 50.80 31.70
CA PRO E 496 -6.01 51.62 31.68
C PRO E 496 -6.23 53.03 31.15
N PHE E 497 -7.35 53.28 30.49
CA PHE E 497 -7.72 54.63 30.09
C PHE E 497 -8.57 55.34 31.12
N CYS E 498 -9.27 54.59 31.97
CA CYS E 498 -10.09 55.15 33.04
C CYS E 498 -9.22 55.28 34.29
N GLU E 499 -8.51 56.39 34.39
CA GLU E 499 -7.63 56.62 35.53
C GLU E 499 -8.41 56.63 36.83
N SER E 500 -9.54 57.35 36.84
CA SER E 500 -10.36 57.43 38.04
C SER E 500 -11.84 57.21 37.77
N SER E 501 -12.32 57.46 36.55
CA SER E 501 -13.74 57.33 36.28
C SER E 501 -14.21 55.90 36.45
N CYS E 502 -13.44 54.94 35.94
CA CYS E 502 -13.82 53.53 35.93
C CYS E 502 -13.10 52.82 37.08
N HIS E 503 -13.89 52.32 38.02
CA HIS E 503 -13.40 51.49 39.12
C HIS E 503 -14.02 50.11 38.98
N MET E 504 -13.19 49.10 38.89
CA MET E 504 -13.67 47.76 38.58
C MET E 504 -13.85 46.96 39.86
N PRO E 505 -15.04 46.45 40.15
CA PRO E 505 -15.23 45.63 41.35
C PRO E 505 -14.34 44.40 41.33
N THR E 506 -13.86 44.02 42.51
CA THR E 506 -12.94 42.89 42.62
C THR E 506 -13.61 41.60 42.17
N LEU E 507 -14.82 41.34 42.68
CA LEU E 507 -15.53 40.12 42.28
C LEU E 507 -15.75 40.10 40.78
N LEU E 508 -16.13 41.25 40.22
CA LEU E 508 -16.32 41.33 38.78
C LEU E 508 -15.01 41.01 38.08
N GLY E 509 -13.97 41.81 38.32
CA GLY E 509 -12.72 41.62 37.61
C GLY E 509 -12.18 40.21 37.70
N ALA E 510 -12.35 39.55 38.85
CA ALA E 510 -11.93 38.16 38.96
C ALA E 510 -12.81 37.24 38.12
N ILE E 511 -14.12 37.49 38.07
CA ILE E 511 -14.98 36.65 37.24
C ILE E 511 -14.63 36.78 35.78
N ILE E 512 -14.36 38.01 35.32
CA ILE E 512 -13.88 38.22 33.96
C ILE E 512 -12.54 37.55 33.70
N ASN E 513 -11.58 37.67 34.63
CA ASN E 513 -10.32 36.95 34.44
C ASN E 513 -10.55 35.46 34.24
N TRP E 514 -11.34 34.87 35.12
CA TRP E 514 -11.46 33.43 35.08
C TRP E 514 -12.42 32.94 34.02
N LEU E 515 -13.20 33.83 33.40
CA LEU E 515 -13.81 33.50 32.12
C LEU E 515 -12.75 33.41 31.03
N GLY E 516 -11.81 34.36 31.01
CA GLY E 516 -10.72 34.27 30.06
C GLY E 516 -9.94 32.98 30.20
N TYR E 517 -9.74 32.51 31.44
CA TYR E 517 -9.07 31.23 31.66
C TYR E 517 -9.98 30.04 31.37
N SER E 518 -11.26 30.17 31.66
CA SER E 518 -12.19 29.12 31.28
C SER E 518 -12.21 28.93 29.78
N ASN E 519 -11.73 29.91 29.01
CA ASN E 519 -11.57 29.66 27.58
C ASN E 519 -10.58 28.54 27.33
N SER E 520 -9.44 28.53 28.02
CA SER E 520 -8.51 27.42 27.86
C SER E 520 -9.08 26.15 28.43
N LEU E 521 -9.99 26.28 29.39
CA LEU E 521 -10.75 25.10 29.82
C LEU E 521 -11.62 24.56 28.70
N LEU E 522 -12.25 25.44 27.93
CA LEU E 522 -13.34 25.09 27.03
C LEU E 522 -12.91 24.84 25.59
N ASN E 523 -11.72 25.26 25.21
CA ASN E 523 -11.26 25.00 23.85
C ASN E 523 -11.27 23.52 23.48
N PRO E 524 -10.79 22.59 24.31
CA PRO E 524 -10.91 21.17 23.93
C PRO E 524 -12.34 20.72 23.75
N VAL E 525 -13.26 21.23 24.57
CA VAL E 525 -14.64 20.78 24.48
C VAL E 525 -15.23 21.14 23.12
N ILE E 526 -15.00 22.36 22.67
CA ILE E 526 -15.49 22.76 21.34
C ILE E 526 -14.75 21.99 20.27
N TYR E 527 -13.42 21.97 20.34
CA TYR E 527 -12.61 21.56 19.21
C TYR E 527 -12.30 20.07 19.18
N ALA E 528 -12.23 19.42 20.33
CA ALA E 528 -11.94 17.99 20.36
C ALA E 528 -13.12 17.19 20.88
N TYR E 529 -13.59 17.47 22.09
CA TYR E 529 -14.58 16.59 22.71
C TYR E 529 -15.91 16.61 21.97
N PHE E 530 -16.17 17.64 21.18
CA PHE E 530 -17.36 17.66 20.33
C PHE E 530 -17.12 16.99 18.99
N ASN E 531 -15.87 16.73 18.63
CA ASN E 531 -15.56 16.08 17.37
C ASN E 531 -15.89 14.60 17.50
N LYS E 532 -16.70 14.09 16.57
CA LYS E 532 -17.09 12.69 16.62
C LYS E 532 -15.89 11.77 16.44
N ASP E 533 -14.89 12.20 15.68
CA ASP E 533 -13.69 11.40 15.52
C ASP E 533 -12.93 11.25 16.83
N PHE E 534 -12.85 12.34 17.60
CA PHE E 534 -12.23 12.26 18.91
C PHE E 534 -13.03 11.38 19.85
N GLN E 535 -14.36 11.45 19.77
CA GLN E 535 -15.18 10.58 20.60
C GLN E 535 -14.95 9.12 20.26
N ASN E 536 -14.83 8.80 18.97
CA ASN E 536 -14.50 7.43 18.59
C ASN E 536 -13.14 7.02 19.12
N ALA E 537 -12.14 7.90 19.00
CA ALA E 537 -10.81 7.58 19.47
C ALA E 537 -10.80 7.34 20.98
N PHE E 538 -11.58 8.13 21.72
CA PHE E 538 -11.67 7.93 23.17
C PHE E 538 -12.39 6.63 23.50
N LYS E 539 -13.49 6.33 22.81
CA LYS E 539 -14.21 5.09 23.07
C LYS E 539 -13.32 3.89 22.82
N LYS E 540 -12.51 3.93 21.75
CA LYS E 540 -11.63 2.80 21.46
C LYS E 540 -10.53 2.68 22.49
N ILE E 541 -10.35 3.69 23.33
CA ILE E 541 -9.32 3.65 24.38
C ILE E 541 -9.96 3.53 25.75
C1 CLR F . -27.59 27.94 20.13
C2 CLR F . -28.06 27.51 18.75
C3 CLR F . -28.08 28.74 17.83
C4 CLR F . -26.64 29.26 17.69
C5 CLR F . -26.07 29.56 19.04
C6 CLR F . -25.52 30.73 19.25
C7 CLR F . -24.90 31.12 20.54
C8 CLR F . -24.50 29.87 21.31
C9 CLR F . -25.70 28.92 21.44
C10 CLR F . -26.13 28.45 20.06
C11 CLR F . -25.35 27.72 22.33
C12 CLR F . -24.78 28.11 23.68
C13 CLR F . -23.56 29.02 23.48
C14 CLR F . -24.04 30.27 22.71
C15 CLR F . -22.83 31.18 22.80
C16 CLR F . -22.35 30.98 24.24
C17 CLR F . -22.96 29.64 24.74
C18 CLR F . -22.46 28.30 22.70
C19 CLR F . -25.22 27.31 19.58
C20 CLR F . -21.90 28.74 25.41
C21 CLR F . -22.55 27.89 26.50
C22 CLR F . -20.74 29.57 25.97
C23 CLR F . -20.09 28.80 27.11
C24 CLR F . -19.50 29.78 28.11
C25 CLR F . -19.19 29.04 29.42
C26 CLR F . -20.39 28.20 29.85
C27 CLR F . -18.86 30.06 30.50
O1 CLR F . -28.56 28.32 16.59
C1 CLR G . -14.43 35.40 41.75
C2 CLR G . -13.82 36.10 42.96
C3 CLR G . -14.36 35.48 44.22
C4 CLR G . -13.84 34.05 44.26
C5 CLR G . -14.34 33.30 43.08
C6 CLR G . -14.89 32.12 43.28
C7 CLR G . -15.67 31.44 42.23
C8 CLR G . -15.03 31.71 40.88
C9 CLR G . -14.92 33.22 40.63
C10 CLR G . -14.07 33.90 41.72
C11 CLR G . -14.31 33.48 39.26
C12 CLR G . -15.12 32.84 38.15
C13 CLR G . -15.25 31.33 38.41
C14 CLR G . -15.92 31.13 39.79
C15 CLR G . -16.16 29.63 39.80
C16 CLR G . -16.61 29.33 38.36
C17 CLR G . -16.24 30.58 37.51
C18 CLR G . -13.87 30.62 38.40
C19 CLR G . -12.57 33.74 41.40
C20 CLR G . -15.65 30.21 36.13
C21 CLR G . -15.99 31.29 35.10
C22 CLR G . -16.15 28.83 35.67
C23 CLR G . -17.26 28.99 34.62
C24 CLR G . -17.88 27.64 34.32
C25 CLR G . -16.89 26.74 33.59
C26 CLR G . -17.43 25.33 33.55
C27 CLR G . -16.69 27.24 32.16
O1 CLR G . -13.85 36.20 45.28
C1 T7M H . -21.19 19.52 16.56
O1 T7M H . -22.33 18.78 17.02
P1 T7M H . -22.43 17.87 18.43
C2 T7M H . -20.52 20.38 17.66
O2 T7M H . -21.50 21.28 18.13
C3 T7M H . -19.39 21.19 17.02
O3 T7M H . -18.84 22.03 18.00
C4 T7M H . -18.23 20.23 16.56
O4 T7M H . -17.26 20.97 16.02
P4 T7M H . -15.52 20.43 16.15
C5 T7M H . -18.84 19.33 15.42
O5 T7M H . -17.86 18.35 15.11
C6 T7M H . -20.17 18.56 15.80
O6 T7M H . -19.93 17.40 16.56
C7 T7M H . -22.37 19.19 20.73
C8 T7M H . -23.34 18.83 21.86
C9 T7M H . -23.03 17.43 22.44
C10 T7M H . -24.12 20.83 22.88
C11 T7M H . -21.40 15.75 22.18
O11 T7M H . -21.07 17.56 18.96
C12 T7M H . -23.82 21.95 23.84
O12 T7M H . -23.54 16.88 18.37
O13 T7M H . -23.03 19.03 19.55
O16 T7M H . -23.25 19.79 22.92
O17 T7M H . -25.09 20.84 22.13
O18 T7M H . -21.68 17.08 22.17
O19 T7M H . -20.50 15.35 22.91
C31 T7M H . -22.23 14.90 21.26
O41 T7M H . -15.26 19.88 14.77
O42 T7M H . -14.90 21.76 16.49
O43 T7M H . -15.56 19.44 17.28
C1 A1ESE I . -3.94 39.16 34.77
C10 A1ESE I . -2.91 41.60 26.87
C11 A1ESE I . -2.76 40.63 25.91
C12 A1ESE I . -2.97 39.30 26.20
C13 A1ESE I . -3.88 39.53 29.89
C14 A1ESE I . -5.60 37.47 32.08
C15 A1ESE I . -6.44 36.54 31.25
C16 A1ESE I . -7.77 36.28 31.91
C2 A1ESE I . -4.18 39.51 33.32
C3 A1ESE I . -3.42 38.60 32.38
C4 A1ESE I . -4.23 38.08 30.11
C5 A1ESE I . -3.35 37.17 29.26
C6 A1ESE I . -3.57 37.46 27.80
C7 A1ESE I . -3.35 38.91 27.49
C8 A1ESE I . -3.49 39.88 28.48
C9 A1ESE I . -3.27 41.22 28.16
N1 A1ESE I . -4.25 37.73 31.54
O1 A1ESE I . -3.43 42.16 29.13
#